data_5ISE
#
_entry.id   5ISE
#
_cell.length_a   74.740
_cell.length_b   98.296
_cell.length_c   206.234
_cell.angle_alpha   90.00
_cell.angle_beta   90.00
_cell.angle_gamma   90.00
#
_symmetry.space_group_name_H-M   'P 21 21 2'
#
loop_
_entity.id
_entity.type
_entity.pdbx_description
1 polymer 'Histone-arginine methyltransferase CARM1'
2 non-polymer "5'-{[(3S)-3-amino-3-carboxypropyl](3-carbamimidamidopropyl)amino}-5'-deoxyadenosine"
3 non-polymer 1,2-ETHANEDIOL
4 non-polymer 'TRIETHYLENE GLYCOL'
5 non-polymer 1,2-DIMETHOXYETHANE
6 non-polymer DI(HYDROXYETHYL)ETHER
7 non-polymer 3,6,9,12,15,18,21-HEPTAOXATRICOSANE-1,23-DIOL
8 water water
#
_entity_poly.entity_id   1
_entity_poly.type   'polypeptide(L)'
_entity_poly.pdbx_seq_one_letter_code
;GHMGHTLERSVFSERTEESSAVQYFQFYGYLSQQQNMMQDYVRTGTYQRAILQNHTDFKDKIVLDVGCGSGILSFFAAQA
GARKIYAVEASTMAQHAEVLVKSNNLTDRIVVIPGKVEEVSLPEQVDIIISEPMGYMLFNERMLESYLHAKKYLKPSGNM
FPTIGDVHLAPFTDEQLYMEQFTKANFWYQPSFHGVDLSALRGAAVDEYFRQPVVDTFDIRILMAKSVKYTVNFLEAKEG
DLHRIEIPFKFHMLHSGLVHGLAFWFDVAFIGSIMTVWLSTAPTEPLTHWYQVRCLFQSPLFAKAGDTLSGTCLLIANKR
QSYDISIVAQVDQTGSKSSNLLDLKNPFFRYTGTTPSPPPG
;
_entity_poly.pdbx_strand_id   A,B,C,D
#
loop_
_chem_comp.id
_chem_comp.type
_chem_comp.name
_chem_comp.formula
6D2 non-polymer 5'-{[(3S)-3-amino-3-carboxypropyl](3-carbamimidamidopropyl)amino}-5'-deoxyadenosine 'C18 H30 N10 O5'
DXE non-polymer 1,2-DIMETHOXYETHANE 'C4 H10 O2'
EDO non-polymer 1,2-ETHANEDIOL 'C2 H6 O2'
PE8 non-polymer 3,6,9,12,15,18,21-HEPTAOXATRICOSANE-1,23-DIOL 'C16 H34 O9'
PEG non-polymer DI(HYDROXYETHYL)ETHER 'C4 H10 O3'
PGE non-polymer 'TRIETHYLENE GLYCOL' 'C6 H14 O4'
#
# COMPACT_ATOMS: atom_id res chain seq x y z
N SER A 10 -7.90 24.32 -38.51
CA SER A 10 -8.36 25.03 -37.32
C SER A 10 -7.37 26.10 -36.85
N VAL A 11 -7.84 27.00 -35.97
CA VAL A 11 -6.97 28.05 -35.44
C VAL A 11 -5.84 27.36 -34.68
N PHE A 12 -6.17 26.24 -34.03
CA PHE A 12 -5.18 25.50 -33.29
C PHE A 12 -4.14 24.89 -34.23
N SER A 13 -4.55 24.14 -35.24
CA SER A 13 -3.55 23.45 -36.07
C SER A 13 -2.68 24.46 -36.79
N GLU A 14 -3.23 25.62 -37.09
CA GLU A 14 -2.48 26.67 -37.80
C GLU A 14 -1.32 27.31 -37.02
N ARG A 15 -1.40 27.33 -35.70
CA ARG A 15 -0.38 27.96 -34.85
C ARG A 15 0.52 26.96 -34.11
N THR A 16 0.30 25.67 -34.36
CA THR A 16 0.93 24.59 -33.64
C THR A 16 1.48 23.53 -34.60
N GLU A 17 2.79 23.26 -34.55
CA GLU A 17 3.34 22.13 -35.26
C GLU A 17 2.77 20.83 -34.72
N GLU A 18 2.45 19.89 -35.61
CA GLU A 18 1.81 18.63 -35.19
C GLU A 18 2.62 17.87 -34.13
N SER A 19 3.93 17.79 -34.36
CA SER A 19 4.85 17.15 -33.42
C SER A 19 4.76 17.70 -32.01
N SER A 20 4.65 19.02 -31.87
CA SER A 20 4.47 19.62 -30.55
C SER A 20 3.09 19.24 -29.94
N ALA A 21 2.05 19.31 -30.76
CA ALA A 21 0.68 19.02 -30.31
C ALA A 21 0.54 17.59 -29.81
N VAL A 22 1.11 16.63 -30.57
CA VAL A 22 1.06 15.23 -30.18
C VAL A 22 1.65 15.01 -28.77
N GLN A 23 2.86 15.51 -28.58
CA GLN A 23 3.55 15.40 -27.29
C GLN A 23 2.78 16.08 -26.15
N TYR A 24 2.27 17.27 -26.47
CA TYR A 24 1.51 18.03 -25.51
C TYR A 24 0.28 17.25 -25.04
N PHE A 25 -0.52 16.72 -25.96
CA PHE A 25 -1.71 16.05 -25.51
C PHE A 25 -1.42 14.63 -24.96
N GLN A 26 -0.36 13.99 -25.41
CA GLN A 26 0.06 12.76 -24.75
C GLN A 26 0.40 13.03 -23.30
N PHE A 27 1.13 14.12 -23.04
CA PHE A 27 1.46 14.49 -21.66
C PHE A 27 0.22 14.60 -20.76
N TYR A 28 -0.81 15.28 -21.24
CA TYR A 28 -1.99 15.51 -20.41
C TYR A 28 -2.92 14.31 -20.42
N GLY A 29 -2.59 13.32 -21.24
CA GLY A 29 -3.32 12.06 -21.22
C GLY A 29 -2.99 11.14 -20.03
N TYR A 30 -1.95 11.42 -19.28
CA TYR A 30 -1.59 10.56 -18.15
C TYR A 30 -2.37 10.94 -16.92
N LEU A 31 -2.95 9.96 -16.25
CA LEU A 31 -3.61 10.23 -15.00
C LEU A 31 -2.61 10.80 -13.97
N SER A 32 -1.34 10.36 -14.02
CA SER A 32 -0.36 10.86 -13.05
C SER A 32 -0.11 12.37 -13.18
N GLN A 33 -0.20 12.93 -14.39
CA GLN A 33 0.01 14.36 -14.60
C GLN A 33 -1.20 15.14 -14.08
N GLN A 34 -2.38 14.58 -14.32
CA GLN A 34 -3.62 15.18 -13.86
C GLN A 34 -3.54 15.18 -12.34
N GLN A 35 -3.09 14.06 -11.79
CA GLN A 35 -2.95 13.91 -10.37
C GLN A 35 -1.96 14.93 -9.77
N ASN A 36 -0.84 15.14 -10.47
CA ASN A 36 0.15 16.14 -10.03
C ASN A 36 -0.47 17.53 -9.94
N MET A 37 -1.26 17.91 -10.97
CA MET A 37 -1.96 19.20 -10.89
C MET A 37 -3.03 19.24 -9.79
N MET A 38 -3.80 18.16 -9.67
CA MET A 38 -4.89 18.07 -8.69
C MET A 38 -4.35 18.18 -7.25
N GLN A 39 -3.17 17.63 -7.01
CA GLN A 39 -2.55 17.65 -5.68
C GLN A 39 -1.81 18.96 -5.36
N ASP A 40 -1.74 19.88 -6.32
CA ASP A 40 -1.26 21.22 -6.02
C ASP A 40 -2.43 21.86 -5.29
N TYR A 41 -2.36 21.90 -3.97
CA TYR A 41 -3.49 22.32 -3.16
C TYR A 41 -3.80 23.82 -3.32
N VAL A 42 -2.77 24.65 -3.45
CA VAL A 42 -2.99 26.07 -3.66
C VAL A 42 -3.83 26.27 -4.92
N ARG A 43 -3.42 25.58 -5.97
CA ARG A 43 -4.15 25.66 -7.24
C ARG A 43 -5.59 25.14 -7.14
N THR A 44 -5.72 23.88 -6.74
CA THR A 44 -7.01 23.23 -6.79
C THR A 44 -7.96 23.84 -5.78
N GLY A 45 -7.44 24.05 -4.58
CA GLY A 45 -8.24 24.66 -3.53
C GLY A 45 -8.64 26.08 -3.86
N THR A 46 -7.75 26.87 -4.48
CA THR A 46 -8.15 28.25 -4.80
C THR A 46 -9.21 28.26 -5.91
N TYR A 47 -9.08 27.41 -6.95
CA TYR A 47 -10.15 27.35 -7.92
C TYR A 47 -11.49 26.97 -7.26
N GLN A 48 -11.47 25.95 -6.39
CA GLN A 48 -12.73 25.57 -5.75
C GLN A 48 -13.32 26.73 -4.94
N ARG A 49 -12.47 27.39 -4.14
CA ARG A 49 -12.96 28.55 -3.40
C ARG A 49 -13.46 29.67 -4.31
N ALA A 50 -12.76 30.00 -5.39
CA ALA A 50 -13.19 31.09 -6.26
C ALA A 50 -14.59 30.77 -6.80
N ILE A 51 -14.80 29.52 -7.18
CA ILE A 51 -16.07 29.15 -7.75
C ILE A 51 -17.19 29.07 -6.67
N LEU A 52 -16.94 28.41 -5.54
CA LEU A 52 -17.97 28.24 -4.53
C LEU A 52 -18.31 29.54 -3.83
N GLN A 53 -17.33 30.39 -3.56
CA GLN A 53 -17.64 31.64 -2.87
C GLN A 53 -18.33 32.67 -3.78
N ASN A 54 -18.28 32.44 -5.08
CA ASN A 54 -19.03 33.21 -6.08
C ASN A 54 -20.17 32.43 -6.70
N HIS A 55 -20.97 31.77 -5.86
CA HIS A 55 -22.01 30.84 -6.32
C HIS A 55 -23.08 31.51 -7.18
N THR A 56 -23.29 32.80 -7.02
CA THR A 56 -24.25 33.49 -7.86
C THR A 56 -23.76 33.63 -9.30
N ASP A 57 -22.46 33.49 -9.56
CA ASP A 57 -21.95 33.47 -10.94
C ASP A 57 -22.16 32.08 -11.58
N PHE A 58 -22.60 31.11 -10.78
CA PHE A 58 -22.75 29.72 -11.26
C PHE A 58 -24.15 29.11 -11.13
N LYS A 59 -24.88 29.51 -10.10
CA LYS A 59 -26.14 28.87 -9.81
C LYS A 59 -27.13 28.96 -11.02
N ASP A 60 -27.54 27.79 -11.51
CA ASP A 60 -28.42 27.64 -12.68
C ASP A 60 -27.89 28.31 -13.95
N LYS A 61 -26.57 28.48 -14.05
CA LYS A 61 -25.93 29.07 -15.23
C LYS A 61 -25.38 27.99 -16.19
N ILE A 62 -25.09 28.41 -17.41
CA ILE A 62 -24.45 27.58 -18.41
C ILE A 62 -22.95 27.92 -18.41
N VAL A 63 -22.11 26.88 -18.32
CA VAL A 63 -20.65 26.98 -18.09
C VAL A 63 -19.90 26.27 -19.17
N LEU A 64 -18.76 26.83 -19.56
CA LEU A 64 -17.80 26.12 -20.41
C LEU A 64 -16.50 25.94 -19.66
N ASP A 65 -16.02 24.70 -19.63
CA ASP A 65 -14.73 24.36 -19.01
C ASP A 65 -13.70 24.09 -20.11
N VAL A 66 -12.77 25.00 -20.32
CA VAL A 66 -11.85 24.83 -21.47
C VAL A 66 -10.64 24.00 -21.04
N GLY A 67 -10.51 22.80 -21.60
CA GLY A 67 -9.43 21.91 -21.22
C GLY A 67 -9.70 21.28 -19.85
N CYS A 68 -10.72 20.46 -19.74
CA CYS A 68 -11.24 20.09 -18.41
C CYS A 68 -10.39 19.04 -17.67
N GLY A 69 -9.49 18.37 -18.40
CA GLY A 69 -8.67 17.33 -17.82
C GLY A 69 -9.56 16.27 -17.20
N SER A 70 -9.33 15.99 -15.92
CA SER A 70 -10.11 15.02 -15.16
C SER A 70 -11.55 15.41 -14.99
N GLY A 71 -11.81 16.70 -15.16
CA GLY A 71 -13.13 17.23 -15.01
C GLY A 71 -13.28 18.00 -13.71
N ILE A 72 -12.21 18.08 -12.92
CA ILE A 72 -12.31 18.65 -11.57
C ILE A 72 -12.99 20.06 -11.47
N LEU A 73 -12.64 21.00 -12.37
CA LEU A 73 -13.24 22.34 -12.29
C LEU A 73 -14.72 22.31 -12.62
N SER A 74 -15.09 21.39 -13.52
CA SER A 74 -16.48 21.24 -13.89
C SER A 74 -17.27 20.71 -12.73
N PHE A 75 -16.69 19.81 -11.96
CA PHE A 75 -17.35 19.36 -10.74
C PHE A 75 -17.47 20.49 -9.75
N PHE A 76 -16.47 21.34 -9.66
CA PHE A 76 -16.66 22.52 -8.78
C PHE A 76 -17.82 23.39 -9.28
N ALA A 77 -17.91 23.63 -10.59
CA ALA A 77 -19.03 24.41 -11.13
C ALA A 77 -20.36 23.74 -10.78
N ALA A 78 -20.40 22.41 -10.85
CA ALA A 78 -21.62 21.69 -10.43
C ALA A 78 -21.88 21.82 -8.92
N GLN A 79 -20.84 21.78 -8.11
CA GLN A 79 -21.03 21.99 -6.67
C GLN A 79 -21.65 23.36 -6.45
N ALA A 80 -21.31 24.35 -7.27
CA ALA A 80 -21.86 25.68 -7.11
C ALA A 80 -23.24 25.86 -7.69
N GLY A 81 -23.82 24.81 -8.25
CA GLY A 81 -25.21 24.86 -8.70
C GLY A 81 -25.43 25.10 -10.19
N ALA A 82 -24.38 24.99 -10.99
CA ALA A 82 -24.51 25.24 -12.45
C ALA A 82 -25.56 24.36 -13.10
N ARG A 83 -26.29 24.91 -14.06
CA ARG A 83 -27.35 24.14 -14.71
C ARG A 83 -26.75 23.15 -15.71
N LYS A 84 -25.73 23.60 -16.42
CA LYS A 84 -25.11 22.85 -17.50
C LYS A 84 -23.68 23.28 -17.71
N ILE A 85 -22.78 22.30 -17.78
CA ILE A 85 -21.36 22.54 -17.96
C ILE A 85 -20.91 21.72 -19.15
N TYR A 86 -20.31 22.40 -20.10
CA TYR A 86 -19.68 21.77 -21.24
C TYR A 86 -18.20 21.71 -20.95
N ALA A 87 -17.69 20.49 -20.82
CA ALA A 87 -16.31 20.24 -20.46
C ALA A 87 -15.56 19.71 -21.66
N VAL A 88 -14.74 20.58 -22.24
CA VAL A 88 -14.06 20.27 -23.48
C VAL A 88 -12.62 19.82 -23.21
N GLU A 89 -12.20 18.73 -23.82
CA GLU A 89 -10.83 18.21 -23.54
C GLU A 89 -10.26 17.46 -24.72
N ALA A 90 -9.05 17.85 -25.16
CA ALA A 90 -8.51 17.32 -26.41
C ALA A 90 -7.67 16.03 -26.25
N SER A 91 -7.13 15.76 -25.06
CA SER A 91 -6.32 14.57 -24.84
C SER A 91 -7.24 13.37 -24.59
N THR A 92 -6.67 12.18 -24.47
CA THR A 92 -7.47 11.00 -24.13
C THR A 92 -8.00 11.04 -22.70
N MET A 93 -7.56 12.01 -21.90
CA MET A 93 -8.14 12.22 -20.56
C MET A 93 -9.68 12.45 -20.63
N ALA A 94 -10.17 12.91 -21.78
CA ALA A 94 -11.63 13.10 -21.97
C ALA A 94 -12.42 11.83 -21.63
N GLN A 95 -11.85 10.69 -21.97
CA GLN A 95 -12.52 9.41 -21.72
C GLN A 95 -12.59 9.17 -20.20
N HIS A 96 -11.59 9.63 -19.46
CA HIS A 96 -11.59 9.35 -18.04
C HIS A 96 -12.56 10.34 -17.37
N ALA A 97 -12.60 11.57 -17.88
CA ALA A 97 -13.52 12.56 -17.37
C ALA A 97 -14.96 12.05 -17.51
N GLU A 98 -15.27 11.45 -18.66
CA GLU A 98 -16.59 10.94 -18.95
C GLU A 98 -16.93 9.84 -17.95
N VAL A 99 -15.94 9.00 -17.63
CA VAL A 99 -16.12 7.97 -16.61
C VAL A 99 -16.47 8.61 -15.27
N LEU A 100 -15.81 9.69 -14.89
CA LEU A 100 -16.13 10.35 -13.61
C LEU A 100 -17.50 11.05 -13.59
N VAL A 101 -17.92 11.66 -14.69
CA VAL A 101 -19.24 12.34 -14.71
C VAL A 101 -20.34 11.31 -14.46
N LYS A 102 -20.19 10.14 -15.06
CA LYS A 102 -21.15 9.07 -14.85
C LYS A 102 -21.09 8.53 -13.42
N SER A 103 -19.89 8.26 -12.92
CA SER A 103 -19.82 7.66 -11.59
C SER A 103 -20.23 8.68 -10.51
N ASN A 104 -20.14 9.97 -10.81
CA ASN A 104 -20.60 10.97 -9.87
C ASN A 104 -22.06 11.42 -10.09
N ASN A 105 -22.78 10.64 -10.88
CA ASN A 105 -24.19 10.90 -11.19
C ASN A 105 -24.46 12.31 -11.70
N LEU A 106 -23.61 12.82 -12.58
CA LEU A 106 -23.79 14.16 -13.09
C LEU A 106 -23.99 14.24 -14.64
N THR A 107 -24.45 13.18 -15.27
CA THR A 107 -24.62 13.21 -16.72
C THR A 107 -25.68 14.22 -17.16
N ASP A 108 -26.61 14.53 -16.28
CA ASP A 108 -27.65 15.51 -16.58
C ASP A 108 -27.12 16.95 -16.58
N ARG A 109 -25.91 17.17 -16.08
CA ARG A 109 -25.41 18.55 -15.88
C ARG A 109 -24.05 18.78 -16.54
N ILE A 110 -23.25 17.73 -16.67
CA ILE A 110 -21.94 17.85 -17.30
C ILE A 110 -21.87 17.04 -18.58
N VAL A 111 -21.52 17.72 -19.66
CA VAL A 111 -21.36 17.12 -20.98
C VAL A 111 -19.90 17.21 -21.40
N VAL A 112 -19.23 16.07 -21.45
CA VAL A 112 -17.85 16.02 -21.90
C VAL A 112 -17.83 15.98 -23.44
N ILE A 113 -17.08 16.93 -24.00
CA ILE A 113 -16.91 17.07 -25.43
C ILE A 113 -15.41 16.85 -25.77
N PRO A 114 -15.08 15.65 -26.31
CA PRO A 114 -13.69 15.34 -26.64
C PRO A 114 -13.27 16.17 -27.85
N GLY A 115 -12.11 16.79 -27.81
CA GLY A 115 -11.65 17.59 -28.92
C GLY A 115 -11.06 18.92 -28.49
N LYS A 116 -10.51 19.63 -29.47
CA LYS A 116 -9.93 20.94 -29.23
C LYS A 116 -11.04 21.98 -29.24
N VAL A 117 -10.95 22.95 -28.34
CA VAL A 117 -12.01 23.92 -28.22
C VAL A 117 -12.09 24.73 -29.54
N GLU A 118 -11.00 24.78 -30.31
CA GLU A 118 -10.98 25.47 -31.59
C GLU A 118 -11.71 24.69 -32.67
N GLU A 119 -12.07 23.44 -32.38
CA GLU A 119 -12.57 22.53 -33.42
C GLU A 119 -13.95 21.93 -33.10
N VAL A 120 -14.31 21.83 -31.83
CA VAL A 120 -15.58 21.23 -31.46
C VAL A 120 -16.67 22.26 -31.66
N SER A 121 -17.92 21.81 -31.63
CA SER A 121 -19.08 22.70 -31.62
C SER A 121 -19.81 22.60 -30.28
N LEU A 122 -20.18 23.73 -29.71
CA LEU A 122 -21.06 23.72 -28.54
C LEU A 122 -22.48 23.97 -29.01
N PRO A 123 -23.47 23.37 -28.32
CA PRO A 123 -24.87 23.48 -28.73
C PRO A 123 -25.53 24.83 -28.40
N GLU A 124 -24.95 25.61 -27.48
CA GLU A 124 -25.50 26.90 -27.04
C GLU A 124 -24.40 27.77 -26.48
N GLN A 125 -24.69 29.06 -26.34
CA GLN A 125 -23.78 30.00 -25.70
C GLN A 125 -23.79 29.80 -24.16
N VAL A 126 -22.72 30.26 -23.51
CA VAL A 126 -22.54 30.05 -22.08
C VAL A 126 -22.46 31.40 -21.34
N ASP A 127 -22.73 31.34 -20.04
CA ASP A 127 -22.67 32.51 -19.15
C ASP A 127 -21.26 32.82 -18.63
N ILE A 128 -20.45 31.78 -18.56
CA ILE A 128 -19.15 31.89 -17.94
C ILE A 128 -18.26 30.80 -18.48
N ILE A 129 -17.01 31.18 -18.71
CA ILE A 129 -15.96 30.23 -19.06
C ILE A 129 -15.01 30.07 -17.87
N ILE A 130 -14.72 28.82 -17.50
CA ILE A 130 -13.71 28.48 -16.52
C ILE A 130 -12.59 27.68 -17.20
N SER A 131 -11.38 27.88 -16.72
CA SER A 131 -10.24 27.20 -17.29
C SER A 131 -9.04 27.35 -16.38
N GLU A 132 -8.07 26.46 -16.54
CA GLU A 132 -6.77 26.67 -15.94
C GLU A 132 -5.75 26.54 -17.08
N PRO A 133 -5.53 27.64 -17.78
CA PRO A 133 -4.66 27.69 -18.96
C PRO A 133 -3.25 28.26 -18.71
N MET A 134 -2.86 28.46 -17.46
CA MET A 134 -1.61 29.12 -17.14
C MET A 134 -0.44 28.16 -17.24
N GLY A 135 0.61 28.57 -17.89
CA GLY A 135 1.86 27.81 -17.85
C GLY A 135 2.93 28.58 -17.10
N TYR A 136 4.16 28.06 -17.11
CA TYR A 136 5.29 28.82 -16.61
C TYR A 136 5.31 30.23 -17.18
N MET A 137 5.67 31.20 -16.35
CA MET A 137 5.72 32.60 -16.81
C MET A 137 4.38 33.05 -17.35
N LEU A 138 3.32 32.39 -16.89
CA LEU A 138 1.94 32.56 -17.34
C LEU A 138 1.67 32.01 -18.73
N PHE A 139 2.49 32.42 -19.71
CA PHE A 139 2.15 32.24 -21.12
C PHE A 139 2.61 30.92 -21.77
N ASN A 140 3.53 30.20 -21.14
CA ASN A 140 4.01 28.94 -21.71
C ASN A 140 2.85 27.99 -21.96
N GLU A 141 2.95 27.20 -23.06
CA GLU A 141 1.94 26.27 -23.58
C GLU A 141 0.91 26.91 -24.52
N ARG A 142 0.83 28.21 -24.49
CA ARG A 142 -0.08 29.00 -25.35
C ARG A 142 -1.54 28.60 -25.15
N MET A 143 -1.87 28.03 -23.99
CA MET A 143 -3.23 27.66 -23.75
C MET A 143 -4.11 28.88 -23.46
N LEU A 144 -3.52 30.00 -23.07
CA LEU A 144 -4.34 31.20 -22.93
C LEU A 144 -5.06 31.59 -24.24
N GLU A 145 -4.44 31.32 -25.38
CA GLU A 145 -5.09 31.61 -26.65
C GLU A 145 -6.32 30.73 -26.86
N SER A 146 -6.29 29.49 -26.38
CA SER A 146 -7.47 28.60 -26.47
C SER A 146 -8.61 29.13 -25.59
N TYR A 147 -8.23 29.56 -24.40
CA TYR A 147 -9.14 30.18 -23.46
C TYR A 147 -9.80 31.44 -24.06
N LEU A 148 -9.00 32.31 -24.68
CA LEU A 148 -9.52 33.50 -25.33
C LEU A 148 -10.36 33.13 -26.54
N HIS A 149 -9.92 32.12 -27.26
CA HIS A 149 -10.62 31.67 -28.44
C HIS A 149 -12.04 31.23 -28.08
N ALA A 150 -12.14 30.58 -26.93
CA ALA A 150 -13.44 30.08 -26.47
C ALA A 150 -14.49 31.14 -26.25
N LYS A 151 -14.10 32.40 -26.24
CA LYS A 151 -15.06 33.49 -26.00
C LYS A 151 -16.04 33.60 -27.14
N LYS A 152 -15.80 32.90 -28.24
CA LYS A 152 -16.84 32.85 -29.28
C LYS A 152 -18.17 32.24 -28.78
N TYR A 153 -18.09 31.49 -27.68
CA TYR A 153 -19.23 30.85 -27.07
C TYR A 153 -19.77 31.62 -25.87
N LEU A 154 -19.15 32.74 -25.53
CA LEU A 154 -19.53 33.48 -24.33
C LEU A 154 -20.61 34.50 -24.66
N LYS A 155 -21.67 34.53 -23.88
CA LYS A 155 -22.67 35.59 -24.04
C LYS A 155 -22.10 36.97 -23.79
N PRO A 156 -22.72 37.99 -24.39
CA PRO A 156 -22.31 39.34 -24.03
C PRO A 156 -22.45 39.51 -22.52
N SER A 157 -21.49 40.18 -21.91
CA SER A 157 -21.47 40.33 -20.46
C SER A 157 -21.39 38.98 -19.74
N GLY A 158 -20.94 37.93 -20.45
CA GLY A 158 -20.60 36.69 -19.77
C GLY A 158 -19.30 36.94 -19.01
N ASN A 159 -18.89 36.00 -18.16
CA ASN A 159 -17.71 36.19 -17.36
C ASN A 159 -16.63 35.14 -17.63
N MET A 160 -15.43 35.42 -17.14
CA MET A 160 -14.27 34.55 -17.32
C MET A 160 -13.62 34.33 -15.97
N PHE A 161 -13.37 33.07 -15.65
CA PHE A 161 -12.72 32.62 -14.39
C PHE A 161 -11.52 31.73 -14.75
N PRO A 162 -10.30 32.29 -14.67
CA PRO A 162 -9.92 33.61 -14.18
C PRO A 162 -10.25 34.77 -15.10
N THR A 163 -10.29 35.95 -14.50
CA THR A 163 -10.69 37.14 -15.22
C THR A 163 -9.52 37.93 -15.74
N ILE A 164 -8.49 37.99 -14.93
CA ILE A 164 -7.28 38.66 -15.34
C ILE A 164 -6.08 37.86 -14.92
N GLY A 165 -5.00 38.14 -15.61
CA GLY A 165 -3.69 37.56 -15.31
C GLY A 165 -2.65 38.66 -15.24
N ASP A 166 -1.86 38.64 -14.18
CA ASP A 166 -0.80 39.58 -13.95
C ASP A 166 0.53 38.85 -14.00
N VAL A 167 1.41 39.19 -14.93
CA VAL A 167 2.81 38.72 -14.87
C VAL A 167 3.68 39.74 -14.21
N HIS A 168 4.48 39.30 -13.24
CA HIS A 168 5.41 40.16 -12.54
C HIS A 168 6.84 39.81 -12.97
N LEU A 169 7.63 40.86 -13.14
CA LEU A 169 9.05 40.78 -13.48
C LEU A 169 9.85 41.60 -12.48
N ALA A 170 10.98 41.10 -12.01
CA ALA A 170 11.84 41.90 -11.15
C ALA A 170 13.32 41.48 -11.29
N PRO A 171 14.25 42.44 -11.18
CA PRO A 171 15.67 42.06 -11.26
C PRO A 171 16.15 41.32 -10.02
N PHE A 172 17.04 40.37 -10.23
CA PHE A 172 17.58 39.62 -9.12
C PHE A 172 19.11 39.50 -9.17
N THR A 173 19.70 39.25 -8.01
CA THR A 173 21.09 38.89 -7.92
C THR A 173 21.24 37.48 -7.39
N ASP A 174 21.99 36.65 -8.10
CA ASP A 174 22.28 35.28 -7.68
C ASP A 174 23.58 34.81 -8.29
N GLU A 175 24.67 35.16 -7.62
CA GLU A 175 26.02 34.88 -8.11
C GLU A 175 26.24 33.40 -8.37
N GLN A 176 25.71 32.56 -7.50
CA GLN A 176 25.90 31.12 -7.59
C GLN A 176 25.15 30.51 -8.80
N LEU A 177 23.94 31.01 -9.07
CA LEU A 177 23.17 30.55 -10.22
C LEU A 177 23.89 30.90 -11.50
N TYR A 178 24.36 32.15 -11.54
CA TYR A 178 25.10 32.64 -12.68
C TYR A 178 26.38 31.79 -12.89
N MET A 179 27.16 31.58 -11.83
N MET A 179 27.18 31.58 -11.84
CA MET A 179 28.45 30.89 -11.97
CA MET A 179 28.45 30.83 -11.97
C MET A 179 28.28 29.39 -12.35
C MET A 179 28.21 29.42 -12.46
N GLU A 180 27.19 28.79 -11.89
CA GLU A 180 26.80 27.43 -12.26
C GLU A 180 26.79 27.15 -13.78
N GLN A 181 26.36 28.12 -14.58
CA GLN A 181 26.30 27.93 -16.03
C GLN A 181 27.72 27.68 -16.60
N PHE A 182 28.68 28.46 -16.15
CA PHE A 182 30.07 28.27 -16.58
C PHE A 182 30.64 26.99 -16.01
N THR A 183 30.30 26.71 -14.76
CA THR A 183 30.83 25.47 -14.21
C THR A 183 30.39 24.29 -15.08
N LYS A 184 29.13 24.29 -15.48
CA LYS A 184 28.66 23.26 -16.39
C LYS A 184 29.28 23.32 -17.78
N ALA A 185 29.31 24.50 -18.39
CA ALA A 185 29.81 24.59 -19.74
C ALA A 185 31.30 24.28 -19.82
N ASN A 186 32.02 24.54 -18.75
CA ASN A 186 33.48 24.34 -18.80
C ASN A 186 33.88 22.89 -18.84
N PHE A 187 32.91 21.98 -18.73
CA PHE A 187 33.20 20.59 -19.10
C PHE A 187 33.86 20.54 -20.49
N TRP A 188 33.40 21.38 -21.40
CA TRP A 188 33.93 21.35 -22.76
C TRP A 188 35.31 22.04 -22.88
N TYR A 189 35.71 22.77 -21.84
CA TYR A 189 36.97 23.51 -21.92
C TYR A 189 38.13 22.63 -21.41
N GLN A 190 38.37 21.57 -22.16
CA GLN A 190 39.48 20.67 -21.85
C GLN A 190 40.09 20.18 -23.14
N PRO A 191 41.43 20.13 -23.19
CA PRO A 191 42.15 19.82 -24.43
C PRO A 191 42.35 18.36 -24.69
N SER A 192 42.04 17.48 -23.73
CA SER A 192 42.24 16.06 -23.95
C SER A 192 41.26 15.22 -23.15
N PHE A 193 40.00 15.34 -23.52
CA PHE A 193 38.97 14.41 -23.01
C PHE A 193 39.14 13.08 -23.75
N HIS A 194 39.72 12.08 -23.09
CA HIS A 194 40.04 10.81 -23.74
C HIS A 194 40.75 11.06 -25.09
N GLY A 195 41.64 12.03 -25.11
CA GLY A 195 42.41 12.36 -26.28
C GLY A 195 41.77 13.40 -27.22
N VAL A 196 40.57 13.89 -26.89
CA VAL A 196 39.88 14.82 -27.75
C VAL A 196 39.84 16.21 -27.13
N ASP A 197 40.19 17.21 -27.94
CA ASP A 197 40.09 18.61 -27.53
C ASP A 197 38.69 19.11 -27.75
N LEU A 198 37.99 19.32 -26.66
CA LEU A 198 36.58 19.68 -26.70
C LEU A 198 36.33 21.17 -26.72
N SER A 199 37.40 21.93 -26.57
CA SER A 199 37.30 23.33 -26.20
C SER A 199 36.55 24.22 -27.19
N ALA A 200 36.54 23.85 -28.46
CA ALA A 200 35.89 24.66 -29.45
C ALA A 200 34.37 24.75 -29.26
N LEU A 201 33.78 23.83 -28.47
CA LEU A 201 32.34 23.85 -28.25
C LEU A 201 31.99 24.55 -26.93
N ARG A 202 32.99 25.07 -26.22
CA ARG A 202 32.65 25.69 -24.94
C ARG A 202 31.67 26.84 -25.11
N GLY A 203 31.90 27.71 -26.09
CA GLY A 203 30.99 28.83 -26.32
C GLY A 203 29.57 28.39 -26.64
N ALA A 204 29.43 27.35 -27.45
CA ALA A 204 28.10 26.90 -27.81
C ALA A 204 27.40 26.32 -26.55
N ALA A 205 28.17 25.68 -25.67
CA ALA A 205 27.57 25.11 -24.47
C ALA A 205 27.07 26.20 -23.50
N VAL A 206 27.88 27.24 -23.34
CA VAL A 206 27.50 28.40 -22.54
C VAL A 206 26.21 29.00 -23.12
N ASP A 207 26.17 29.20 -24.43
CA ASP A 207 24.98 29.79 -25.06
C ASP A 207 23.72 28.96 -24.81
N GLU A 208 23.86 27.65 -24.96
CA GLU A 208 22.76 26.74 -24.73
C GLU A 208 22.27 26.84 -23.29
N TYR A 209 23.16 26.87 -22.31
CA TYR A 209 22.69 26.92 -20.93
C TYR A 209 21.95 28.24 -20.66
N PHE A 210 22.46 29.35 -21.21
CA PHE A 210 21.86 30.65 -20.92
C PHE A 210 20.51 30.85 -21.67
N ARG A 211 20.25 30.07 -22.72
CA ARG A 211 18.97 30.15 -23.43
C ARG A 211 17.85 29.47 -22.66
N GLN A 212 18.16 28.78 -21.58
CA GLN A 212 17.13 28.07 -20.83
C GLN A 212 16.61 28.90 -19.64
N PRO A 213 15.34 29.26 -19.60
CA PRO A 213 14.83 29.85 -18.35
C PRO A 213 14.92 28.85 -17.20
N VAL A 214 15.23 29.31 -15.98
CA VAL A 214 15.41 28.47 -14.82
C VAL A 214 14.17 28.41 -13.99
N VAL A 215 13.63 27.19 -13.87
CA VAL A 215 12.43 26.98 -13.09
C VAL A 215 12.86 26.51 -11.74
N ASP A 216 12.67 27.35 -10.74
CA ASP A 216 12.77 26.92 -9.34
C ASP A 216 12.33 28.07 -8.49
N THR A 217 12.55 27.98 -7.19
CA THR A 217 12.11 29.06 -6.31
C THR A 217 13.36 29.67 -5.71
N PHE A 218 13.18 30.71 -4.92
CA PHE A 218 14.30 31.44 -4.35
C PHE A 218 13.82 32.28 -3.19
N ASP A 219 14.79 32.70 -2.38
CA ASP A 219 14.56 33.65 -1.29
C ASP A 219 14.21 35.03 -1.82
N ILE A 220 13.19 35.70 -1.27
CA ILE A 220 12.81 37.01 -1.81
C ILE A 220 13.90 38.08 -1.66
N ARG A 221 14.91 37.82 -0.84
CA ARG A 221 15.95 38.81 -0.63
C ARG A 221 16.90 38.90 -1.80
N ILE A 222 16.82 37.99 -2.77
CA ILE A 222 17.61 38.15 -3.99
C ILE A 222 17.04 39.21 -4.96
N LEU A 223 15.82 39.68 -4.71
CA LEU A 223 15.16 40.63 -5.58
C LEU A 223 15.68 42.05 -5.28
N MET A 224 15.97 42.81 -6.33
N MET A 224 16.01 42.79 -6.34
CA MET A 224 16.70 44.07 -6.17
CA MET A 224 16.71 44.08 -6.23
C MET A 224 15.83 45.32 -6.39
C MET A 224 15.84 45.32 -6.50
N ALA A 225 14.57 45.11 -6.74
CA ALA A 225 13.63 46.23 -7.01
C ALA A 225 12.21 45.67 -6.99
N LYS A 226 11.24 46.55 -6.75
CA LYS A 226 9.84 46.18 -6.82
C LYS A 226 9.47 45.69 -8.22
N SER A 227 8.63 44.68 -8.27
CA SER A 227 8.28 44.14 -9.54
C SER A 227 7.51 45.11 -10.41
N VAL A 228 7.65 44.91 -11.70
CA VAL A 228 6.81 45.52 -12.70
C VAL A 228 5.77 44.47 -13.13
N LYS A 229 4.56 44.96 -13.36
CA LYS A 229 3.37 44.15 -13.64
C LYS A 229 2.86 44.35 -15.05
N TYR A 230 2.63 43.26 -15.78
CA TYR A 230 1.97 43.29 -17.08
C TYR A 230 0.65 42.52 -16.98
N THR A 231 -0.45 43.16 -17.34
CA THR A 231 -1.78 42.61 -17.10
C THR A 231 -2.47 42.23 -18.41
N VAL A 232 -3.00 41.03 -18.41
CA VAL A 232 -3.91 40.57 -19.45
C VAL A 232 -5.31 40.50 -18.86
N ASN A 233 -6.22 41.29 -19.41
CA ASN A 233 -7.62 41.22 -19.07
C ASN A 233 -8.31 40.23 -20.00
N PHE A 234 -8.68 39.06 -19.49
CA PHE A 234 -9.21 37.97 -20.32
C PHE A 234 -10.58 38.30 -20.89
N LEU A 235 -11.29 39.24 -20.28
CA LEU A 235 -12.58 39.65 -20.79
C LEU A 235 -12.42 40.46 -22.07
N GLU A 236 -11.29 41.15 -22.18
CA GLU A 236 -11.07 42.10 -23.28
C GLU A 236 -10.09 41.60 -24.33
N ALA A 237 -9.13 40.78 -23.92
CA ALA A 237 -8.06 40.41 -24.83
C ALA A 237 -8.55 39.51 -25.97
N LYS A 238 -7.85 39.61 -27.08
CA LYS A 238 -8.05 38.74 -28.24
C LYS A 238 -6.83 37.83 -28.30
N GLU A 239 -7.03 36.65 -28.89
CA GLU A 239 -5.99 35.66 -29.14
C GLU A 239 -4.71 36.26 -29.70
N GLY A 240 -4.93 37.06 -30.74
CA GLY A 240 -3.84 37.71 -31.44
C GLY A 240 -3.00 38.60 -30.56
N ASP A 241 -3.59 39.10 -29.47
CA ASP A 241 -2.85 39.94 -28.54
C ASP A 241 -1.71 39.14 -27.90
N LEU A 242 -1.82 37.82 -27.91
CA LEU A 242 -0.80 37.04 -27.20
C LEU A 242 0.33 36.53 -28.12
N HIS A 243 0.30 36.92 -29.40
CA HIS A 243 1.35 36.46 -30.34
C HIS A 243 2.64 37.26 -30.17
N ARG A 244 2.50 38.51 -29.75
CA ARG A 244 3.63 39.39 -29.50
C ARG A 244 3.40 40.15 -28.22
N ILE A 245 4.16 39.84 -27.18
CA ILE A 245 3.90 40.48 -25.90
C ILE A 245 5.10 41.34 -25.55
N GLU A 246 4.89 42.66 -25.53
CA GLU A 246 5.98 43.57 -25.23
C GLU A 246 5.82 44.15 -23.82
N ILE A 247 6.77 43.86 -22.96
CA ILE A 247 6.72 44.30 -21.56
C ILE A 247 7.86 45.29 -21.27
N PRO A 248 7.55 46.59 -21.37
CA PRO A 248 8.58 47.56 -21.02
C PRO A 248 8.80 47.54 -19.49
N PHE A 249 9.99 47.93 -19.04
CA PHE A 249 10.22 48.05 -17.60
C PHE A 249 11.20 49.15 -17.28
N LYS A 250 10.96 49.72 -16.11
CA LYS A 250 11.87 50.67 -15.50
C LYS A 250 11.91 50.28 -14.03
N PHE A 251 13.02 49.67 -13.60
CA PHE A 251 13.17 49.26 -12.24
C PHE A 251 13.93 50.34 -11.48
N HIS A 252 13.43 50.70 -10.30
CA HIS A 252 14.12 51.62 -9.42
C HIS A 252 14.79 50.78 -8.30
N MET A 253 16.10 50.67 -8.42
CA MET A 253 16.86 49.72 -7.63
C MET A 253 16.84 50.06 -6.16
N LEU A 254 16.42 49.10 -5.36
CA LEU A 254 16.34 49.26 -3.93
C LEU A 254 17.61 48.84 -3.24
N HIS A 255 18.41 48.03 -3.93
CA HIS A 255 19.68 47.56 -3.37
C HIS A 255 20.76 47.72 -4.41
N SER A 256 21.99 47.94 -3.94
CA SER A 256 23.15 48.01 -4.77
C SER A 256 23.70 46.62 -5.01
N GLY A 257 24.17 46.36 -6.22
CA GLY A 257 24.81 45.08 -6.52
C GLY A 257 24.77 44.72 -7.99
N LEU A 258 25.18 43.48 -8.28
CA LEU A 258 25.12 42.93 -9.61
C LEU A 258 23.77 42.27 -9.95
N VAL A 259 23.16 42.69 -11.05
CA VAL A 259 21.90 42.11 -11.55
C VAL A 259 22.22 41.00 -12.53
N HIS A 260 21.81 39.79 -12.19
CA HIS A 260 22.13 38.63 -13.02
C HIS A 260 21.00 38.26 -13.96
N GLY A 261 19.84 38.87 -13.77
CA GLY A 261 18.72 38.58 -14.63
C GLY A 261 17.38 39.07 -14.09
N LEU A 262 16.33 38.56 -14.72
CA LEU A 262 14.95 38.90 -14.35
C LEU A 262 14.23 37.67 -13.87
N ALA A 263 13.52 37.83 -12.75
CA ALA A 263 12.67 36.81 -12.19
C ALA A 263 11.21 37.10 -12.55
N PHE A 264 10.47 36.02 -12.81
CA PHE A 264 9.09 36.06 -13.26
C PHE A 264 8.21 35.22 -12.39
N TRP A 265 7.03 35.75 -12.12
CA TRP A 265 5.95 35.00 -11.52
C TRP A 265 4.60 35.60 -11.98
N PHE A 266 3.51 34.99 -11.57
CA PHE A 266 2.22 35.52 -12.02
C PHE A 266 1.11 35.29 -11.02
N ASP A 267 0.10 36.15 -11.11
CA ASP A 267 -1.12 36.04 -10.32
C ASP A 267 -2.32 35.96 -11.27
N VAL A 268 -3.38 35.26 -10.89
CA VAL A 268 -4.62 35.46 -11.60
C VAL A 268 -5.70 35.82 -10.60
N ALA A 269 -6.72 36.53 -11.08
CA ALA A 269 -7.84 36.91 -10.23
C ALA A 269 -9.16 36.43 -10.82
N PHE A 270 -10.01 35.87 -9.97
CA PHE A 270 -11.37 35.47 -10.29
C PHE A 270 -12.26 36.58 -9.75
N ILE A 271 -12.71 37.44 -10.64
CA ILE A 271 -13.46 38.62 -10.23
C ILE A 271 -14.96 38.28 -10.33
N GLY A 272 -15.53 37.77 -9.23
CA GLY A 272 -16.91 37.32 -9.21
C GLY A 272 -17.87 38.38 -8.69
N SER A 273 -19.17 38.09 -8.70
CA SER A 273 -20.13 39.10 -8.24
C SER A 273 -20.08 39.32 -6.73
N ILE A 274 -19.65 38.30 -6.00
CA ILE A 274 -19.59 38.38 -4.54
C ILE A 274 -18.21 38.85 -4.11
N MET A 275 -17.18 38.30 -4.73
CA MET A 275 -15.84 38.69 -4.34
C MET A 275 -14.82 38.32 -5.36
N THR A 276 -13.68 38.97 -5.23
CA THR A 276 -12.53 38.66 -6.06
C THR A 276 -11.62 37.74 -5.31
N VAL A 277 -11.23 36.65 -5.94
CA VAL A 277 -10.29 35.69 -5.32
C VAL A 277 -9.04 35.61 -6.16
N TRP A 278 -7.88 35.66 -5.50
CA TRP A 278 -6.56 35.64 -6.16
C TRP A 278 -5.86 34.31 -5.99
N LEU A 279 -5.20 33.86 -7.06
CA LEU A 279 -4.27 32.73 -7.05
C LEU A 279 -2.92 33.31 -7.44
N SER A 280 -1.94 33.25 -6.53
CA SER A 280 -0.62 33.87 -6.71
C SER A 280 0.49 32.83 -6.69
N THR A 281 1.46 32.96 -7.60
CA THR A 281 2.64 32.09 -7.61
C THR A 281 3.89 32.88 -7.25
N ALA A 282 3.67 34.00 -6.57
CA ALA A 282 4.75 34.87 -6.10
C ALA A 282 5.68 34.20 -5.10
N PRO A 283 6.98 34.62 -5.06
CA PRO A 283 7.95 34.01 -4.14
C PRO A 283 7.69 34.34 -2.67
N THR A 284 6.78 35.27 -2.45
CA THR A 284 6.26 35.53 -1.10
C THR A 284 5.11 34.60 -0.67
N GLU A 285 4.62 33.75 -1.59
CA GLU A 285 3.50 32.87 -1.29
C GLU A 285 3.95 31.43 -1.29
N PRO A 286 3.16 30.55 -0.67
CA PRO A 286 3.48 29.12 -0.72
C PRO A 286 3.69 28.65 -2.15
N LEU A 287 4.58 27.71 -2.29
CA LEU A 287 4.96 27.18 -3.57
C LEU A 287 3.81 26.42 -4.29
N THR A 288 3.78 26.61 -5.60
CA THR A 288 2.91 25.86 -6.50
C THR A 288 3.76 25.10 -7.49
N HIS A 289 3.13 24.30 -8.32
N HIS A 289 3.14 24.29 -8.34
CA HIS A 289 3.85 23.52 -9.34
CA HIS A 289 3.89 23.53 -9.33
C HIS A 289 4.36 24.43 -10.47
C HIS A 289 4.40 24.44 -10.45
N TRP A 290 4.00 25.70 -10.42
CA TRP A 290 4.58 26.66 -11.36
C TRP A 290 5.93 27.21 -10.87
N TYR A 291 6.27 27.01 -9.60
CA TYR A 291 7.50 27.60 -9.01
C TYR A 291 7.59 29.09 -9.39
N GLN A 292 8.80 29.54 -9.73
CA GLN A 292 9.01 30.82 -10.37
C GLN A 292 9.99 30.59 -11.51
N VAL A 293 10.18 31.60 -12.36
CA VAL A 293 11.08 31.44 -13.51
C VAL A 293 12.13 32.57 -13.54
N ARG A 294 13.39 32.22 -13.75
CA ARG A 294 14.41 33.23 -13.89
C ARG A 294 15.10 33.15 -15.25
N CYS A 295 15.24 34.30 -15.87
CA CYS A 295 15.99 34.44 -17.10
C CYS A 295 17.27 35.20 -16.80
N LEU A 296 18.41 34.57 -17.00
CA LEU A 296 19.72 35.18 -16.78
C LEU A 296 20.09 36.11 -17.88
N PHE A 297 20.85 37.14 -17.52
CA PHE A 297 21.57 37.97 -18.47
C PHE A 297 22.91 37.30 -18.81
N GLN A 298 23.39 37.42 -20.04
CA GLN A 298 24.67 36.83 -20.43
C GLN A 298 25.81 37.57 -19.68
N SER A 299 25.58 38.86 -19.46
CA SER A 299 26.49 39.70 -18.74
C SER A 299 25.67 40.38 -17.66
N PRO A 300 26.10 40.24 -16.42
CA PRO A 300 25.40 40.91 -15.35
C PRO A 300 25.62 42.40 -15.39
N LEU A 301 24.71 43.13 -14.77
CA LEU A 301 24.77 44.59 -14.76
C LEU A 301 24.95 45.15 -13.36
N PHE A 302 25.92 46.03 -13.17
CA PHE A 302 26.09 46.65 -11.86
C PHE A 302 25.13 47.81 -11.72
N ALA A 303 24.41 47.87 -10.60
CA ALA A 303 23.55 49.00 -10.33
C ALA A 303 23.64 49.38 -8.87
N LYS A 304 23.51 50.67 -8.61
CA LYS A 304 23.43 51.19 -7.27
C LYS A 304 22.00 51.38 -6.87
N ALA A 305 21.75 51.31 -5.56
CA ALA A 305 20.44 51.65 -5.04
C ALA A 305 20.14 53.06 -5.56
N GLY A 306 18.95 53.26 -6.10
CA GLY A 306 18.60 54.55 -6.66
C GLY A 306 18.79 54.66 -8.16
N ASP A 307 19.66 53.82 -8.74
CA ASP A 307 19.79 53.76 -10.20
C ASP A 307 18.49 53.21 -10.80
N THR A 308 18.31 53.40 -12.10
CA THR A 308 17.18 52.81 -12.79
C THR A 308 17.67 51.83 -13.87
N LEU A 309 17.01 50.67 -13.92
CA LEU A 309 17.30 49.65 -14.90
C LEU A 309 16.14 49.58 -15.84
N SER A 310 16.37 49.95 -17.09
CA SER A 310 15.26 50.05 -18.02
C SER A 310 15.45 49.17 -19.23
N GLY A 311 14.33 48.73 -19.80
CA GLY A 311 14.40 47.94 -21.01
C GLY A 311 13.08 47.26 -21.33
N THR A 312 13.18 46.15 -22.06
CA THR A 312 11.99 45.46 -22.54
C THR A 312 12.22 43.97 -22.53
N CYS A 313 11.14 43.28 -22.18
CA CYS A 313 11.02 41.87 -22.30
C CYS A 313 9.99 41.63 -23.41
N LEU A 314 10.43 41.07 -24.52
CA LEU A 314 9.57 40.81 -25.69
C LEU A 314 9.38 39.29 -25.82
N LEU A 315 8.14 38.84 -25.71
CA LEU A 315 7.78 37.43 -25.85
C LEU A 315 7.13 37.20 -27.24
N ILE A 316 7.74 36.37 -28.07
CA ILE A 316 7.25 36.12 -29.44
C ILE A 316 6.80 34.69 -29.49
N ALA A 317 5.51 34.48 -29.76
CA ALA A 317 4.95 33.12 -29.78
C ALA A 317 5.54 32.30 -30.93
N ASN A 318 5.78 31.00 -30.69
CA ASN A 318 6.28 30.12 -31.75
C ASN A 318 5.34 28.89 -31.89
N LYS A 319 5.55 28.09 -32.91
CA LYS A 319 4.63 27.01 -33.18
C LYS A 319 4.90 25.73 -32.35
N ARG A 320 5.78 25.84 -31.38
CA ARG A 320 6.01 24.78 -30.41
C ARG A 320 5.27 25.07 -29.11
N GLN A 321 4.17 25.82 -29.19
CA GLN A 321 3.30 26.12 -28.05
C GLN A 321 4.07 26.84 -26.93
N SER A 322 4.98 27.71 -27.34
CA SER A 322 5.73 28.48 -26.39
C SER A 322 6.19 29.85 -26.97
N TYR A 323 7.21 30.42 -26.37
CA TYR A 323 7.65 31.77 -26.73
C TYR A 323 9.17 31.82 -26.84
N ASP A 324 9.63 32.64 -27.78
CA ASP A 324 11.02 33.08 -27.82
C ASP A 324 11.03 34.36 -26.99
N ILE A 325 11.93 34.41 -26.03
CA ILE A 325 11.99 35.51 -25.08
C ILE A 325 13.18 36.36 -25.46
N SER A 326 12.99 37.66 -25.64
CA SER A 326 14.10 38.59 -25.81
C SER A 326 14.07 39.60 -24.68
N ILE A 327 15.17 39.68 -23.92
CA ILE A 327 15.28 40.64 -22.84
C ILE A 327 16.47 41.56 -23.11
N VAL A 328 16.19 42.84 -23.14
CA VAL A 328 17.23 43.84 -23.25
C VAL A 328 17.09 44.80 -22.08
N ALA A 329 18.22 45.08 -21.44
CA ALA A 329 18.22 45.92 -20.26
C ALA A 329 19.42 46.81 -20.23
N GLN A 330 19.23 48.02 -19.70
CA GLN A 330 20.38 48.89 -19.46
C GLN A 330 20.23 49.66 -18.14
N VAL A 331 21.35 49.92 -17.51
CA VAL A 331 21.42 50.80 -16.35
C VAL A 331 21.50 52.23 -16.87
N ASP A 332 20.44 53.02 -16.66
CA ASP A 332 20.40 54.34 -17.29
C ASP A 332 21.55 55.26 -16.85
N GLN A 333 21.96 55.18 -15.59
CA GLN A 333 23.01 56.07 -15.11
C GLN A 333 24.37 55.74 -15.70
N THR A 334 24.59 54.53 -16.22
CA THR A 334 25.94 54.19 -16.69
C THR A 334 26.01 53.80 -18.18
N GLY A 335 24.87 53.50 -18.76
CA GLY A 335 24.80 53.04 -20.13
C GLY A 335 25.19 51.59 -20.36
N SER A 336 25.51 50.91 -19.26
CA SER A 336 25.85 49.50 -19.31
C SER A 336 24.63 48.66 -19.70
N LYS A 337 24.82 47.78 -20.68
CA LYS A 337 23.73 47.10 -21.37
C LYS A 337 23.90 45.61 -21.40
N SER A 338 22.79 44.90 -21.31
CA SER A 338 22.80 43.47 -21.52
C SER A 338 21.59 42.97 -22.28
N SER A 339 21.81 41.85 -22.97
CA SER A 339 20.78 41.14 -23.76
C SER A 339 20.64 39.69 -23.32
N ASN A 340 19.52 39.05 -23.70
CA ASN A 340 19.53 37.59 -23.77
C ASN A 340 18.35 37.19 -24.59
N LEU A 341 18.52 36.04 -25.23
CA LEU A 341 17.50 35.36 -26.00
C LEU A 341 17.29 34.05 -25.32
N LEU A 342 16.07 33.73 -24.96
CA LEU A 342 15.76 32.47 -24.31
C LEU A 342 14.64 31.72 -25.02
N ASP A 343 14.64 30.40 -24.83
CA ASP A 343 13.63 29.45 -25.34
C ASP A 343 12.78 28.92 -24.20
N LEU A 344 11.59 29.46 -24.05
CA LEU A 344 10.74 29.06 -22.96
C LEU A 344 10.27 27.61 -23.10
N LYS A 345 10.40 27.00 -24.27
CA LYS A 345 9.93 25.63 -24.46
C LYS A 345 10.85 24.65 -23.77
N ASN A 346 12.10 25.04 -23.57
CA ASN A 346 13.11 24.16 -23.00
C ASN A 346 13.69 24.68 -21.66
N PRO A 347 12.87 24.78 -20.62
CA PRO A 347 13.41 25.35 -19.39
C PRO A 347 14.27 24.37 -18.64
N PHE A 348 15.11 24.89 -17.75
CA PHE A 348 15.93 24.03 -16.93
C PHE A 348 15.22 23.91 -15.58
N PHE A 349 14.78 22.70 -15.26
CA PHE A 349 14.13 22.48 -13.98
C PHE A 349 15.20 22.25 -12.93
N ARG A 350 15.45 23.28 -12.13
CA ARG A 350 16.54 23.29 -11.16
C ARG A 350 16.09 22.91 -9.75
N TYR A 351 14.81 23.08 -9.46
CA TYR A 351 14.27 22.85 -8.12
C TYR A 351 14.63 21.49 -7.53
N THR A 352 15.01 21.52 -6.26
CA THR A 352 15.36 20.34 -5.50
C THR A 352 14.61 20.36 -4.17
N SER B 10 11.64 6.13 -46.58
CA SER B 10 12.80 5.53 -45.90
C SER B 10 12.33 4.49 -44.91
N VAL B 11 13.21 3.55 -44.59
CA VAL B 11 12.88 2.52 -43.61
C VAL B 11 12.62 3.19 -42.26
N PHE B 12 13.34 4.27 -41.98
CA PHE B 12 13.19 4.95 -40.70
C PHE B 12 11.81 5.57 -40.58
N SER B 13 11.40 6.36 -41.56
CA SER B 13 10.13 7.06 -41.46
C SER B 13 8.92 6.10 -41.48
N GLU B 14 9.05 4.98 -42.19
CA GLU B 14 7.98 3.99 -42.27
C GLU B 14 7.70 3.33 -40.90
N ARG B 15 8.71 3.27 -40.03
CA ARG B 15 8.52 2.61 -38.73
C ARG B 15 8.39 3.61 -37.57
N THR B 16 8.46 4.89 -37.89
CA THR B 16 8.55 5.95 -36.87
C THR B 16 7.51 7.04 -37.11
N GLU B 17 6.66 7.30 -36.13
CA GLU B 17 5.78 8.48 -36.18
C GLU B 17 6.64 9.75 -36.18
N GLU B 18 6.28 10.72 -37.02
CA GLU B 18 7.02 11.95 -37.15
C GLU B 18 7.16 12.68 -35.80
N SER B 19 6.08 12.74 -35.04
CA SER B 19 6.08 13.35 -33.69
C SER B 19 7.15 12.80 -32.78
N SER B 20 7.29 11.48 -32.77
CA SER B 20 8.31 10.81 -31.98
C SER B 20 9.69 11.16 -32.47
N ALA B 21 9.88 11.11 -33.79
CA ALA B 21 11.21 11.38 -34.37
C ALA B 21 11.73 12.82 -34.11
N VAL B 22 10.84 13.79 -34.29
CA VAL B 22 11.19 15.20 -34.06
C VAL B 22 11.71 15.39 -32.63
N GLN B 23 10.92 14.92 -31.66
CA GLN B 23 11.30 15.00 -30.28
C GLN B 23 12.62 14.24 -30.03
N TYR B 24 12.73 13.06 -30.62
CA TYR B 24 13.89 12.23 -30.41
C TYR B 24 15.15 12.96 -30.82
N PHE B 25 15.18 13.51 -32.04
CA PHE B 25 16.39 14.17 -32.52
C PHE B 25 16.56 15.56 -31.91
N GLN B 26 15.46 16.20 -31.50
CA GLN B 26 15.63 17.45 -30.72
C GLN B 26 16.39 17.17 -29.44
N PHE B 27 15.99 16.12 -28.72
CA PHE B 27 16.69 15.73 -27.48
C PHE B 27 18.20 15.55 -27.65
N TYR B 28 18.61 14.87 -28.71
CA TYR B 28 20.04 14.58 -28.91
C TYR B 28 20.82 15.73 -29.53
N GLY B 29 20.13 16.79 -29.94
CA GLY B 29 20.81 17.98 -30.40
C GLY B 29 21.39 18.86 -29.30
N TYR B 30 21.09 18.58 -28.04
CA TYR B 30 21.60 19.42 -26.95
C TYR B 30 22.96 19.00 -26.46
N LEU B 31 23.87 19.95 -26.32
CA LEU B 31 25.18 19.66 -25.78
C LEU B 31 25.13 19.14 -24.32
N SER B 32 24.17 19.60 -23.52
CA SER B 32 24.05 19.10 -22.13
C SER B 32 23.80 17.60 -22.06
N GLN B 33 23.06 17.10 -23.03
CA GLN B 33 22.82 15.66 -23.05
C GLN B 33 24.11 14.89 -23.46
N GLN B 34 24.84 15.44 -24.42
CA GLN B 34 26.12 14.86 -24.78
C GLN B 34 27.06 14.85 -23.59
N GLN B 35 27.08 15.94 -22.85
CA GLN B 35 27.93 16.01 -21.71
C GLN B 35 27.56 14.92 -20.70
N ASN B 36 26.28 14.76 -20.43
CA ASN B 36 25.86 13.67 -19.54
C ASN B 36 26.33 12.29 -20.00
N MET B 37 26.18 12.00 -21.29
CA MET B 37 26.67 10.71 -21.76
C MET B 37 28.17 10.55 -21.68
N MET B 38 28.86 11.60 -22.05
CA MET B 38 30.29 11.55 -22.13
C MET B 38 30.86 11.36 -20.76
N GLN B 39 30.16 11.90 -19.77
CA GLN B 39 30.69 11.81 -18.42
C GLN B 39 30.38 10.46 -17.78
N ASP B 40 29.69 9.57 -18.47
CA ASP B 40 29.60 8.18 -18.00
C ASP B 40 30.95 7.56 -18.31
N TYR B 41 31.83 7.51 -17.34
CA TYR B 41 33.22 7.10 -17.59
C TYR B 41 33.37 5.59 -17.93
N VAL B 42 32.53 4.75 -17.33
CA VAL B 42 32.50 3.32 -17.67
C VAL B 42 32.23 3.15 -19.16
N ARG B 43 31.20 3.84 -19.63
CA ARG B 43 30.82 3.81 -21.02
C ARG B 43 31.95 4.29 -21.96
N THR B 44 32.40 5.51 -21.72
CA THR B 44 33.32 6.17 -22.63
C THR B 44 34.67 5.47 -22.61
N GLY B 45 35.13 5.15 -21.39
CA GLY B 45 36.41 4.48 -21.21
C GLY B 45 36.37 3.07 -21.78
N THR B 46 35.24 2.38 -21.63
CA THR B 46 35.16 1.01 -22.15
C THR B 46 35.14 1.03 -23.67
N TYR B 47 34.40 1.97 -24.26
CA TYR B 47 34.43 2.09 -25.71
C TYR B 47 35.84 2.37 -26.20
N GLN B 48 36.51 3.28 -25.50
CA GLN B 48 37.85 3.62 -25.94
C GLN B 48 38.77 2.41 -25.85
N ARG B 49 38.69 1.66 -24.76
CA ARG B 49 39.52 0.44 -24.66
C ARG B 49 39.23 -0.60 -25.73
N ALA B 50 37.95 -0.85 -25.97
CA ALA B 50 37.56 -1.82 -27.01
C ALA B 50 38.18 -1.43 -28.33
N ILE B 51 38.12 -0.14 -28.65
CA ILE B 51 38.64 0.31 -29.93
C ILE B 51 40.18 0.34 -29.99
N LEU B 52 40.84 0.95 -28.99
CA LEU B 52 42.28 1.09 -29.03
C LEU B 52 42.99 -0.24 -28.81
N GLN B 53 42.44 -1.11 -27.98
CA GLN B 53 43.09 -2.40 -27.76
C GLN B 53 42.88 -3.35 -28.94
N ASN B 54 41.90 -3.04 -29.78
CA ASN B 54 41.74 -3.74 -31.08
C ASN B 54 42.12 -2.83 -32.26
N HIS B 55 43.23 -2.11 -32.12
CA HIS B 55 43.59 -1.10 -33.09
C HIS B 55 43.80 -1.69 -34.49
N THR B 56 44.21 -2.95 -34.57
CA THR B 56 44.40 -3.58 -35.87
C THR B 56 43.08 -3.77 -36.64
N ASP B 57 41.95 -3.74 -35.95
CA ASP B 57 40.66 -3.76 -36.63
C ASP B 57 40.26 -2.42 -37.21
N PHE B 58 41.05 -1.40 -36.93
CA PHE B 58 40.77 -0.04 -37.36
C PHE B 58 41.89 0.51 -38.24
N LYS B 59 43.12 0.08 -37.99
CA LYS B 59 44.28 0.60 -38.70
C LYS B 59 44.15 0.49 -40.22
N ASP B 60 44.23 1.64 -40.88
CA ASP B 60 44.08 1.82 -42.32
C ASP B 60 42.77 1.29 -42.87
N LYS B 61 41.75 1.23 -42.03
CA LYS B 61 40.42 0.76 -42.44
C LYS B 61 39.43 1.89 -42.67
N ILE B 62 38.31 1.55 -43.30
CA ILE B 62 37.16 2.43 -43.48
C ILE B 62 36.09 2.12 -42.41
N VAL B 63 35.60 3.16 -41.75
CA VAL B 63 34.75 3.00 -40.59
C VAL B 63 33.45 3.77 -40.82
N LEU B 64 32.34 3.19 -40.38
CA LEU B 64 31.06 3.92 -40.27
C LEU B 64 30.68 4.03 -38.81
N ASP B 65 30.46 5.25 -38.35
CA ASP B 65 29.99 5.51 -36.98
C ASP B 65 28.49 5.88 -37.06
N VAL B 66 27.63 4.95 -36.62
CA VAL B 66 26.19 5.16 -36.77
C VAL B 66 25.63 5.97 -35.60
N GLY B 67 25.24 7.22 -35.85
CA GLY B 67 24.74 8.09 -34.81
C GLY B 67 25.85 8.63 -33.96
N CYS B 68 26.73 9.41 -34.59
CA CYS B 68 28.04 9.72 -34.00
C CYS B 68 27.94 10.72 -32.91
N GLY B 69 26.83 11.43 -32.82
CA GLY B 69 26.70 12.44 -31.79
C GLY B 69 27.79 13.50 -31.89
N SER B 70 28.49 13.71 -30.78
CA SER B 70 29.62 14.63 -30.64
C SER B 70 30.82 14.19 -31.47
N GLY B 71 30.84 12.90 -31.77
CA GLY B 71 31.87 12.33 -32.62
C GLY B 71 32.87 11.47 -31.89
N ILE B 72 32.68 11.33 -30.58
CA ILE B 72 33.68 10.70 -29.73
C ILE B 72 34.18 9.32 -30.23
N LEU B 73 33.28 8.45 -30.67
CA LEU B 73 33.71 7.13 -31.13
C LEU B 73 34.52 7.23 -32.42
N SER B 74 34.17 8.20 -33.25
CA SER B 74 34.91 8.43 -34.47
C SER B 74 36.32 8.94 -34.14
N PHE B 75 36.45 9.79 -33.12
CA PHE B 75 37.79 10.16 -32.64
C PHE B 75 38.57 8.95 -32.11
N PHE B 76 37.92 8.06 -31.37
CA PHE B 76 38.59 6.83 -30.96
C PHE B 76 39.05 6.00 -32.21
N ALA B 77 38.18 5.88 -33.21
CA ALA B 77 38.57 5.20 -34.43
C ALA B 77 39.76 5.90 -35.10
N ALA B 78 39.79 7.23 -35.10
CA ALA B 78 40.91 7.96 -35.67
C ALA B 78 42.19 7.71 -34.85
N GLN B 79 42.04 7.63 -33.52
CA GLN B 79 43.18 7.31 -32.66
C GLN B 79 43.77 5.92 -32.98
N ALA B 80 42.91 4.97 -33.31
CA ALA B 80 43.34 3.62 -33.63
C ALA B 80 43.91 3.47 -35.03
N GLY B 81 43.95 4.56 -35.79
CA GLY B 81 44.60 4.55 -37.09
C GLY B 81 43.66 4.41 -38.29
N ALA B 82 42.35 4.55 -38.12
CA ALA B 82 41.44 4.37 -39.27
C ALA B 82 41.81 5.31 -40.42
N ARG B 83 41.67 4.82 -41.64
CA ARG B 83 41.98 5.60 -42.82
C ARG B 83 40.90 6.66 -43.08
N LYS B 84 39.64 6.25 -42.91
CA LYS B 84 38.50 7.11 -43.21
C LYS B 84 37.31 6.68 -42.36
N ILE B 85 36.65 7.64 -41.76
CA ILE B 85 35.53 7.40 -40.90
C ILE B 85 34.35 8.25 -41.35
N TYR B 86 33.23 7.58 -41.69
CA TYR B 86 32.02 8.29 -42.04
C TYR B 86 31.17 8.35 -40.77
N ALA B 87 30.93 9.56 -40.32
CA ALA B 87 30.24 9.78 -39.08
C ALA B 87 28.86 10.28 -39.37
N VAL B 88 27.86 9.40 -39.25
CA VAL B 88 26.49 9.75 -39.63
C VAL B 88 25.68 10.18 -38.40
N GLU B 89 24.98 11.31 -38.52
CA GLU B 89 24.22 11.84 -37.41
C GLU B 89 23.05 12.66 -37.89
N ALA B 90 21.85 12.37 -37.37
CA ALA B 90 20.60 12.94 -37.86
C ALA B 90 20.20 14.19 -37.10
N SER B 91 20.71 14.38 -35.87
CA SER B 91 20.36 15.60 -35.11
C SER B 91 21.26 16.76 -35.48
N THR B 92 20.98 17.95 -34.94
CA THR B 92 21.82 19.09 -35.18
C THR B 92 23.19 18.97 -34.47
N MET B 93 23.36 17.96 -33.61
CA MET B 93 24.68 17.68 -33.03
C MET B 93 25.73 17.47 -34.14
N ALA B 94 25.28 17.04 -35.34
CA ALA B 94 26.15 16.84 -36.49
C ALA B 94 27.00 18.09 -36.71
N GLN B 95 26.41 19.26 -36.53
CA GLN B 95 27.14 20.51 -36.74
C GLN B 95 28.23 20.73 -35.64
N HIS B 96 28.00 20.23 -34.44
CA HIS B 96 28.98 20.41 -33.39
C HIS B 96 30.14 19.41 -33.61
N ALA B 97 29.79 18.24 -34.11
CA ALA B 97 30.82 17.24 -34.44
C ALA B 97 31.78 17.80 -35.48
N GLU B 98 31.23 18.50 -36.50
CA GLU B 98 32.06 19.04 -37.56
C GLU B 98 33.04 20.03 -36.98
N VAL B 99 32.54 20.84 -36.05
CA VAL B 99 33.41 21.79 -35.36
C VAL B 99 34.57 21.08 -34.63
N LEU B 100 34.29 20.00 -33.93
CA LEU B 100 35.36 19.28 -33.24
C LEU B 100 36.32 18.61 -34.23
N VAL B 101 35.81 18.12 -35.34
CA VAL B 101 36.68 17.44 -36.33
C VAL B 101 37.72 18.47 -36.86
N LYS B 102 37.25 19.67 -37.20
CA LYS B 102 38.11 20.75 -37.63
C LYS B 102 39.08 21.21 -36.52
N SER B 103 38.60 21.43 -35.30
CA SER B 103 39.50 21.96 -34.26
C SER B 103 40.50 20.90 -33.81
N ASN B 104 40.19 19.62 -34.03
CA ASN B 104 41.14 18.56 -33.73
C ASN B 104 41.98 18.14 -34.98
N ASN B 105 41.94 18.95 -36.02
CA ASN B 105 42.74 18.73 -37.22
C ASN B 105 42.59 17.30 -37.81
N LEU B 106 41.36 16.80 -37.90
CA LEU B 106 41.08 15.47 -38.44
C LEU B 106 40.15 15.51 -39.67
N THR B 107 40.20 16.64 -40.38
CA THR B 107 39.31 16.85 -41.53
C THR B 107 39.60 15.86 -42.66
N ASP B 108 40.83 15.36 -42.73
CA ASP B 108 41.22 14.41 -43.74
C ASP B 108 40.77 12.99 -43.43
N ARG B 109 40.26 12.76 -42.22
CA ARG B 109 39.95 11.41 -41.80
C ARG B 109 38.53 11.21 -41.30
N ILE B 110 37.94 12.20 -40.63
CA ILE B 110 36.57 12.05 -40.16
C ILE B 110 35.66 12.93 -41.01
N VAL B 111 34.70 12.26 -41.65
CA VAL B 111 33.75 12.92 -42.50
C VAL B 111 32.35 12.78 -41.93
N VAL B 112 31.84 13.90 -41.46
CA VAL B 112 30.48 13.95 -40.92
C VAL B 112 29.51 13.98 -42.08
N ILE B 113 28.52 13.09 -42.04
CA ILE B 113 27.45 13.03 -43.02
C ILE B 113 26.12 13.23 -42.28
N PRO B 114 25.54 14.42 -42.36
CA PRO B 114 24.30 14.71 -41.63
C PRO B 114 23.13 13.98 -42.22
N GLY B 115 22.27 13.42 -41.39
CA GLY B 115 21.10 12.71 -41.89
C GLY B 115 20.92 11.39 -41.16
N LYS B 116 19.83 10.73 -41.49
CA LYS B 116 19.51 9.42 -40.96
C LYS B 116 20.31 8.36 -41.72
N VAL B 117 20.83 7.37 -41.01
CA VAL B 117 21.64 6.35 -41.66
C VAL B 117 20.80 5.57 -42.70
N GLU B 118 19.48 5.57 -42.53
CA GLU B 118 18.55 4.90 -43.47
C GLU B 118 18.35 5.71 -44.74
N GLU B 119 18.82 6.95 -44.73
CA GLU B 119 18.49 7.89 -45.80
C GLU B 119 19.71 8.49 -46.49
N VAL B 120 20.85 8.52 -45.82
CA VAL B 120 22.01 9.16 -46.43
C VAL B 120 22.64 8.26 -47.50
N SER B 121 23.52 8.85 -48.29
CA SER B 121 24.32 8.09 -49.23
C SER B 121 25.76 8.05 -48.74
N LEU B 122 26.32 6.85 -48.60
CA LEU B 122 27.74 6.72 -48.23
C LEU B 122 28.55 6.47 -49.46
N PRO B 123 29.80 6.96 -49.50
CA PRO B 123 30.60 6.90 -50.74
C PRO B 123 31.20 5.55 -51.07
N GLU B 124 31.32 4.70 -50.06
CA GLU B 124 31.94 3.39 -50.24
C GLU B 124 31.51 2.47 -49.12
N GLN B 125 31.76 1.18 -49.30
CA GLN B 125 31.48 0.21 -48.27
C GLN B 125 32.55 0.30 -47.18
N VAL B 126 32.22 -0.18 -45.97
CA VAL B 126 33.11 -0.06 -44.82
C VAL B 126 33.56 -1.42 -44.27
N ASP B 127 34.68 -1.41 -43.58
CA ASP B 127 35.24 -2.58 -42.93
C ASP B 127 34.63 -2.88 -41.61
N ILE B 128 34.16 -1.83 -40.95
CA ILE B 128 33.67 -1.96 -39.61
C ILE B 128 32.66 -0.84 -39.28
N ILE B 129 31.63 -1.24 -38.56
CA ILE B 129 30.63 -0.30 -38.06
C ILE B 129 30.77 -0.19 -36.58
N ILE B 130 30.82 1.05 -36.09
CA ILE B 130 30.81 1.33 -34.66
C ILE B 130 29.58 2.19 -34.32
N SER B 131 29.05 1.97 -33.13
CA SER B 131 27.86 2.66 -32.68
C SER B 131 27.66 2.39 -31.19
N GLU B 132 26.83 3.24 -30.62
CA GLU B 132 26.23 3.02 -29.32
C GLU B 132 24.72 3.09 -29.46
N PRO B 133 24.12 1.99 -29.87
CA PRO B 133 22.69 1.94 -30.16
C PRO B 133 21.84 1.42 -29.01
N MET B 134 22.45 1.24 -27.84
CA MET B 134 21.75 0.62 -26.71
C MET B 134 20.92 1.65 -25.94
N GLY B 135 19.66 1.35 -25.68
CA GLY B 135 18.88 2.17 -24.79
C GLY B 135 18.55 1.40 -23.53
N TYR B 136 17.69 1.99 -22.70
CA TYR B 136 17.16 1.27 -21.55
C TYR B 136 16.72 -0.12 -21.95
N MET B 137 17.03 -1.11 -21.12
CA MET B 137 16.64 -2.49 -21.43
C MET B 137 17.19 -2.98 -22.75
N LEU B 138 18.28 -2.37 -23.19
CA LEU B 138 18.97 -2.60 -24.47
C LEU B 138 18.17 -2.07 -25.68
N PHE B 139 16.88 -2.40 -25.79
CA PHE B 139 16.12 -2.15 -27.02
C PHE B 139 15.38 -0.78 -27.09
N ASN B 140 15.24 -0.07 -25.99
CA ASN B 140 14.56 1.23 -26.07
C ASN B 140 15.25 2.13 -27.07
N GLU B 141 14.44 2.92 -27.78
CA GLU B 141 14.83 3.87 -28.85
C GLU B 141 14.89 3.24 -30.25
N ARG B 142 14.93 1.91 -30.33
CA ARG B 142 14.91 1.14 -31.59
C ARG B 142 16.10 1.51 -32.44
N MET B 143 17.16 2.01 -31.80
CA MET B 143 18.33 2.38 -32.56
C MET B 143 19.13 1.13 -33.05
N LEU B 144 18.94 0.00 -32.38
CA LEU B 144 19.57 -1.23 -32.87
C LEU B 144 19.14 -1.55 -34.32
N GLU B 145 17.91 -1.21 -34.68
CA GLU B 145 17.46 -1.47 -36.02
C GLU B 145 18.23 -0.62 -37.03
N SER B 146 18.58 0.61 -36.63
CA SER B 146 19.34 1.50 -37.50
C SER B 146 20.76 0.94 -37.66
N TYR B 147 21.28 0.46 -36.55
CA TYR B 147 22.59 -0.19 -36.51
C TYR B 147 22.65 -1.39 -37.47
N LEU B 148 21.64 -2.24 -37.42
CA LEU B 148 21.58 -3.38 -38.31
C LEU B 148 21.33 -2.97 -39.74
N HIS B 149 20.48 -1.97 -39.90
CA HIS B 149 20.16 -1.44 -41.24
C HIS B 149 21.46 -1.01 -41.92
N ALA B 150 22.36 -0.39 -41.14
CA ALA B 150 23.64 0.07 -41.67
C ALA B 150 24.54 -1.02 -42.24
N LYS B 151 24.21 -2.28 -42.02
CA LYS B 151 25.01 -3.36 -42.56
C LYS B 151 24.94 -3.42 -44.07
N LYS B 152 23.98 -2.72 -44.69
CA LYS B 152 23.97 -2.62 -46.14
C LYS B 152 25.28 -2.00 -46.65
N TYR B 153 26.02 -1.28 -45.78
CA TYR B 153 27.29 -0.68 -46.15
C TYR B 153 28.50 -1.49 -45.71
N LEU B 154 28.28 -2.61 -45.05
CA LEU B 154 29.38 -3.38 -44.49
C LEU B 154 29.95 -4.35 -45.52
N LYS B 155 31.26 -4.37 -45.70
CA LYS B 155 31.86 -5.37 -46.56
C LYS B 155 31.54 -6.76 -46.05
N PRO B 156 31.54 -7.77 -46.94
CA PRO B 156 31.17 -9.14 -46.56
C PRO B 156 31.93 -9.68 -45.34
N SER B 157 33.21 -9.40 -45.25
CA SER B 157 33.92 -9.89 -44.08
C SER B 157 33.98 -8.84 -42.94
N GLY B 158 33.08 -7.85 -42.93
CA GLY B 158 33.16 -6.79 -41.95
C GLY B 158 32.82 -7.10 -40.51
N ASN B 159 33.11 -6.17 -39.61
CA ASN B 159 32.88 -6.38 -38.21
C ASN B 159 31.94 -5.28 -37.67
N MET B 160 31.41 -5.55 -36.49
N MET B 160 31.37 -5.59 -36.50
CA MET B 160 30.54 -4.62 -35.81
CA MET B 160 30.45 -4.70 -35.78
C MET B 160 30.96 -4.51 -34.37
C MET B 160 30.99 -4.52 -34.37
N PHE B 161 31.07 -3.27 -33.91
CA PHE B 161 31.50 -2.92 -32.56
C PHE B 161 30.43 -2.05 -31.95
N PRO B 162 29.58 -2.58 -31.06
CA PRO B 162 29.60 -3.91 -30.46
C PRO B 162 29.15 -5.02 -31.42
N THR B 163 29.58 -6.23 -31.12
CA THR B 163 29.34 -7.38 -31.97
C THR B 163 28.09 -8.16 -31.53
N ILE B 164 27.90 -8.30 -30.22
CA ILE B 164 26.73 -8.97 -29.66
C ILE B 164 26.20 -8.23 -28.47
N GLY B 165 24.94 -8.50 -28.16
CA GLY B 165 24.28 -7.93 -26.98
C GLY B 165 23.54 -9.00 -26.22
N ASP B 166 23.73 -9.01 -24.91
CA ASP B 166 23.12 -9.96 -23.99
C ASP B 166 22.13 -9.18 -23.13
N VAL B 167 20.87 -9.56 -23.18
CA VAL B 167 19.89 -9.09 -22.22
C VAL B 167 19.76 -10.09 -21.10
N HIS B 168 19.81 -9.61 -19.87
CA HIS B 168 19.64 -10.42 -18.69
C HIS B 168 18.34 -10.04 -18.01
N LEU B 169 17.62 -11.06 -17.58
CA LEU B 169 16.43 -10.86 -16.77
C LEU B 169 16.46 -11.82 -15.56
N ALA B 170 16.00 -11.31 -14.42
CA ALA B 170 15.89 -12.10 -13.20
C ALA B 170 14.77 -11.60 -12.32
N PRO B 171 14.10 -12.50 -11.57
CA PRO B 171 13.02 -12.13 -10.67
C PRO B 171 13.56 -11.40 -9.44
N PHE B 172 12.82 -10.42 -8.95
CA PHE B 172 13.25 -9.72 -7.75
C PHE B 172 12.13 -9.58 -6.72
N THR B 173 12.52 -9.29 -5.48
CA THR B 173 11.57 -8.96 -4.41
C THR B 173 11.90 -7.54 -3.92
N ASP B 174 10.89 -6.66 -3.89
CA ASP B 174 11.09 -5.30 -3.38
C ASP B 174 9.74 -4.69 -2.99
N GLU B 175 9.30 -5.02 -1.77
CA GLU B 175 8.01 -4.58 -1.23
C GLU B 175 7.88 -3.07 -1.22
N GLN B 176 8.99 -2.40 -0.91
CA GLN B 176 8.97 -0.95 -0.79
C GLN B 176 8.69 -0.25 -2.13
N LEU B 177 9.31 -0.72 -3.22
CA LEU B 177 9.06 -0.17 -4.56
C LEU B 177 7.61 -0.42 -4.95
N TYR B 178 7.18 -1.63 -4.68
CA TYR B 178 5.81 -2.02 -5.01
C TYR B 178 4.81 -1.09 -4.30
N MET B 179 5.03 -0.91 -3.01
CA MET B 179 4.14 -0.07 -2.23
C MET B 179 4.25 1.39 -2.65
N GLU B 180 5.44 1.82 -3.01
CA GLU B 180 5.65 3.15 -3.52
C GLU B 180 4.77 3.45 -4.74
N GLN B 181 4.79 2.55 -5.73
CA GLN B 181 3.89 2.74 -6.88
C GLN B 181 2.40 2.61 -6.53
N PHE B 182 2.09 1.63 -5.69
CA PHE B 182 0.70 1.40 -5.33
C PHE B 182 0.15 2.64 -4.62
N THR B 183 0.98 3.23 -3.75
CA THR B 183 0.60 4.42 -3.01
C THR B 183 0.24 5.56 -3.98
N LYS B 184 1.04 5.77 -5.01
CA LYS B 184 0.73 6.77 -6.01
C LYS B 184 -0.61 6.47 -6.68
N ALA B 185 -0.84 5.21 -7.03
CA ALA B 185 -2.15 4.88 -7.64
C ALA B 185 -3.33 5.07 -6.68
N ASN B 186 -3.13 4.86 -5.38
CA ASN B 186 -4.26 4.94 -4.45
C ASN B 186 -4.90 6.32 -4.33
N PHE B 187 -4.30 7.37 -4.88
CA PHE B 187 -4.95 8.67 -4.99
C PHE B 187 -6.34 8.55 -5.64
N TRP B 188 -6.41 7.68 -6.66
CA TRP B 188 -7.61 7.51 -7.47
C TRP B 188 -8.67 6.61 -6.83
N TYR B 189 -8.40 6.23 -5.60
CA TYR B 189 -9.28 5.42 -4.76
C TYR B 189 -10.24 6.32 -4.02
N GLN B 190 -9.84 7.57 -3.80
CA GLN B 190 -10.64 8.49 -2.99
C GLN B 190 -12.07 8.68 -3.43
N PRO B 191 -13.02 8.57 -2.48
CA PRO B 191 -14.42 8.77 -2.84
C PRO B 191 -14.81 10.23 -2.77
N SER B 192 -13.95 11.11 -2.25
CA SER B 192 -14.33 12.49 -2.06
C SER B 192 -13.15 13.45 -2.05
N PHE B 193 -12.39 13.44 -3.15
CA PHE B 193 -11.35 14.45 -3.38
C PHE B 193 -12.00 15.79 -3.70
N HIS B 194 -11.91 16.73 -2.76
CA HIS B 194 -12.64 18.01 -2.81
C HIS B 194 -14.13 17.72 -3.14
N GLY B 195 -14.67 16.64 -2.58
CA GLY B 195 -16.07 16.33 -2.82
C GLY B 195 -16.35 15.50 -4.05
N VAL B 196 -15.30 15.08 -4.76
CA VAL B 196 -15.46 14.33 -6.00
C VAL B 196 -15.06 12.91 -5.83
N ASP B 197 -15.89 11.98 -6.28
CA ASP B 197 -15.57 10.55 -6.23
C ASP B 197 -14.70 10.17 -7.42
N LEU B 198 -13.44 9.83 -7.12
CA LEU B 198 -12.46 9.44 -8.13
C LEU B 198 -12.39 7.93 -8.37
N SER B 199 -13.02 7.13 -7.49
CA SER B 199 -12.71 5.72 -7.39
C SER B 199 -12.97 4.92 -8.67
N ALA B 200 -13.88 5.38 -9.53
CA ALA B 200 -14.17 4.63 -10.75
C ALA B 200 -12.89 4.57 -11.64
N LEU B 201 -11.93 5.45 -11.40
CA LEU B 201 -10.68 5.45 -12.17
C LEU B 201 -9.54 4.68 -11.50
N ARG B 202 -9.82 4.05 -10.35
CA ARG B 202 -8.79 3.32 -9.60
C ARG B 202 -8.04 2.27 -10.43
N GLY B 203 -8.79 1.45 -11.16
CA GLY B 203 -8.22 0.44 -12.01
C GLY B 203 -7.35 1.02 -13.10
N ALA B 204 -7.82 2.08 -13.74
CA ALA B 204 -7.06 2.72 -14.82
C ALA B 204 -5.79 3.33 -14.28
N ALA B 205 -5.85 3.87 -13.06
CA ALA B 205 -4.66 4.49 -12.49
C ALA B 205 -3.62 3.42 -12.14
N VAL B 206 -4.06 2.33 -11.50
CA VAL B 206 -3.13 1.23 -11.17
C VAL B 206 -2.50 0.72 -12.45
N ASP B 207 -3.29 0.51 -13.52
CA ASP B 207 -2.72 0.06 -14.79
C ASP B 207 -1.67 1.00 -15.30
N GLU B 208 -1.96 2.30 -15.24
CA GLU B 208 -1.03 3.25 -15.79
C GLU B 208 0.29 3.25 -15.00
N TYR B 209 0.21 3.28 -13.69
CA TYR B 209 1.44 3.36 -12.89
C TYR B 209 2.29 2.10 -13.05
N PHE B 210 1.63 0.94 -13.11
CA PHE B 210 2.36 -0.33 -13.16
C PHE B 210 2.84 -0.62 -14.57
N ARG B 211 2.36 0.17 -15.53
CA ARG B 211 2.83 0.13 -16.90
C ARG B 211 4.22 0.79 -17.10
N GLN B 212 4.68 1.51 -16.08
CA GLN B 212 5.96 2.23 -16.15
C GLN B 212 7.09 1.35 -15.69
N PRO B 213 8.06 1.05 -16.59
CA PRO B 213 9.23 0.38 -16.06
C PRO B 213 9.97 1.32 -15.14
N VAL B 214 10.59 0.77 -14.13
CA VAL B 214 11.32 1.57 -13.14
C VAL B 214 12.82 1.54 -13.48
N VAL B 215 13.40 2.72 -13.76
CA VAL B 215 14.83 2.85 -14.07
C VAL B 215 15.55 3.34 -12.83
N ASP B 216 16.38 2.48 -12.25
CA ASP B 216 17.30 2.85 -11.18
C ASP B 216 18.12 1.63 -10.88
N THR B 217 18.91 1.70 -9.81
CA THR B 217 19.73 0.58 -9.45
C THR B 217 19.23 -0.01 -8.17
N PHE B 218 19.82 -1.12 -7.77
CA PHE B 218 19.38 -1.86 -6.61
C PHE B 218 20.47 -2.78 -6.10
N ASP B 219 20.32 -3.22 -4.86
CA ASP B 219 21.20 -4.22 -4.26
C ASP B 219 20.95 -5.58 -4.90
N ILE B 220 22.01 -6.30 -5.27
CA ILE B 220 21.85 -7.60 -5.92
C ILE B 220 21.15 -8.64 -5.02
N ARG B 221 21.04 -8.35 -3.73
CA ARG B 221 20.39 -9.27 -2.80
C ARG B 221 18.87 -9.31 -2.98
N ILE B 222 18.28 -8.38 -3.73
CA ILE B 222 16.87 -8.50 -4.04
C ILE B 222 16.61 -9.55 -5.13
N LEU B 223 17.67 -10.04 -5.78
CA LEU B 223 17.47 -10.96 -6.88
C LEU B 223 17.27 -12.36 -6.37
N MET B 224 16.26 -13.05 -6.89
CA MET B 224 15.79 -14.30 -6.27
C MET B 224 16.14 -15.54 -7.09
N ALA B 225 16.80 -15.32 -8.22
CA ALA B 225 17.23 -16.44 -9.07
C ALA B 225 18.33 -15.96 -9.99
N LYS B 226 19.16 -16.89 -10.46
CA LYS B 226 20.17 -16.58 -11.46
C LYS B 226 19.50 -16.03 -12.72
N SER B 227 20.14 -15.07 -13.38
CA SER B 227 19.52 -14.45 -14.55
C SER B 227 19.40 -15.42 -15.71
N VAL B 228 18.43 -15.16 -16.55
CA VAL B 228 18.27 -15.80 -17.84
C VAL B 228 18.78 -14.82 -18.88
N LYS B 229 19.47 -15.35 -19.90
CA LYS B 229 20.16 -14.53 -20.91
C LYS B 229 19.58 -14.70 -22.32
N TYR B 230 19.29 -13.60 -22.97
CA TYR B 230 18.86 -13.57 -24.36
C TYR B 230 19.86 -12.81 -25.18
N THR B 231 20.41 -13.45 -26.22
CA THR B 231 21.54 -12.90 -26.97
C THR B 231 21.09 -12.50 -28.35
N VAL B 232 21.48 -11.30 -28.75
CA VAL B 232 21.36 -10.85 -30.11
C VAL B 232 22.73 -10.70 -30.73
N ASN B 233 23.00 -11.44 -31.81
CA ASN B 233 24.23 -11.31 -32.57
C ASN B 233 24.11 -10.29 -33.69
N PHE B 234 24.75 -9.14 -33.52
CA PHE B 234 24.58 -8.00 -34.45
C PHE B 234 25.20 -8.27 -35.84
N LEU B 235 26.12 -9.22 -35.92
CA LEU B 235 26.69 -9.60 -37.21
C LEU B 235 25.68 -10.40 -38.03
N GLU B 236 24.77 -11.08 -37.33
CA GLU B 236 23.84 -12.01 -37.97
C GLU B 236 22.41 -11.51 -38.03
N ALA B 237 21.98 -10.72 -37.06
CA ALA B 237 20.59 -10.36 -36.94
C ALA B 237 20.16 -9.44 -38.12
N LYS B 238 18.86 -9.50 -38.44
CA LYS B 238 18.25 -8.57 -39.40
C LYS B 238 17.36 -7.62 -38.66
N GLU B 239 17.16 -6.42 -39.24
CA GLU B 239 16.29 -5.40 -38.66
C GLU B 239 14.96 -5.95 -38.22
N GLY B 240 14.35 -6.69 -39.16
CA GLY B 240 13.04 -7.30 -38.96
C GLY B 240 13.02 -8.21 -37.75
N ASP B 241 14.17 -8.72 -37.33
CA ASP B 241 14.19 -9.60 -36.17
C ASP B 241 13.78 -8.85 -34.92
N LEU B 242 13.93 -7.52 -34.92
CA LEU B 242 13.71 -6.79 -33.67
C LEU B 242 12.30 -6.21 -33.57
N HIS B 243 11.41 -6.55 -34.51
CA HIS B 243 10.05 -6.01 -34.47
C HIS B 243 9.27 -6.78 -33.43
N ARG B 244 9.66 -8.04 -33.24
CA ARG B 244 9.04 -8.91 -32.27
C ARG B 244 10.10 -9.75 -31.55
N ILE B 245 10.34 -9.46 -30.28
CA ILE B 245 11.38 -10.14 -29.53
C ILE B 245 10.73 -10.96 -28.45
N GLU B 246 10.88 -12.29 -28.55
CA GLU B 246 10.30 -13.22 -27.61
C GLU B 246 11.39 -13.89 -26.74
N ILE B 247 11.35 -13.62 -25.45
CA ILE B 247 12.31 -14.12 -24.47
C ILE B 247 11.63 -15.08 -23.51
N PRO B 248 11.71 -16.39 -23.79
CA PRO B 248 11.16 -17.35 -22.86
C PRO B 248 12.08 -17.46 -21.68
N PHE B 249 11.56 -17.83 -20.52
CA PHE B 249 12.40 -17.98 -19.34
C PHE B 249 11.88 -19.04 -18.39
N LYS B 250 12.83 -19.67 -17.70
CA LYS B 250 12.55 -20.61 -16.62
C LYS B 250 13.55 -20.35 -15.49
N PHE B 251 13.08 -19.78 -14.39
CA PHE B 251 13.94 -19.49 -13.25
C PHE B 251 13.81 -20.57 -12.21
N HIS B 252 14.95 -21.02 -11.71
CA HIS B 252 15.00 -21.89 -10.57
C HIS B 252 15.19 -21.04 -9.34
N MET B 253 14.11 -20.90 -8.58
CA MET B 253 14.09 -19.93 -7.49
C MET B 253 15.08 -20.32 -6.41
N LEU B 254 15.96 -19.39 -6.07
CA LEU B 254 16.98 -19.64 -5.05
C LEU B 254 16.53 -19.20 -3.68
N HIS B 255 15.52 -18.34 -3.62
CA HIS B 255 14.99 -17.89 -2.34
C HIS B 255 13.47 -17.95 -2.31
N SER B 256 12.92 -18.11 -1.13
CA SER B 256 11.46 -18.04 -0.98
C SER B 256 10.98 -16.61 -0.79
N GLY B 257 9.83 -16.28 -1.36
CA GLY B 257 9.25 -14.97 -1.12
C GLY B 257 8.33 -14.47 -2.20
N LEU B 258 7.99 -13.20 -2.09
CA LEU B 258 7.21 -12.52 -3.09
C LEU B 258 8.07 -12.05 -4.25
N VAL B 259 7.70 -12.49 -5.44
CA VAL B 259 8.30 -11.99 -6.66
C VAL B 259 7.41 -10.83 -7.08
N HIS B 260 7.99 -9.62 -7.04
CA HIS B 260 7.33 -8.37 -7.37
C HIS B 260 7.52 -7.97 -8.81
N GLY B 261 8.46 -8.64 -9.48
CA GLY B 261 8.65 -8.39 -10.89
C GLY B 261 9.94 -8.95 -11.45
N LEU B 262 10.29 -8.45 -12.63
CA LEU B 262 11.50 -8.90 -13.29
C LEU B 262 12.43 -7.70 -13.44
N ALA B 263 13.70 -7.92 -13.13
CA ALA B 263 14.78 -6.95 -13.35
C ALA B 263 15.50 -7.30 -14.63
N PHE B 264 15.93 -6.25 -15.33
CA PHE B 264 16.58 -6.33 -16.63
C PHE B 264 17.84 -5.50 -16.64
N TRP B 265 18.86 -6.05 -17.27
CA TRP B 265 20.05 -5.29 -17.61
C TRP B 265 20.65 -5.90 -18.86
N PHE B 266 21.75 -5.32 -19.36
CA PHE B 266 22.37 -5.87 -20.55
C PHE B 266 23.90 -5.69 -20.59
N ASP B 267 24.52 -6.61 -21.33
CA ASP B 267 25.95 -6.55 -21.64
C ASP B 267 26.13 -6.45 -23.14
N VAL B 268 27.14 -5.76 -23.62
CA VAL B 268 27.56 -5.93 -25.00
C VAL B 268 29.03 -6.31 -25.06
N ALA B 269 29.36 -7.04 -26.13
CA ALA B 269 30.74 -7.45 -26.39
C ALA B 269 31.27 -6.89 -27.70
N PHE B 270 32.49 -6.35 -27.62
CA PHE B 270 33.25 -5.93 -28.76
C PHE B 270 34.25 -7.04 -29.06
N ILE B 271 33.95 -7.83 -30.08
CA ILE B 271 34.72 -9.04 -30.37
C ILE B 271 35.72 -8.69 -31.44
N GLY B 272 36.89 -8.25 -31.00
CA GLY B 272 37.93 -7.79 -31.90
C GLY B 272 38.91 -8.89 -32.21
N SER B 273 39.82 -8.58 -33.10
CA SER B 273 40.85 -9.51 -33.51
C SER B 273 41.89 -9.73 -32.39
N ILE B 274 42.09 -8.74 -31.53
CA ILE B 274 43.10 -8.85 -30.49
C ILE B 274 42.47 -9.34 -29.21
N MET B 275 41.31 -8.82 -28.84
CA MET B 275 40.65 -9.26 -27.64
C MET B 275 39.19 -8.86 -27.65
N THR B 276 38.42 -9.56 -26.82
CA THR B 276 37.04 -9.23 -26.63
C THR B 276 36.90 -8.38 -25.40
N VAL B 277 36.22 -7.25 -25.58
CA VAL B 277 36.00 -6.30 -24.50
C VAL B 277 34.52 -6.19 -24.22
N TRP B 278 34.18 -6.29 -22.95
CA TRP B 278 32.79 -6.29 -22.50
C TRP B 278 32.43 -4.95 -21.84
N LEU B 279 31.24 -4.46 -22.16
CA LEU B 279 30.62 -3.35 -21.47
C LEU B 279 29.36 -3.89 -20.81
N SER B 280 29.31 -3.83 -19.49
CA SER B 280 28.22 -4.45 -18.72
C SER B 280 27.46 -3.38 -17.93
N THR B 281 26.13 -3.50 -17.90
CA THR B 281 25.30 -2.62 -17.08
C THR B 281 24.67 -3.45 -15.93
N ALA B 282 25.27 -4.60 -15.62
CA ALA B 282 24.75 -5.46 -14.54
C ALA B 282 24.84 -4.79 -13.17
N PRO B 283 23.93 -5.12 -12.25
CA PRO B 283 23.91 -4.53 -10.92
C PRO B 283 25.11 -5.03 -10.09
N THR B 284 25.84 -6.02 -10.60
CA THR B 284 27.10 -6.41 -9.98
C THR B 284 28.25 -5.56 -10.46
N GLU B 285 28.01 -4.68 -11.43
CA GLU B 285 29.09 -3.85 -11.98
C GLU B 285 28.92 -2.37 -11.63
N PRO B 286 29.99 -1.56 -11.78
CA PRO B 286 29.81 -0.12 -11.48
C PRO B 286 28.65 0.48 -12.27
N LEU B 287 27.93 1.41 -11.66
CA LEU B 287 26.75 1.98 -12.26
C LEU B 287 27.09 2.72 -13.56
N THR B 288 26.19 2.61 -14.54
CA THR B 288 26.27 3.37 -15.79
C THR B 288 25.01 4.22 -15.89
N HIS B 289 24.96 5.10 -16.91
CA HIS B 289 23.78 5.95 -17.10
C HIS B 289 22.58 5.11 -17.64
N TRP B 290 22.79 3.83 -17.91
CA TRP B 290 21.67 2.96 -18.26
C TRP B 290 21.01 2.40 -17.00
N TYR B 291 21.67 2.53 -15.85
CA TYR B 291 21.15 1.95 -14.61
C TYR B 291 20.74 0.50 -14.83
N GLN B 292 19.62 0.11 -14.22
CA GLN B 292 18.95 -1.16 -14.56
C GLN B 292 17.46 -0.86 -14.72
N VAL B 293 16.68 -1.81 -15.24
CA VAL B 293 15.25 -1.58 -15.41
C VAL B 293 14.43 -2.69 -14.74
N ARG B 294 13.41 -2.31 -13.99
CA ARG B 294 12.52 -3.28 -13.37
C ARG B 294 11.08 -3.11 -13.82
N CYS B 295 10.46 -4.22 -14.17
CA CYS B 295 9.05 -4.24 -14.53
C CYS B 295 8.31 -4.92 -13.38
N LEU B 296 7.44 -4.16 -12.73
CA LEU B 296 6.64 -4.61 -11.64
C LEU B 296 5.43 -5.40 -12.11
N PHE B 297 5.06 -6.38 -11.31
CA PHE B 297 3.76 -7.03 -11.43
C PHE B 297 2.73 -6.27 -10.64
N GLN B 298 1.51 -6.17 -11.17
CA GLN B 298 0.44 -5.55 -10.41
C GLN B 298 0.15 -6.39 -9.18
N SER B 299 0.32 -7.71 -9.29
CA SER B 299 0.17 -8.58 -8.14
C SER B 299 1.39 -9.48 -8.06
N PRO B 300 2.13 -9.40 -6.94
CA PRO B 300 3.33 -10.24 -6.85
C PRO B 300 2.97 -11.70 -6.74
N LEU B 301 3.91 -12.56 -7.12
CA LEU B 301 3.70 -14.01 -7.07
C LEU B 301 4.45 -14.57 -5.92
N PHE B 302 3.84 -15.42 -5.13
CA PHE B 302 4.58 -16.09 -4.08
C PHE B 302 5.29 -17.29 -4.67
N ALA B 303 6.56 -17.47 -4.33
CA ALA B 303 7.30 -18.67 -4.73
C ALA B 303 8.18 -19.16 -3.60
N LYS B 304 8.36 -20.48 -3.50
CA LYS B 304 9.36 -21.04 -2.58
C LYS B 304 10.66 -21.35 -3.29
N ALA B 305 11.75 -21.34 -2.53
CA ALA B 305 13.03 -21.78 -3.04
C ALA B 305 12.83 -23.17 -3.63
N GLY B 306 13.37 -23.39 -4.82
CA GLY B 306 13.25 -24.68 -5.49
C GLY B 306 12.16 -24.75 -6.53
N ASP B 307 11.17 -23.87 -6.41
CA ASP B 307 10.14 -23.77 -7.43
C ASP B 307 10.71 -23.26 -8.74
N THR B 308 9.95 -23.44 -9.82
CA THR B 308 10.31 -22.84 -11.09
C THR B 308 9.28 -21.78 -11.46
N LEU B 309 9.82 -20.66 -11.95
CA LEU B 309 9.03 -19.53 -12.43
C LEU B 309 9.21 -19.42 -13.94
N SER B 310 8.18 -19.69 -14.72
CA SER B 310 8.35 -19.77 -16.15
C SER B 310 7.42 -18.86 -16.89
N GLY B 311 7.84 -18.45 -18.07
CA GLY B 311 6.99 -17.66 -18.93
C GLY B 311 7.76 -16.99 -20.02
N THR B 312 7.23 -15.86 -20.47
CA THR B 312 7.84 -15.19 -21.61
C THR B 312 7.72 -13.70 -21.43
N CYS B 313 8.78 -13.03 -21.90
CA CYS B 313 8.82 -11.59 -22.02
C CYS B 313 8.78 -11.31 -23.51
N LEU B 314 7.69 -10.68 -23.94
CA LEU B 314 7.48 -10.36 -25.35
C LEU B 314 7.55 -8.84 -25.58
N LEU B 315 8.46 -8.43 -26.44
CA LEU B 315 8.63 -7.04 -26.84
C LEU B 315 8.17 -6.81 -28.28
N ILE B 316 7.15 -5.97 -28.43
CA ILE B 316 6.61 -5.65 -29.74
C ILE B 316 6.92 -4.20 -30.03
N ALA B 317 7.68 -3.97 -31.09
CA ALA B 317 8.15 -2.63 -31.45
C ALA B 317 6.98 -1.78 -31.83
N ASN B 318 7.03 -0.49 -31.47
CA ASN B 318 5.96 0.43 -31.86
C ASN B 318 6.60 1.62 -32.56
N LYS B 319 5.73 2.47 -33.07
CA LYS B 319 6.17 3.61 -33.88
C LYS B 319 6.62 4.84 -33.05
N ARG B 320 6.64 4.71 -31.74
CA ARG B 320 7.23 5.76 -30.91
C ARG B 320 8.64 5.37 -30.48
N GLN B 321 9.29 4.59 -31.35
CA GLN B 321 10.71 4.21 -31.20
C GLN B 321 10.92 3.46 -29.89
N SER B 322 9.97 2.60 -29.55
CA SER B 322 10.09 1.84 -28.30
C SER B 322 9.32 0.54 -28.46
N TYR B 323 9.01 -0.08 -27.34
CA TYR B 323 8.34 -1.38 -27.32
C TYR B 323 7.18 -1.42 -26.33
N ASP B 324 6.16 -2.16 -26.73
CA ASP B 324 5.13 -2.60 -25.82
C ASP B 324 5.57 -3.95 -25.27
N ILE B 325 5.67 -4.05 -23.96
CA ILE B 325 6.21 -5.23 -23.28
C ILE B 325 5.08 -6.01 -22.65
N SER B 326 5.00 -7.30 -22.92
CA SER B 326 4.10 -8.14 -22.14
C SER B 326 4.95 -9.17 -21.43
N ILE B 327 4.76 -9.29 -20.13
CA ILE B 327 5.45 -10.29 -19.37
C ILE B 327 4.40 -11.19 -18.77
N VAL B 328 4.51 -12.46 -19.12
CA VAL B 328 3.65 -13.44 -18.51
C VAL B 328 4.57 -14.39 -17.77
N ALA B 329 4.23 -14.61 -16.51
CA ALA B 329 5.03 -15.45 -15.63
C ALA B 329 4.13 -16.30 -14.75
N GLN B 330 4.54 -17.54 -14.52
CA GLN B 330 3.79 -18.38 -13.62
C GLN B 330 4.73 -19.21 -12.76
N VAL B 331 4.26 -19.50 -11.55
CA VAL B 331 4.91 -20.44 -10.64
C VAL B 331 4.40 -21.81 -11.01
N ASP B 332 5.26 -22.62 -11.61
CA ASP B 332 4.80 -23.87 -12.19
C ASP B 332 4.15 -24.80 -11.17
N GLN B 333 4.66 -24.80 -9.94
CA GLN B 333 4.17 -25.72 -8.93
C GLN B 333 2.74 -25.44 -8.44
N THR B 334 2.27 -24.21 -8.62
CA THR B 334 0.97 -23.83 -8.06
C THR B 334 0.02 -23.29 -9.12
N GLY B 335 0.55 -22.98 -10.30
CA GLY B 335 -0.27 -22.35 -11.32
C GLY B 335 -0.51 -20.88 -11.08
N SER B 336 0.20 -20.26 -10.13
CA SER B 336 0.01 -18.82 -9.88
C SER B 336 0.64 -18.06 -11.03
N LYS B 337 -0.16 -17.22 -11.66
CA LYS B 337 0.19 -16.61 -12.92
C LYS B 337 0.02 -15.11 -12.82
N SER B 338 0.91 -14.40 -13.48
CA SER B 338 0.82 -12.97 -13.58
C SER B 338 1.06 -12.57 -15.03
N SER B 339 0.25 -11.62 -15.51
CA SER B 339 0.33 -11.10 -16.86
C SER B 339 0.46 -9.63 -16.66
N ASN B 340 1.40 -9.01 -17.37
CA ASN B 340 1.59 -7.59 -17.22
C ASN B 340 2.02 -6.95 -18.49
N LEU B 341 1.63 -5.69 -18.63
CA LEU B 341 1.88 -4.91 -19.81
C LEU B 341 2.62 -3.66 -19.42
N LEU B 342 3.73 -3.39 -20.11
CA LEU B 342 4.51 -2.20 -19.80
C LEU B 342 4.81 -1.39 -21.06
N ASP B 343 4.92 -0.09 -20.88
CA ASP B 343 5.21 0.84 -21.97
C ASP B 343 6.62 1.38 -21.78
N LEU B 344 7.57 0.81 -22.51
CA LEU B 344 8.97 1.10 -22.28
C LEU B 344 9.33 2.54 -22.60
N LYS B 345 8.45 3.22 -23.31
CA LYS B 345 8.70 4.59 -23.70
C LYS B 345 8.51 5.54 -22.53
N ASN B 346 7.67 5.17 -21.56
CA ASN B 346 7.31 6.06 -20.46
C ASN B 346 7.78 5.53 -19.07
N PRO B 347 9.09 5.42 -18.88
CA PRO B 347 9.60 4.84 -17.63
C PRO B 347 9.56 5.80 -16.49
N PHE B 348 9.63 5.28 -15.27
CA PHE B 348 9.76 6.06 -14.06
C PHE B 348 11.22 6.12 -13.67
N PHE B 349 11.82 7.30 -13.78
N PHE B 349 11.85 7.27 -13.83
CA PHE B 349 13.22 7.47 -13.42
CA PHE B 349 13.26 7.42 -13.45
C PHE B 349 13.27 7.70 -11.94
C PHE B 349 13.32 7.71 -11.96
N ARG B 350 13.62 6.67 -11.20
CA ARG B 350 13.56 6.70 -9.74
C ARG B 350 14.90 7.08 -9.08
N TYR B 351 16.01 6.81 -9.77
N TYR B 351 16.02 6.78 -9.74
CA TYR B 351 17.35 7.09 -9.25
CA TYR B 351 17.36 7.05 -9.17
C TYR B 351 17.50 8.55 -8.81
C TYR B 351 17.53 8.53 -8.81
N THR B 352 18.13 8.77 -7.65
CA THR B 352 18.35 10.13 -7.14
C THR B 352 19.78 10.35 -6.65
N SER C 10 -30.93 -32.35 13.78
CA SER C 10 -29.84 -32.91 12.98
C SER C 10 -28.75 -33.54 13.86
N VAL C 11 -27.90 -34.39 13.26
CA VAL C 11 -26.80 -35.02 13.98
C VAL C 11 -25.86 -33.91 14.48
N PHE C 12 -25.72 -32.84 13.71
CA PHE C 12 -24.86 -31.73 14.13
C PHE C 12 -25.45 -31.07 15.39
N SER C 13 -26.73 -30.73 15.39
CA SER C 13 -27.33 -30.03 16.52
C SER C 13 -27.32 -30.84 17.78
N GLU C 14 -27.51 -32.14 17.65
CA GLU C 14 -27.59 -33.00 18.82
C GLU C 14 -26.26 -33.09 19.56
N ARG C 15 -25.16 -32.94 18.85
CA ARG C 15 -23.83 -33.08 19.47
C ARG C 15 -23.15 -31.73 19.77
N THR C 16 -23.81 -30.60 19.48
CA THR C 16 -23.20 -29.27 19.61
C THR C 16 -24.10 -28.27 20.37
N GLU C 17 -23.58 -27.68 21.45
CA GLU C 17 -24.28 -26.58 22.13
C GLU C 17 -24.39 -25.41 21.13
N GLU C 18 -25.55 -24.76 21.05
CA GLU C 18 -25.73 -23.73 20.05
C GLU C 18 -24.74 -22.57 20.28
N SER C 19 -24.45 -22.21 21.53
CA SER C 19 -23.48 -21.13 21.80
C SER C 19 -22.13 -21.36 21.07
N SER C 20 -21.67 -22.60 21.16
CA SER C 20 -20.43 -23.04 20.50
C SER C 20 -20.59 -22.97 18.98
N ALA C 21 -21.71 -23.46 18.45
CA ALA C 21 -21.91 -23.44 17.00
C ALA C 21 -21.94 -21.99 16.44
N VAL C 22 -22.64 -21.10 17.16
CA VAL C 22 -22.72 -19.68 16.78
C VAL C 22 -21.30 -19.14 16.68
N GLN C 23 -20.55 -19.27 17.77
CA GLN C 23 -19.18 -18.75 17.77
C GLN C 23 -18.32 -19.36 16.65
N TYR C 24 -18.45 -20.68 16.48
CA TYR C 24 -17.67 -21.42 15.50
C TYR C 24 -17.93 -20.90 14.08
N PHE C 25 -19.19 -20.79 13.67
CA PHE C 25 -19.42 -20.39 12.29
C PHE C 25 -19.23 -18.88 12.10
N GLN C 26 -19.43 -18.10 13.15
CA GLN C 26 -19.07 -16.69 13.07
C GLN C 26 -17.57 -16.58 12.74
N PHE C 27 -16.73 -17.34 13.45
CA PHE C 27 -15.28 -17.35 13.20
C PHE C 27 -14.90 -17.64 11.72
N TYR C 28 -15.51 -18.64 11.11
CA TYR C 28 -15.18 -19.01 9.72
C TYR C 28 -15.86 -18.13 8.68
N GLY C 29 -16.75 -17.25 9.13
CA GLY C 29 -17.36 -16.28 8.24
C GLY C 29 -16.45 -15.11 7.87
N TYR C 30 -15.33 -14.97 8.56
CA TYR C 30 -14.40 -13.86 8.32
C TYR C 30 -13.44 -14.16 7.16
N LEU C 31 -13.31 -13.24 6.21
CA LEU C 31 -12.39 -13.44 5.11
C LEU C 31 -10.98 -13.53 5.67
N SER C 32 -10.72 -12.79 6.75
CA SER C 32 -9.38 -12.79 7.32
C SER C 32 -8.96 -14.18 7.83
N GLN C 33 -9.90 -14.95 8.36
N GLN C 33 -9.89 -14.95 8.38
CA GLN C 33 -9.62 -16.29 8.84
CA GLN C 33 -9.57 -16.30 8.81
C GLN C 33 -9.42 -17.26 7.65
C GLN C 33 -9.37 -17.23 7.62
N GLN C 34 -10.22 -17.08 6.61
CA GLN C 34 -10.12 -17.92 5.41
C GLN C 34 -8.73 -17.68 4.84
N GLN C 35 -8.37 -16.40 4.80
CA GLN C 35 -7.09 -15.97 4.30
C GLN C 35 -5.93 -16.53 5.11
N ASN C 36 -6.08 -16.47 6.42
CA ASN C 36 -5.06 -17.04 7.29
C ASN C 36 -4.80 -18.50 6.93
N MET C 37 -5.88 -19.25 6.71
CA MET C 37 -5.70 -20.64 6.28
C MET C 37 -5.12 -20.77 4.88
N MET C 38 -5.59 -19.95 3.96
CA MET C 38 -5.13 -20.02 2.58
C MET C 38 -3.64 -19.71 2.43
N GLN C 39 -3.12 -18.80 3.25
CA GLN C 39 -1.71 -18.40 3.21
C GLN C 39 -0.76 -19.40 3.91
N ASP C 40 -1.30 -20.45 4.50
CA ASP C 40 -0.46 -21.52 4.99
C ASP C 40 -0.05 -22.32 3.77
N TYR C 41 1.15 -22.08 3.28
CA TYR C 41 1.57 -22.65 2.01
C TYR C 41 1.69 -24.17 2.07
N VAL C 42 2.17 -24.71 3.19
CA VAL C 42 2.26 -26.17 3.34
C VAL C 42 0.90 -26.80 3.13
N ARG C 43 -0.08 -26.27 3.86
CA ARG C 43 -1.44 -26.76 3.80
C ARG C 43 -2.06 -26.65 2.40
N THR C 44 -2.13 -25.43 1.90
CA THR C 44 -2.84 -25.15 0.67
C THR C 44 -2.13 -25.80 -0.52
N GLY C 45 -0.80 -25.69 -0.53
CA GLY C 45 0.00 -26.24 -1.60
C GLY C 45 -0.07 -27.76 -1.62
N THR C 46 -0.05 -28.38 -0.43
CA THR C 46 -0.13 -29.84 -0.37
C THR C 46 -1.51 -30.32 -0.81
N TYR C 47 -2.58 -29.66 -0.39
CA TYR C 47 -3.90 -30.06 -0.93
C TYR C 47 -3.88 -29.96 -2.47
N GLN C 48 -3.34 -28.86 -2.99
CA GLN C 48 -3.32 -28.69 -4.43
C GLN C 48 -2.53 -29.80 -5.13
N ARG C 49 -1.34 -30.10 -4.63
CA ARG C 49 -0.52 -31.16 -5.23
C ARG C 49 -1.25 -32.49 -5.15
N ALA C 50 -1.84 -32.78 -4.00
CA ALA C 50 -2.49 -34.06 -3.83
C ALA C 50 -3.60 -34.22 -4.87
N ILE C 51 -4.36 -33.14 -5.08
CA ILE C 51 -5.48 -33.21 -6.04
C ILE C 51 -4.97 -33.24 -7.50
N LEU C 52 -4.03 -32.36 -7.87
CA LEU C 52 -3.58 -32.30 -9.25
C LEU C 52 -2.73 -33.51 -9.65
N GLN C 53 -1.88 -34.01 -8.75
CA GLN C 53 -1.02 -35.16 -9.11
C GLN C 53 -1.77 -36.48 -9.16
N ASN C 54 -2.97 -36.51 -8.58
CA ASN C 54 -3.91 -37.62 -8.71
C ASN C 54 -5.11 -37.26 -9.60
N HIS C 55 -4.84 -36.64 -10.73
CA HIS C 55 -5.90 -36.07 -11.56
C HIS C 55 -6.88 -37.13 -12.05
N THR C 56 -6.43 -38.37 -12.18
CA THR C 56 -7.32 -39.46 -12.59
C THR C 56 -8.37 -39.75 -11.50
N ASP C 57 -8.14 -39.32 -10.26
CA ASP C 57 -9.19 -39.43 -9.24
C ASP C 57 -10.25 -38.35 -9.36
N PHE C 58 -10.03 -37.37 -10.23
CA PHE C 58 -10.96 -36.25 -10.35
C PHE C 58 -11.58 -36.06 -11.74
N LYS C 59 -10.85 -36.38 -12.79
CA LYS C 59 -11.32 -36.07 -14.13
C LYS C 59 -12.67 -36.73 -14.45
N ASP C 60 -13.63 -35.88 -14.82
CA ASP C 60 -15.01 -36.27 -15.13
C ASP C 60 -15.72 -36.94 -13.94
N LYS C 61 -15.26 -36.65 -12.73
CA LYS C 61 -15.86 -37.22 -11.53
C LYS C 61 -16.83 -36.25 -10.84
N ILE C 62 -17.68 -36.81 -9.99
CA ILE C 62 -18.55 -36.03 -9.14
C ILE C 62 -17.86 -35.92 -7.77
N VAL C 63 -17.74 -34.70 -7.24
CA VAL C 63 -16.96 -34.42 -6.03
C VAL C 63 -17.83 -33.76 -4.97
N LEU C 64 -17.62 -34.11 -3.71
CA LEU C 64 -18.20 -33.35 -2.60
C LEU C 64 -17.10 -32.66 -1.79
N ASP C 65 -17.20 -31.34 -1.63
CA ASP C 65 -16.25 -30.57 -0.82
C ASP C 65 -16.96 -30.21 0.48
N VAL C 66 -16.53 -30.84 1.57
CA VAL C 66 -17.21 -30.68 2.86
C VAL C 66 -16.61 -29.48 3.61
N GLY C 67 -17.39 -28.41 3.73
CA GLY C 67 -16.91 -27.21 4.39
C GLY C 67 -15.99 -26.43 3.49
N CYS C 68 -16.54 -25.90 2.40
CA CYS C 68 -15.69 -25.46 1.29
C CYS C 68 -15.01 -24.13 1.59
N GLY C 69 -15.51 -23.40 2.58
CA GLY C 69 -14.95 -22.09 2.90
C GLY C 69 -15.00 -21.15 1.70
N SER C 70 -13.85 -20.59 1.32
CA SER C 70 -13.71 -19.71 0.14
C SER C 70 -13.99 -20.47 -1.14
N GLY C 71 -13.88 -21.80 -1.06
CA GLY C 71 -14.10 -22.64 -2.22
C GLY C 71 -12.80 -23.19 -2.78
N ILE C 72 -11.67 -22.87 -2.15
CA ILE C 72 -10.34 -23.17 -2.71
C ILE C 72 -10.10 -24.66 -3.15
N LEU C 73 -10.52 -25.62 -2.33
CA LEU C 73 -10.33 -27.01 -2.67
C LEU C 73 -11.21 -27.45 -3.87
N SER C 74 -12.40 -26.86 -3.99
CA SER C 74 -13.28 -27.10 -5.14
C SER C 74 -12.67 -26.56 -6.44
N PHE C 75 -12.04 -25.40 -6.38
CA PHE C 75 -11.32 -24.91 -7.56
C PHE C 75 -10.18 -25.86 -7.90
N PHE C 76 -9.48 -26.38 -6.88
CA PHE C 76 -8.48 -27.39 -7.22
C PHE C 76 -9.11 -28.61 -7.90
N ALA C 77 -10.23 -29.07 -7.36
CA ALA C 77 -10.90 -30.22 -7.97
C ALA C 77 -11.29 -29.91 -9.42
N ALA C 78 -11.67 -28.65 -9.64
CA ALA C 78 -11.98 -28.19 -11.00
C ALA C 78 -10.73 -28.15 -11.90
N GLN C 79 -9.60 -27.70 -11.36
CA GLN C 79 -8.34 -27.70 -12.14
C GLN C 79 -8.03 -29.11 -12.57
N ALA C 80 -8.35 -30.08 -11.73
CA ALA C 80 -8.07 -31.49 -12.01
C ALA C 80 -9.08 -32.14 -12.94
N GLY C 81 -10.12 -31.41 -13.34
CA GLY C 81 -11.03 -31.92 -14.37
C GLY C 81 -12.33 -32.50 -13.87
N ALA C 82 -12.69 -32.26 -12.61
CA ALA C 82 -13.93 -32.79 -12.08
C ALA C 82 -15.11 -32.28 -12.91
N ARG C 83 -16.08 -33.15 -13.14
CA ARG C 83 -17.27 -32.82 -13.93
C ARG C 83 -18.25 -31.97 -13.12
N LYS C 84 -18.44 -32.30 -11.84
CA LYS C 84 -19.37 -31.56 -10.99
C LYS C 84 -18.93 -31.67 -9.54
N ILE C 85 -18.94 -30.52 -8.88
CA ILE C 85 -18.51 -30.41 -7.50
C ILE C 85 -19.59 -29.72 -6.69
N TYR C 86 -20.03 -30.39 -5.63
CA TYR C 86 -20.96 -29.83 -4.67
C TYR C 86 -20.13 -29.33 -3.50
N ALA C 87 -20.13 -28.02 -3.29
CA ALA C 87 -19.33 -27.39 -2.26
C ALA C 87 -20.25 -26.92 -1.13
N VAL C 88 -20.21 -27.62 0.00
CA VAL C 88 -21.13 -27.35 1.08
C VAL C 88 -20.45 -26.47 2.13
N GLU C 89 -21.12 -25.42 2.56
CA GLU C 89 -20.53 -24.52 3.56
C GLU C 89 -21.59 -23.90 4.47
N ALA C 90 -21.39 -24.02 5.80
CA ALA C 90 -22.41 -23.62 6.81
C ALA C 90 -22.36 -22.16 7.26
N SER C 91 -21.18 -21.55 7.17
CA SER C 91 -21.02 -20.16 7.61
C SER C 91 -21.42 -19.23 6.47
N THR C 92 -21.42 -17.93 6.75
CA THR C 92 -21.75 -16.94 5.72
C THR C 92 -20.66 -16.84 4.61
N MET C 93 -19.52 -17.51 4.82
CA MET C 93 -18.50 -17.61 3.78
C MET C 93 -19.08 -18.20 2.52
N ALA C 94 -20.15 -19.01 2.65
CA ALA C 94 -20.84 -19.60 1.49
C ALA C 94 -21.17 -18.54 0.46
N GLN C 95 -21.53 -17.33 0.90
CA GLN C 95 -21.94 -16.29 -0.05
C GLN C 95 -20.69 -15.85 -0.83
N HIS C 96 -19.53 -15.86 -0.16
CA HIS C 96 -18.32 -15.37 -0.80
C HIS C 96 -17.81 -16.41 -1.78
N ALA C 97 -17.94 -17.69 -1.44
CA ALA C 97 -17.58 -18.78 -2.35
C ALA C 97 -18.38 -18.69 -3.63
N GLU C 98 -19.67 -18.37 -3.52
CA GLU C 98 -20.53 -18.27 -4.72
C GLU C 98 -20.03 -17.14 -5.61
N VAL C 99 -19.62 -16.04 -5.00
CA VAL C 99 -19.08 -14.92 -5.77
C VAL C 99 -17.88 -15.37 -6.62
N LEU C 100 -16.99 -16.13 -6.00
CA LEU C 100 -15.80 -16.63 -6.67
C LEU C 100 -16.13 -17.67 -7.73
N VAL C 101 -17.14 -18.51 -7.49
CA VAL C 101 -17.53 -19.49 -8.50
C VAL C 101 -18.02 -18.77 -9.75
N LYS C 102 -18.79 -17.71 -9.54
CA LYS C 102 -19.32 -16.96 -10.67
C LYS C 102 -18.16 -16.24 -11.36
N SER C 103 -17.29 -15.62 -10.59
CA SER C 103 -16.23 -14.79 -11.18
C SER C 103 -15.16 -15.65 -11.85
N ASN C 104 -15.01 -16.91 -11.44
CA ASN C 104 -14.05 -17.80 -12.10
C ASN C 104 -14.73 -18.65 -13.21
N ASN C 105 -15.95 -18.25 -13.58
CA ASN C 105 -16.73 -18.88 -14.66
C ASN C 105 -16.88 -20.40 -14.53
N LEU C 106 -17.19 -20.85 -13.32
CA LEU C 106 -17.30 -22.27 -13.05
C LEU C 106 -18.70 -22.64 -12.56
N THR C 107 -19.71 -21.83 -12.87
CA THR C 107 -21.05 -22.11 -12.34
C THR C 107 -21.62 -23.41 -12.91
N ASP C 108 -21.14 -23.79 -14.09
CA ASP C 108 -21.58 -25.05 -14.69
C ASP C 108 -20.96 -26.27 -14.00
N ARG C 109 -20.00 -26.05 -13.11
CA ARG C 109 -19.25 -27.16 -12.55
C ARG C 109 -19.19 -27.18 -11.03
N ILE C 110 -19.28 -26.03 -10.39
CA ILE C 110 -19.28 -25.96 -8.91
C ILE C 110 -20.64 -25.44 -8.47
N VAL C 111 -21.28 -26.18 -7.57
CA VAL C 111 -22.54 -25.74 -6.97
C VAL C 111 -22.30 -25.50 -5.47
N VAL C 112 -22.45 -24.25 -5.02
CA VAL C 112 -22.30 -23.94 -3.60
C VAL C 112 -23.63 -24.19 -2.88
N ILE C 113 -23.59 -24.99 -1.84
CA ILE C 113 -24.76 -25.34 -1.06
C ILE C 113 -24.60 -24.78 0.36
N PRO C 114 -25.33 -23.70 0.68
CA PRO C 114 -25.18 -23.15 2.04
C PRO C 114 -25.87 -24.05 3.07
N GLY C 115 -25.20 -24.31 4.18
CA GLY C 115 -25.76 -25.13 5.22
C GLY C 115 -24.81 -26.17 5.76
N LYS C 116 -25.26 -26.89 6.77
CA LYS C 116 -24.46 -27.95 7.38
C LYS C 116 -24.58 -29.23 6.56
N VAL C 117 -23.48 -29.95 6.38
CA VAL C 117 -23.46 -31.17 5.55
C VAL C 117 -24.41 -32.22 6.13
N GLU C 118 -24.65 -32.12 7.44
CA GLU C 118 -25.58 -32.99 8.15
C GLU C 118 -27.04 -32.66 7.89
N GLU C 119 -27.31 -31.50 7.28
CA GLU C 119 -28.67 -30.97 7.20
C GLU C 119 -29.12 -30.67 5.77
N VAL C 120 -28.19 -30.41 4.87
CA VAL C 120 -28.57 -30.05 3.51
C VAL C 120 -28.92 -31.31 2.73
N SER C 121 -29.58 -31.12 1.59
CA SER C 121 -29.90 -32.20 0.68
C SER C 121 -28.97 -32.12 -0.50
N LEU C 122 -28.27 -33.22 -0.76
CA LEU C 122 -27.49 -33.35 -1.98
C LEU C 122 -28.27 -34.27 -2.90
N PRO C 123 -28.27 -33.96 -4.21
CA PRO C 123 -29.09 -34.74 -5.14
C PRO C 123 -28.51 -36.10 -5.54
N GLU C 124 -27.19 -36.30 -5.46
CA GLU C 124 -26.64 -37.55 -5.95
C GLU C 124 -25.38 -38.00 -5.19
N GLN C 125 -25.02 -39.28 -5.38
CA GLN C 125 -23.81 -39.83 -4.79
C GLN C 125 -22.56 -39.35 -5.53
N VAL C 126 -21.44 -39.29 -4.81
CA VAL C 126 -20.22 -38.71 -5.36
C VAL C 126 -19.12 -39.76 -5.42
N ASP C 127 -18.14 -39.52 -6.29
CA ASP C 127 -17.02 -40.44 -6.45
C ASP C 127 -15.95 -40.20 -5.40
N ILE C 128 -15.86 -38.96 -4.91
CA ILE C 128 -14.81 -38.61 -3.98
C ILE C 128 -15.22 -37.39 -3.15
N ILE C 129 -14.87 -37.45 -1.88
CA ILE C 129 -15.09 -36.34 -0.96
C ILE C 129 -13.74 -35.73 -0.63
N ILE C 130 -13.69 -34.40 -0.70
CA ILE C 130 -12.51 -33.65 -0.26
C ILE C 130 -12.92 -32.73 0.88
N SER C 131 -11.97 -32.49 1.78
CA SER C 131 -12.21 -31.64 2.94
C SER C 131 -10.91 -31.33 3.67
N GLU C 132 -10.94 -30.25 4.46
CA GLU C 132 -9.87 -29.99 5.39
C GLU C 132 -10.54 -29.81 6.75
N PRO C 133 -10.81 -30.92 7.46
CA PRO C 133 -11.55 -30.89 8.72
C PRO C 133 -10.64 -31.01 9.96
N MET C 134 -9.32 -30.89 9.76
CA MET C 134 -8.36 -31.12 10.84
C MET C 134 -8.25 -29.91 11.75
N GLY C 135 -8.30 -30.14 13.05
CA GLY C 135 -8.00 -29.11 14.03
C GLY C 135 -6.72 -29.42 14.80
N TYR C 136 -6.40 -28.62 15.82
CA TYR C 136 -5.35 -28.93 16.76
C TYR C 136 -5.46 -30.36 17.23
N MET C 137 -4.31 -31.02 17.34
CA MET C 137 -4.29 -32.40 17.78
C MET C 137 -5.14 -33.26 16.87
N LEU C 138 -5.29 -32.80 15.64
CA LEU C 138 -6.12 -33.45 14.61
C LEU C 138 -7.64 -33.35 14.88
N PHE C 139 -8.09 -33.70 16.10
CA PHE C 139 -9.52 -33.87 16.36
C PHE C 139 -10.26 -32.61 16.84
N ASN C 140 -9.53 -31.60 17.30
CA ASN C 140 -10.24 -30.42 17.77
C ASN C 140 -11.18 -29.80 16.71
N GLU C 141 -12.33 -29.29 17.18
CA GLU C 141 -13.45 -28.74 16.40
C GLU C 141 -14.48 -29.80 16.00
N ARG C 142 -14.10 -31.06 16.07
CA ARG C 142 -14.97 -32.19 15.78
C ARG C 142 -15.49 -32.16 14.34
N MET C 143 -14.76 -31.49 13.45
CA MET C 143 -15.18 -31.46 12.05
C MET C 143 -14.95 -32.79 11.30
N LEU C 144 -14.02 -33.63 11.75
CA LEU C 144 -13.86 -34.95 11.13
C LEU C 144 -15.16 -35.76 11.17
N GLU C 145 -16.00 -35.55 12.17
CA GLU C 145 -17.29 -36.25 12.21
C GLU C 145 -18.23 -35.81 11.08
N SER C 146 -18.19 -34.53 10.72
CA SER C 146 -18.94 -34.02 9.58
C SER C 146 -18.40 -34.67 8.28
N TYR C 147 -17.07 -34.78 8.22
CA TYR C 147 -16.39 -35.40 7.09
C TYR C 147 -16.83 -36.85 6.93
N LEU C 148 -16.79 -37.61 8.03
CA LEU C 148 -17.22 -39.01 8.01
C LEU C 148 -18.73 -39.10 7.76
N HIS C 149 -19.46 -38.17 8.35
CA HIS C 149 -20.91 -38.15 8.17
C HIS C 149 -21.28 -38.00 6.72
N ALA C 150 -20.51 -37.18 6.00
CA ALA C 150 -20.74 -36.99 4.55
C ALA C 150 -20.61 -38.27 3.68
N LYS C 151 -20.06 -39.36 4.21
CA LYS C 151 -19.94 -40.58 3.41
C LYS C 151 -21.29 -41.21 3.11
N LYS C 152 -22.36 -40.72 3.73
CA LYS C 152 -23.71 -41.17 3.32
C LYS C 152 -23.92 -40.83 1.85
N TYR C 153 -23.16 -39.84 1.35
CA TYR C 153 -23.24 -39.42 -0.05
C TYR C 153 -22.16 -40.07 -0.94
N LEU C 154 -21.31 -40.90 -0.34
CA LEU C 154 -20.20 -41.51 -1.08
C LEU C 154 -20.57 -42.85 -1.70
N LYS C 155 -20.30 -43.01 -2.99
CA LYS C 155 -20.51 -44.30 -3.63
C LYS C 155 -19.63 -45.36 -2.97
N PRO C 156 -20.07 -46.63 -2.94
CA PRO C 156 -19.09 -47.60 -2.45
C PRO C 156 -17.90 -47.58 -3.42
N SER C 157 -16.72 -47.94 -2.96
CA SER C 157 -15.51 -47.82 -3.79
C SER C 157 -15.27 -46.37 -4.24
N GLY C 158 -15.92 -45.41 -3.59
CA GLY C 158 -15.57 -43.99 -3.72
C GLY C 158 -14.31 -43.71 -2.88
N ASN C 159 -13.78 -42.48 -2.91
CA ASN C 159 -12.57 -42.14 -2.14
C ASN C 159 -12.76 -40.91 -1.23
N MET C 160 -11.79 -40.75 -0.34
CA MET C 160 -11.75 -39.67 0.65
C MET C 160 -10.37 -39.03 0.57
N PHE C 161 -10.36 -37.71 0.44
CA PHE C 161 -9.15 -36.89 0.35
C PHE C 161 -9.25 -35.79 1.40
N PRO C 162 -8.59 -35.94 2.56
CA PRO C 162 -7.61 -37.00 2.88
C PRO C 162 -8.24 -38.36 3.17
N THR C 163 -7.42 -39.39 3.01
CA THR C 163 -7.86 -40.77 3.18
C THR C 163 -7.62 -41.27 4.59
N ILE C 164 -6.48 -40.89 5.16
CA ILE C 164 -6.19 -41.29 6.53
C ILE C 164 -5.60 -40.13 7.28
N GLY C 165 -5.72 -40.22 8.60
CA GLY C 165 -5.16 -39.26 9.54
C GLY C 165 -4.39 -40.00 10.62
N ASP C 166 -3.16 -39.58 10.90
CA ASP C 166 -2.29 -40.12 11.93
C ASP C 166 -2.10 -39.05 13.04
N VAL C 167 -2.53 -39.32 14.26
CA VAL C 167 -2.13 -38.45 15.36
C VAL C 167 -0.87 -39.08 15.99
N HIS C 168 0.13 -38.23 16.23
CA HIS C 168 1.37 -38.66 16.86
C HIS C 168 1.47 -38.10 18.27
N LEU C 169 1.93 -38.95 19.19
CA LEU C 169 2.18 -38.55 20.57
C LEU C 169 3.60 -38.89 20.95
N ALA C 170 4.28 -38.00 21.67
CA ALA C 170 5.62 -38.33 22.18
C ALA C 170 5.90 -37.62 23.50
N PRO C 171 6.63 -38.29 24.39
CA PRO C 171 6.96 -37.66 25.68
C PRO C 171 8.00 -36.55 25.47
N PHE C 172 7.91 -35.46 26.24
CA PHE C 172 8.90 -34.37 26.15
C PHE C 172 9.42 -33.94 27.52
N THR C 173 10.59 -33.31 27.51
CA THR C 173 11.14 -32.62 28.68
C THR C 173 11.24 -31.13 28.35
N ASP C 174 10.69 -30.28 29.21
CA ASP C 174 10.74 -28.83 29.07
C ASP C 174 10.55 -28.19 30.44
N GLU C 175 11.67 -28.10 31.13
CA GLU C 175 11.71 -27.61 32.50
C GLU C 175 11.11 -26.20 32.60
N GLN C 176 11.40 -25.37 31.60
CA GLN C 176 10.94 -23.98 31.59
C GLN C 176 9.44 -23.87 31.41
N LEU C 177 8.89 -24.69 30.51
CA LEU C 177 7.45 -24.70 30.33
C LEU C 177 6.78 -25.15 31.62
N TYR C 178 7.28 -26.22 32.24
CA TYR C 178 6.69 -26.70 33.46
C TYR C 178 6.76 -25.63 34.58
N MET C 179 7.93 -25.02 34.77
N MET C 179 7.92 -25.00 34.77
CA MET C 179 8.14 -24.08 35.87
CA MET C 179 8.09 -24.02 35.85
C MET C 179 7.32 -22.78 35.65
C MET C 179 7.19 -22.83 35.64
N GLU C 180 7.13 -22.41 34.39
CA GLU C 180 6.27 -21.28 33.99
C GLU C 180 4.87 -21.29 34.60
N GLN C 181 4.26 -22.47 34.69
CA GLN C 181 2.93 -22.57 35.22
C GLN C 181 2.94 -22.07 36.68
N PHE C 182 3.93 -22.50 37.47
CA PHE C 182 4.03 -22.07 38.84
C PHE C 182 4.40 -20.59 38.95
N THR C 183 5.30 -20.14 38.08
CA THR C 183 5.69 -18.74 38.10
C THR C 183 4.45 -17.86 37.90
N LYS C 184 3.61 -18.22 36.94
CA LYS C 184 2.37 -17.47 36.76
C LYS C 184 1.42 -17.62 37.93
N ALA C 185 1.22 -18.86 38.39
CA ALA C 185 0.25 -19.06 39.47
C ALA C 185 0.69 -18.39 40.77
N ASN C 186 1.99 -18.26 40.98
CA ASN C 186 2.50 -17.67 42.22
C ASN C 186 2.22 -16.18 42.38
N PHE C 187 1.71 -15.55 41.31
CA PHE C 187 1.13 -14.22 41.45
C PHE C 187 0.16 -14.20 42.61
N TRP C 188 -0.61 -15.27 42.76
CA TRP C 188 -1.60 -15.29 43.82
C TRP C 188 -1.00 -15.56 45.20
N TYR C 189 0.28 -15.96 45.24
CA TYR C 189 0.88 -16.34 46.51
C TYR C 189 1.59 -15.18 47.15
N GLN C 190 0.80 -14.22 47.59
CA GLN C 190 1.34 -13.06 48.27
C GLN C 190 0.32 -12.60 49.31
N PRO C 191 0.80 -12.19 50.51
CA PRO C 191 -0.12 -11.87 51.60
C PRO C 191 -0.70 -10.49 51.57
N SER C 192 -0.18 -9.61 50.73
CA SER C 192 -0.66 -8.24 50.77
C SER C 192 -0.54 -7.58 49.43
N PHE C 193 -1.30 -8.10 48.46
CA PHE C 193 -1.48 -7.43 47.18
C PHE C 193 -2.42 -6.25 47.40
N HIS C 194 -1.88 -5.05 47.41
CA HIS C 194 -2.65 -3.86 47.76
C HIS C 194 -3.46 -4.11 49.00
N GLY C 195 -2.86 -4.80 49.96
CA GLY C 195 -3.52 -5.07 51.22
C GLY C 195 -4.35 -6.33 51.28
N VAL C 196 -4.41 -7.08 50.19
CA VAL C 196 -5.22 -8.30 50.14
C VAL C 196 -4.35 -9.55 50.11
N ASP C 197 -4.69 -10.51 50.97
CA ASP C 197 -4.02 -11.82 50.95
C ASP C 197 -4.66 -12.68 49.84
N LEU C 198 -3.92 -12.92 48.79
CA LEU C 198 -4.41 -13.65 47.63
C LEU C 198 -4.15 -15.14 47.68
N SER C 199 -3.40 -15.59 48.68
CA SER C 199 -2.73 -16.90 48.65
C SER C 199 -3.71 -18.07 48.56
N ALA C 200 -4.93 -17.87 49.08
CA ALA C 200 -5.93 -18.93 49.12
C ALA C 200 -6.34 -19.40 47.72
N LEU C 201 -6.04 -18.60 46.69
CA LEU C 201 -6.42 -18.97 45.32
C LEU C 201 -5.27 -19.56 44.51
N ARG C 202 -4.09 -19.71 45.12
CA ARG C 202 -2.95 -20.18 44.33
C ARG C 202 -3.19 -21.59 43.72
N GLY C 203 -3.70 -22.53 44.50
CA GLY C 203 -3.95 -23.88 44.02
C GLY C 203 -4.92 -23.91 42.84
N ALA C 204 -5.96 -23.11 42.92
CA ALA C 204 -6.95 -23.06 41.85
C ALA C 204 -6.30 -22.49 40.58
N ALA C 205 -5.39 -21.53 40.75
CA ALA C 205 -4.72 -20.92 39.60
C ALA C 205 -3.83 -21.93 38.91
N VAL C 206 -3.08 -22.69 39.71
CA VAL C 206 -2.25 -23.78 39.20
C VAL C 206 -3.08 -24.78 38.42
N ASP C 207 -4.20 -25.22 39.00
CA ASP C 207 -5.08 -26.22 38.35
C ASP C 207 -5.55 -25.73 37.00
N GLU C 208 -5.92 -24.46 36.97
CA GLU C 208 -6.43 -23.84 35.76
C GLU C 208 -5.35 -23.85 34.67
N TYR C 209 -4.12 -23.48 35.02
CA TYR C 209 -3.08 -23.42 33.99
C TYR C 209 -2.84 -24.82 33.42
N PHE C 210 -2.87 -25.82 34.29
CA PHE C 210 -2.53 -27.18 33.88
C PHE C 210 -3.66 -27.82 33.08
N ARG C 211 -4.87 -27.26 33.15
CA ARG C 211 -5.97 -27.79 32.34
C ARG C 211 -5.88 -27.36 30.88
N GLN C 212 -4.96 -26.43 30.58
CA GLN C 212 -4.85 -25.90 29.22
C GLN C 212 -3.79 -26.58 28.40
N PRO C 213 -4.18 -27.23 27.27
CA PRO C 213 -3.13 -27.65 26.34
C PRO C 213 -2.39 -26.46 25.79
N VAL C 214 -1.09 -26.60 25.60
CA VAL C 214 -0.24 -25.52 25.16
C VAL C 214 0.01 -25.60 23.66
N VAL C 215 -0.42 -24.57 22.95
CA VAL C 215 -0.23 -24.53 21.51
C VAL C 215 0.96 -23.66 21.22
N ASP C 216 2.01 -24.29 20.70
CA ASP C 216 3.17 -23.61 20.10
C ASP C 216 4.10 -24.67 19.52
N THR C 217 5.29 -24.26 19.12
CA THR C 217 6.23 -25.20 18.56
C THR C 217 7.42 -25.27 19.50
N PHE C 218 8.35 -26.17 19.16
CA PHE C 218 9.47 -26.47 20.00
C PHE C 218 10.56 -27.16 19.20
N ASP C 219 11.75 -27.13 19.74
CA ASP C 219 12.89 -27.85 19.21
C ASP C 219 12.70 -29.34 19.37
N ILE C 220 12.94 -30.12 18.33
CA ILE C 220 12.71 -31.55 18.41
C ILE C 220 13.61 -32.23 19.43
N ARG C 221 14.65 -31.52 19.90
CA ARG C 221 15.56 -32.12 20.86
C ARG C 221 14.93 -32.27 22.26
N ILE C 222 13.75 -31.69 22.49
CA ILE C 222 13.04 -31.93 23.76
C ILE C 222 12.31 -33.28 23.77
N LEU C 223 12.18 -33.93 22.60
CA LEU C 223 11.45 -35.20 22.50
C LEU C 223 12.32 -36.36 22.97
N MET C 224 11.75 -37.26 23.77
CA MET C 224 12.54 -38.27 24.44
C MET C 224 12.32 -39.70 23.94
N ALA C 225 11.42 -39.86 22.95
CA ALA C 225 11.16 -41.17 22.36
C ALA C 225 10.49 -41.01 21.01
N LYS C 226 10.57 -42.07 20.20
CA LYS C 226 9.88 -42.13 18.95
C LYS C 226 8.38 -41.92 19.25
N SER C 227 7.67 -41.18 18.41
CA SER C 227 6.23 -40.94 18.66
C SER C 227 5.46 -42.25 18.55
N VAL C 228 4.32 -42.28 19.19
CA VAL C 228 3.36 -43.35 18.99
C VAL C 228 2.30 -42.78 18.09
N LYS C 229 1.83 -43.62 17.16
CA LYS C 229 0.92 -43.21 16.10
C LYS C 229 -0.47 -43.82 16.33
N TYR C 230 -1.51 -43.00 16.24
CA TYR C 230 -2.87 -43.54 16.22
C TYR C 230 -3.48 -43.14 14.88
N THR C 231 -3.94 -44.14 14.13
CA THR C 231 -4.37 -43.96 12.74
C THR C 231 -5.89 -44.06 12.62
N VAL C 232 -6.49 -43.07 11.98
CA VAL C 232 -7.90 -43.12 11.60
C VAL C 232 -7.95 -43.26 10.08
N ASN C 233 -8.55 -44.34 9.61
CA ASN C 233 -8.76 -44.55 8.18
C ASN C 233 -10.14 -44.02 7.83
N PHE C 234 -10.16 -42.88 7.16
CA PHE C 234 -11.40 -42.17 6.88
C PHE C 234 -12.29 -42.92 5.91
N LEU C 235 -11.72 -43.82 5.12
CA LEU C 235 -12.54 -44.68 4.26
C LEU C 235 -13.32 -45.73 5.05
N GLU C 236 -12.80 -46.11 6.21
CA GLU C 236 -13.39 -47.20 6.97
C GLU C 236 -14.19 -46.68 8.17
N ALA C 237 -13.75 -45.57 8.75
CA ALA C 237 -14.27 -45.11 10.03
C ALA C 237 -15.72 -44.63 9.96
N LYS C 238 -16.39 -44.74 11.09
CA LYS C 238 -17.73 -44.20 11.28
C LYS C 238 -17.58 -42.98 12.17
N GLU C 239 -18.51 -42.04 12.04
CA GLU C 239 -18.58 -40.88 12.92
C GLU C 239 -18.39 -41.25 14.38
N GLY C 240 -19.12 -42.28 14.81
CA GLY C 240 -19.14 -42.72 16.18
C GLY C 240 -17.80 -43.10 16.73
N ASP C 241 -16.88 -43.46 15.84
CA ASP C 241 -15.53 -43.84 16.25
C ASP C 241 -14.79 -42.65 16.85
N LEU C 242 -15.27 -41.42 16.60
CA LEU C 242 -14.52 -40.26 17.09
C LEU C 242 -15.09 -39.70 18.39
N HIS C 243 -16.12 -40.33 18.94
CA HIS C 243 -16.74 -39.82 20.16
C HIS C 243 -15.89 -40.11 21.39
N ARG C 244 -15.18 -41.22 21.32
CA ARG C 244 -14.27 -41.69 22.35
C ARG C 244 -13.04 -42.28 21.71
N ILE C 245 -11.93 -41.59 21.83
CA ILE C 245 -10.73 -42.04 21.16
C ILE C 245 -9.73 -42.44 22.23
N GLU C 246 -9.43 -43.75 22.30
CA GLU C 246 -8.54 -44.27 23.32
C GLU C 246 -7.21 -44.55 22.68
N ILE C 247 -6.18 -43.83 23.08
CA ILE C 247 -4.88 -43.98 22.46
C ILE C 247 -3.90 -44.57 23.47
N PRO C 248 -3.70 -45.90 23.41
CA PRO C 248 -2.67 -46.44 24.29
C PRO C 248 -1.28 -46.08 23.81
N PHE C 249 -0.33 -46.01 24.72
CA PHE C 249 1.03 -45.79 24.31
C PHE C 249 2.01 -46.53 25.20
N LYS C 250 3.10 -46.94 24.56
CA LYS C 250 4.26 -47.46 25.25
C LYS C 250 5.47 -46.80 24.57
N PHE C 251 6.11 -45.88 25.25
CA PHE C 251 7.27 -45.21 24.71
C PHE C 251 8.53 -45.93 25.17
N HIS C 252 9.42 -46.20 24.22
CA HIS C 252 10.73 -46.74 24.53
C HIS C 252 11.68 -45.55 24.60
N MET C 253 12.08 -45.19 25.81
CA MET C 253 12.81 -43.95 26.03
C MET C 253 14.18 -44.02 25.38
N LEU C 254 14.45 -43.01 24.55
CA LEU C 254 15.71 -42.88 23.85
C LEU C 254 16.70 -42.06 24.68
N HIS C 255 16.14 -41.24 25.57
CA HIS C 255 16.94 -40.36 26.44
C HIS C 255 16.52 -40.47 27.88
N SER C 256 17.48 -40.27 28.76
CA SER C 256 17.23 -40.23 30.18
C SER C 256 16.88 -38.81 30.61
N GLY C 257 15.89 -38.69 31.50
CA GLY C 257 15.53 -37.40 32.06
C GLY C 257 14.13 -37.30 32.63
N LEU C 258 13.74 -36.07 32.97
CA LEU C 258 12.39 -35.81 33.48
C LEU C 258 11.40 -35.57 32.33
N VAL C 259 10.36 -36.38 32.30
CA VAL C 259 9.27 -36.22 31.33
C VAL C 259 8.17 -35.33 31.89
N HIS C 260 7.97 -34.17 31.27
CA HIS C 260 6.99 -33.19 31.77
C HIS C 260 5.62 -33.32 31.14
N GLY C 261 5.53 -34.09 30.06
CA GLY C 261 4.25 -34.27 29.39
C GLY C 261 4.35 -34.93 28.04
N LEU C 262 3.24 -34.81 27.31
CA LEU C 262 3.09 -35.38 25.99
C LEU C 262 2.89 -34.27 24.97
N ALA C 263 3.62 -34.41 23.87
CA ALA C 263 3.54 -33.59 22.67
C ALA C 263 2.70 -34.30 21.65
N PHE C 264 1.93 -33.52 20.93
CA PHE C 264 1.02 -34.01 19.91
C PHE C 264 1.20 -33.29 18.58
N TRP C 265 1.14 -34.07 17.51
CA TRP C 265 1.02 -33.51 16.16
C TRP C 265 0.28 -34.51 15.30
N PHE C 266 0.09 -34.18 14.02
CA PHE C 266 -0.62 -35.10 13.13
C PHE C 266 -0.21 -35.01 11.68
N ASP C 267 -0.41 -36.11 10.97
CA ASP C 267 -0.20 -36.18 9.54
C ASP C 267 -1.51 -36.61 8.90
N VAL C 268 -1.76 -36.21 7.66
CA VAL C 268 -2.81 -36.82 6.86
C VAL C 268 -2.20 -37.27 5.54
N ALA C 269 -2.78 -38.31 4.96
CA ALA C 269 -2.34 -38.82 3.67
C ALA C 269 -3.51 -38.84 2.67
N PHE C 270 -3.20 -38.39 1.45
CA PHE C 270 -4.11 -38.45 0.31
C PHE C 270 -3.69 -39.62 -0.54
N ILE C 271 -4.46 -40.69 -0.45
CA ILE C 271 -4.10 -41.97 -1.10
C ILE C 271 -4.84 -42.07 -2.43
N GLY C 272 -4.18 -41.57 -3.48
CA GLY C 272 -4.77 -41.50 -4.81
C GLY C 272 -4.38 -42.67 -5.69
N SER C 273 -4.94 -42.74 -6.89
CA SER C 273 -4.67 -43.83 -7.80
C SER C 273 -3.25 -43.76 -8.38
N ILE C 274 -2.72 -42.55 -8.48
CA ILE C 274 -1.38 -42.34 -9.02
C ILE C 274 -0.35 -42.30 -7.90
N MET C 275 -0.66 -41.61 -6.81
CA MET C 275 0.31 -41.52 -5.72
C MET C 275 -0.29 -41.09 -4.39
N THR C 276 0.45 -41.37 -3.33
CA THR C 276 0.09 -40.94 -2.00
C THR C 276 0.84 -39.67 -1.65
N VAL C 277 0.10 -38.64 -1.24
CA VAL C 277 0.72 -37.37 -0.86
C VAL C 277 0.45 -37.12 0.62
N TRP C 278 1.50 -36.76 1.37
CA TRP C 278 1.42 -36.53 2.80
C TRP C 278 1.49 -35.05 3.16
N LEU C 279 0.65 -34.69 4.10
CA LEU C 279 0.69 -33.39 4.75
C LEU C 279 0.99 -33.61 6.24
N SER C 280 2.12 -33.07 6.69
CA SER C 280 2.60 -33.26 8.06
C SER C 280 2.68 -31.96 8.88
N THR C 281 2.26 -32.02 10.15
CA THR C 281 2.41 -30.89 11.08
C THR C 281 3.46 -31.22 12.14
N ALA C 282 4.32 -32.20 11.82
CA ALA C 282 5.37 -32.62 12.75
C ALA C 282 6.36 -31.51 13.01
N PRO C 283 7.00 -31.51 14.20
CA PRO C 283 8.00 -30.51 14.58
C PRO C 283 9.29 -30.65 13.79
N THR C 284 9.43 -31.76 13.06
CA THR C 284 10.54 -31.96 12.11
C THR C 284 10.28 -31.32 10.74
N GLU C 285 9.08 -30.78 10.56
CA GLU C 285 8.66 -30.18 9.28
C GLU C 285 8.43 -28.69 9.40
N PRO C 286 8.41 -27.97 8.27
CA PRO C 286 8.10 -26.54 8.33
C PRO C 286 6.79 -26.30 9.12
N LEU C 287 6.76 -25.18 9.84
CA LEU C 287 5.63 -24.84 10.68
C LEU C 287 4.32 -24.60 9.91
N THR C 288 3.21 -25.05 10.49
CA THR C 288 1.88 -24.74 9.94
C THR C 288 1.09 -23.96 10.98
N HIS C 289 -0.10 -23.50 10.58
CA HIS C 289 -0.97 -22.78 11.51
C HIS C 289 -1.56 -23.74 12.57
N TRP C 290 -1.31 -25.05 12.44
CA TRP C 290 -1.72 -25.99 13.50
C TRP C 290 -0.67 -26.07 14.62
N TYR C 291 0.53 -25.57 14.35
CA TYR C 291 1.65 -25.68 15.28
C TYR C 291 1.76 -27.11 15.78
N GLN C 292 2.01 -27.27 17.08
CA GLN C 292 1.90 -28.54 17.77
C GLN C 292 1.22 -28.27 19.09
N VAL C 293 0.88 -29.35 19.81
CA VAL C 293 0.20 -29.22 21.08
C VAL C 293 0.92 -29.99 22.17
N ARG C 294 1.10 -29.36 23.33
CA ARG C 294 1.67 -30.09 24.47
C ARG C 294 0.73 -30.09 25.66
N CYS C 295 0.56 -31.27 26.25
CA CYS C 295 -0.20 -31.48 27.48
C CYS C 295 0.74 -31.88 28.61
N LEU C 296 0.81 -31.05 29.64
CA LEU C 296 1.66 -31.34 30.79
C LEU C 296 1.09 -32.44 31.69
N PHE C 297 1.98 -33.21 32.31
CA PHE C 297 1.65 -34.03 33.49
C PHE C 297 1.65 -33.09 34.68
N GLN C 298 0.86 -33.42 35.69
CA GLN C 298 0.82 -32.60 36.90
C GLN C 298 2.15 -32.66 37.66
N SER C 299 2.81 -33.81 37.57
CA SER C 299 4.12 -34.06 38.15
C SER C 299 4.98 -34.75 37.13
N PRO C 300 6.23 -34.30 36.98
CA PRO C 300 7.04 -34.97 35.97
C PRO C 300 7.44 -36.38 36.37
N LEU C 301 7.76 -37.20 35.38
CA LEU C 301 8.21 -38.58 35.64
C LEU C 301 9.69 -38.77 35.27
N PHE C 302 10.51 -39.33 36.16
CA PHE C 302 11.88 -39.61 35.75
C PHE C 302 11.93 -40.92 34.94
N ALA C 303 12.61 -40.88 33.81
CA ALA C 303 12.78 -42.09 33.02
C ALA C 303 14.21 -42.21 32.53
N LYS C 304 14.72 -43.45 32.51
CA LYS C 304 16.05 -43.73 31.98
C LYS C 304 15.95 -44.12 30.53
N ALA C 305 16.99 -43.84 29.74
CA ALA C 305 17.03 -44.37 28.38
C ALA C 305 16.90 -45.88 28.51
N GLY C 306 16.00 -46.46 27.73
CA GLY C 306 15.73 -47.89 27.81
C GLY C 306 14.51 -48.25 28.65
N ASP C 307 14.06 -47.38 29.55
CA ASP C 307 12.80 -47.61 30.25
C ASP C 307 11.62 -47.53 29.30
N THR C 308 10.48 -48.04 29.74
CA THR C 308 9.27 -47.90 28.97
C THR C 308 8.32 -47.01 29.76
N LEU C 309 7.73 -46.07 29.05
CA LEU C 309 6.72 -45.15 29.60
C LEU C 309 5.39 -45.55 28.98
N SER C 310 4.48 -46.06 29.79
CA SER C 310 3.24 -46.62 29.25
C SER C 310 2.01 -45.97 29.87
N GLY C 311 0.94 -45.96 29.08
CA GLY C 311 -0.32 -45.46 29.57
C GLY C 311 -1.31 -45.20 28.46
N THR C 312 -2.21 -44.27 28.70
CA THR C 312 -3.27 -44.00 27.73
C THR C 312 -3.61 -42.54 27.71
N CYS C 313 -3.93 -42.09 26.50
CA CYS C 313 -4.52 -40.79 26.29
C CYS C 313 -5.94 -41.06 25.82
N LEU C 314 -6.92 -40.66 26.63
CA LEU C 314 -8.33 -40.84 26.29
C LEU C 314 -8.94 -39.50 25.95
N LEU C 315 -9.43 -39.38 24.71
CA LEU C 315 -10.07 -38.15 24.24
C LEU C 315 -11.56 -38.40 24.22
N ILE C 316 -12.28 -37.65 25.04
CA ILE C 316 -13.73 -37.78 25.17
C ILE C 316 -14.36 -36.55 24.58
N ALA C 317 -15.13 -36.75 23.51
CA ALA C 317 -15.77 -35.65 22.81
C ALA C 317 -16.81 -34.98 23.69
N ASN C 318 -16.90 -33.65 23.59
CA ASN C 318 -17.93 -32.93 24.33
C ASN C 318 -18.73 -32.04 23.38
N LYS C 319 -19.80 -31.43 23.88
CA LYS C 319 -20.71 -30.66 23.02
C LYS C 319 -20.23 -29.25 22.71
N ARG C 320 -18.99 -28.94 23.07
CA ARG C 320 -18.41 -27.66 22.72
C ARG C 320 -17.46 -27.88 21.54
N GLN C 321 -17.76 -28.88 20.71
CA GLN C 321 -16.97 -29.14 19.51
C GLN C 321 -15.50 -29.38 19.86
N SER C 322 -15.26 -30.05 20.97
CA SER C 322 -13.90 -30.33 21.34
C SER C 322 -13.87 -31.59 22.19
N TYR C 323 -12.77 -31.76 22.91
CA TYR C 323 -12.51 -32.96 23.67
C TYR C 323 -11.99 -32.62 25.06
N ASP C 324 -12.36 -33.44 26.03
CA ASP C 324 -11.66 -33.54 27.31
C ASP C 324 -10.59 -34.63 27.18
N ILE C 325 -9.38 -34.25 27.55
CA ILE C 325 -8.22 -35.09 27.35
C ILE C 325 -7.83 -35.63 28.70
N SER C 326 -7.80 -36.96 28.80
CA SER C 326 -7.37 -37.61 30.01
C SER C 326 -6.09 -38.38 29.69
N ILE C 327 -5.02 -38.05 30.39
CA ILE C 327 -3.74 -38.70 30.18
C ILE C 327 -3.31 -39.37 31.46
N VAL C 328 -3.02 -40.67 31.36
CA VAL C 328 -2.38 -41.40 32.45
C VAL C 328 -1.10 -42.06 31.94
N ALA C 329 -0.03 -41.91 32.73
CA ALA C 329 1.28 -42.43 32.38
C ALA C 329 2.02 -42.99 33.56
N GLN C 330 2.79 -44.03 33.29
CA GLN C 330 3.67 -44.59 34.29
C GLN C 330 4.97 -45.07 33.68
N VAL C 331 6.03 -44.99 34.50
CA VAL C 331 7.29 -45.61 34.15
C VAL C 331 7.25 -47.04 34.63
N ASP C 332 7.20 -47.98 33.71
CA ASP C 332 6.95 -49.37 34.10
C ASP C 332 8.04 -49.92 35.04
N GLN C 333 9.30 -49.58 34.79
CA GLN C 333 10.42 -50.11 35.59
C GLN C 333 10.45 -49.59 37.02
N THR C 334 9.73 -48.50 37.30
CA THR C 334 9.77 -47.87 38.62
C THR C 334 8.38 -47.74 39.23
N GLY C 335 7.36 -47.85 38.40
CA GLY C 335 6.00 -47.67 38.87
C GLY C 335 5.60 -46.24 39.19
N SER C 336 6.48 -45.29 38.90
CA SER C 336 6.17 -43.88 39.09
C SER C 336 5.07 -43.47 38.07
N LYS C 337 4.01 -42.83 38.57
CA LYS C 337 2.82 -42.58 37.76
C LYS C 337 2.42 -41.12 37.83
N SER C 338 1.90 -40.56 36.74
CA SER C 338 1.28 -39.23 36.81
C SER C 338 0.13 -39.19 35.79
N SER C 339 -0.74 -38.23 36.00
CA SER C 339 -1.84 -38.00 35.08
C SER C 339 -2.08 -36.52 34.79
N ASN C 340 -3.03 -36.23 33.90
CA ASN C 340 -3.61 -34.91 33.82
C ASN C 340 -4.95 -34.99 33.09
N LEU C 341 -5.82 -34.02 33.37
CA LEU C 341 -7.09 -33.86 32.66
C LEU C 341 -7.12 -32.45 32.03
N LEU C 342 -7.32 -32.35 30.72
CA LEU C 342 -7.20 -31.06 30.04
C LEU C 342 -8.44 -30.76 29.21
N ASP C 343 -8.67 -29.47 29.01
CA ASP C 343 -9.79 -28.98 28.21
C ASP C 343 -9.30 -28.40 26.87
N LEU C 344 -9.42 -29.18 25.80
CA LEU C 344 -8.89 -28.78 24.50
C LEU C 344 -9.63 -27.58 23.87
N LYS C 345 -10.82 -27.27 24.36
CA LYS C 345 -11.57 -26.13 23.83
C LYS C 345 -10.92 -24.84 24.26
N ASN C 346 -10.15 -24.86 25.33
CA ASN C 346 -9.53 -23.65 25.87
C ASN C 346 -7.98 -23.76 25.91
N PRO C 347 -7.35 -23.84 24.73
CA PRO C 347 -5.91 -24.03 24.77
C PRO C 347 -5.18 -22.71 25.11
N PHE C 348 -3.93 -22.81 25.55
CA PHE C 348 -3.11 -21.63 25.82
C PHE C 348 -2.20 -21.43 24.59
N PHE C 349 -2.37 -20.32 23.87
CA PHE C 349 -1.51 -20.04 22.72
C PHE C 349 -0.25 -19.34 23.21
N ARG C 350 0.83 -20.11 23.30
CA ARG C 350 2.07 -19.67 23.89
C ARG C 350 3.07 -19.10 22.86
N TYR C 351 2.93 -19.55 21.61
CA TYR C 351 3.82 -19.23 20.49
C TYR C 351 4.15 -17.74 20.32
N THR C 352 5.44 -17.48 20.08
CA THR C 352 5.96 -16.14 19.89
C THR C 352 6.81 -16.06 18.63
N SER D 10 -35.29 -10.45 31.92
CA SER D 10 -34.58 -9.37 32.63
C SER D 10 -33.97 -8.35 31.66
N VAL D 11 -33.63 -7.15 32.14
CA VAL D 11 -33.12 -6.11 31.22
C VAL D 11 -31.82 -6.57 30.57
N PHE D 12 -31.02 -7.36 31.29
CA PHE D 12 -29.76 -7.87 30.74
C PHE D 12 -30.04 -8.84 29.61
N SER D 13 -30.85 -9.86 29.88
CA SER D 13 -31.06 -10.91 28.89
C SER D 13 -31.78 -10.35 27.68
N GLU D 14 -32.61 -9.33 27.90
CA GLU D 14 -33.40 -8.74 26.82
C GLU D 14 -32.48 -8.02 25.82
N ARG D 15 -31.34 -7.53 26.27
CA ARG D 15 -30.44 -6.75 25.41
C ARG D 15 -29.24 -7.59 24.95
N THR D 16 -29.20 -8.85 25.37
CA THR D 16 -28.02 -9.70 25.17
C THR D 16 -28.33 -11.06 24.56
N GLU D 17 -27.73 -11.37 23.40
CA GLU D 17 -27.80 -12.73 22.85
C GLU D 17 -27.14 -13.71 23.84
N GLU D 18 -27.75 -14.86 24.06
CA GLU D 18 -27.20 -15.85 24.99
C GLU D 18 -25.79 -16.32 24.62
N SER D 19 -25.51 -16.58 23.34
CA SER D 19 -24.16 -16.98 22.89
C SER D 19 -23.08 -16.00 23.43
N SER D 20 -23.40 -14.70 23.27
CA SER D 20 -22.50 -13.63 23.71
C SER D 20 -22.35 -13.64 25.23
N ALA D 21 -23.47 -13.73 25.95
CA ALA D 21 -23.39 -13.73 27.43
C ALA D 21 -22.60 -14.93 27.95
N VAL D 22 -22.87 -16.10 27.37
CA VAL D 22 -22.17 -17.30 27.78
C VAL D 22 -20.66 -17.07 27.64
N GLN D 23 -20.24 -16.68 26.45
CA GLN D 23 -18.80 -16.47 26.21
C GLN D 23 -18.21 -15.39 27.14
N TYR D 24 -18.99 -14.33 27.34
CA TYR D 24 -18.55 -13.18 28.14
C TYR D 24 -18.29 -13.60 29.58
N PHE D 25 -19.26 -14.27 30.22
CA PHE D 25 -19.05 -14.61 31.61
C PHE D 25 -18.08 -15.78 31.76
N GLN D 26 -17.99 -16.67 30.76
CA GLN D 26 -16.92 -17.68 30.78
C GLN D 26 -15.56 -17.03 30.82
N PHE D 27 -15.34 -16.02 29.96
CA PHE D 27 -14.06 -15.31 29.93
C PHE D 27 -13.65 -14.79 31.30
N TYR D 28 -14.58 -14.16 31.99
CA TYR D 28 -14.26 -13.58 33.28
C TYR D 28 -14.23 -14.59 34.41
N GLY D 29 -14.62 -15.84 34.13
CA GLY D 29 -14.48 -16.90 35.12
C GLY D 29 -13.05 -17.39 35.33
N TYR D 30 -12.14 -17.01 34.46
CA TYR D 30 -10.75 -17.48 34.55
C TYR D 30 -9.88 -16.64 35.46
N LEU D 31 -9.18 -17.30 36.38
CA LEU D 31 -8.24 -16.61 37.25
C LEU D 31 -7.14 -15.91 36.48
N SER D 32 -6.67 -16.46 35.35
CA SER D 32 -5.57 -15.81 34.60
C SER D 32 -5.99 -14.45 34.08
N GLN D 33 -7.27 -14.32 33.77
CA GLN D 33 -7.76 -13.06 33.27
C GLN D 33 -7.81 -12.01 34.40
N GLN D 34 -8.27 -12.46 35.57
CA GLN D 34 -8.35 -11.57 36.74
C GLN D 34 -6.90 -11.16 37.07
N GLN D 35 -5.97 -12.11 36.98
CA GLN D 35 -4.57 -11.82 37.19
C GLN D 35 -4.04 -10.75 36.23
N ASN D 36 -4.36 -10.89 34.95
CA ASN D 36 -4.01 -9.87 33.96
C ASN D 36 -4.57 -8.48 34.32
N MET D 37 -5.83 -8.38 34.70
CA MET D 37 -6.35 -7.04 35.11
C MET D 37 -5.73 -6.50 36.40
N MET D 38 -5.54 -7.38 37.37
CA MET D 38 -5.00 -6.95 38.65
C MET D 38 -3.59 -6.37 38.49
N GLN D 39 -2.84 -6.90 37.51
CA GLN D 39 -1.47 -6.49 37.25
C GLN D 39 -1.38 -5.21 36.42
N ASP D 40 -2.51 -4.66 36.03
CA ASP D 40 -2.51 -3.30 35.48
C ASP D 40 -2.37 -2.38 36.71
N TYR D 41 -1.17 -1.94 37.02
CA TYR D 41 -0.93 -1.22 38.28
C TYR D 41 -1.51 0.20 38.28
N VAL D 42 -1.49 0.83 37.12
CA VAL D 42 -2.14 2.14 36.99
C VAL D 42 -3.62 2.02 37.40
N ARG D 43 -4.30 1.03 36.81
CA ARG D 43 -5.71 0.79 37.13
C ARG D 43 -5.94 0.46 38.62
N THR D 44 -5.25 -0.57 39.10
CA THR D 44 -5.52 -1.11 40.42
C THR D 44 -5.13 -0.08 41.48
N GLY D 45 -3.93 0.49 41.29
CA GLY D 45 -3.44 1.52 42.22
C GLY D 45 -4.29 2.79 42.19
N THR D 46 -4.80 3.17 41.00
CA THR D 46 -5.59 4.38 40.93
C THR D 46 -6.93 4.16 41.62
N TYR D 47 -7.53 2.99 41.42
CA TYR D 47 -8.76 2.67 42.14
C TYR D 47 -8.55 2.67 43.67
N GLN D 48 -7.44 2.05 44.10
CA GLN D 48 -7.19 2.02 45.51
C GLN D 48 -7.00 3.44 46.05
N ARG D 49 -6.23 4.28 45.37
CA ARG D 49 -6.07 5.69 45.80
C ARG D 49 -7.43 6.42 45.83
N ALA D 50 -8.24 6.25 44.78
CA ALA D 50 -9.56 6.91 44.72
C ALA D 50 -10.40 6.54 45.92
N ILE D 51 -10.38 5.25 46.28
CA ILE D 51 -11.21 4.81 47.41
C ILE D 51 -10.61 5.18 48.78
N LEU D 52 -9.32 4.91 49.00
CA LEU D 52 -8.74 5.19 50.34
C LEU D 52 -8.59 6.69 50.61
N GLN D 53 -8.24 7.50 49.60
CA GLN D 53 -8.07 8.92 49.86
C GLN D 53 -9.43 9.60 50.06
N ASN D 54 -10.50 8.93 49.60
CA ASN D 54 -11.86 9.37 49.94
C ASN D 54 -12.52 8.39 50.97
N HIS D 55 -11.78 8.04 52.01
CA HIS D 55 -12.23 7.05 52.97
C HIS D 55 -13.53 7.47 53.67
N THR D 56 -13.79 8.77 53.78
CA THR D 56 -15.05 9.24 54.40
C THR D 56 -16.31 8.95 53.56
N ASP D 57 -16.16 8.71 52.25
CA ASP D 57 -17.32 8.30 51.44
C ASP D 57 -17.67 6.81 51.63
N PHE D 58 -16.84 6.12 52.43
CA PHE D 58 -16.97 4.67 52.65
C PHE D 58 -17.15 4.36 54.14
N LYS D 59 -16.59 5.20 55.01
CA LYS D 59 -16.63 4.93 56.46
C LYS D 59 -18.05 4.70 56.98
N ASP D 60 -18.28 3.52 57.55
CA ASP D 60 -19.57 3.08 58.09
C ASP D 60 -20.72 3.13 57.08
N LYS D 61 -20.39 3.05 55.79
CA LYS D 61 -21.37 3.08 54.72
C LYS D 61 -21.70 1.69 54.17
N ILE D 62 -22.82 1.64 53.47
CA ILE D 62 -23.27 0.47 52.74
C ILE D 62 -22.86 0.64 51.29
N VAL D 63 -22.21 -0.37 50.73
CA VAL D 63 -21.62 -0.27 49.42
C VAL D 63 -22.14 -1.36 48.47
N LEU D 64 -22.33 -1.01 47.21
CA LEU D 64 -22.55 -2.02 46.18
C LEU D 64 -21.39 -2.03 45.20
N ASP D 65 -20.79 -3.19 45.01
CA ASP D 65 -19.74 -3.40 44.01
C ASP D 65 -20.33 -4.16 42.82
N VAL D 66 -20.53 -3.47 41.71
CA VAL D 66 -21.16 -4.06 40.54
C VAL D 66 -20.14 -4.80 39.67
N GLY D 67 -20.20 -6.14 39.63
CA GLY D 67 -19.25 -6.93 38.87
C GLY D 67 -17.91 -7.03 39.58
N CYS D 68 -17.89 -7.68 40.75
CA CYS D 68 -16.76 -7.54 41.68
C CYS D 68 -15.54 -8.34 41.27
N GLY D 69 -15.74 -9.29 40.36
CA GLY D 69 -14.66 -10.14 39.89
C GLY D 69 -14.06 -10.83 41.11
N SER D 70 -12.75 -10.69 41.27
CA SER D 70 -11.99 -11.25 42.40
C SER D 70 -12.36 -10.59 43.74
N GLY D 71 -12.98 -9.42 43.68
CA GLY D 71 -13.44 -8.73 44.87
C GLY D 71 -12.55 -7.56 45.26
N ILE D 72 -11.52 -7.31 44.47
CA ILE D 72 -10.46 -6.35 44.85
C ILE D 72 -11.05 -4.96 45.26
N LEU D 73 -12.04 -4.45 44.52
CA LEU D 73 -12.61 -3.13 44.85
C LEU D 73 -13.39 -3.17 46.18
N SER D 74 -14.02 -4.30 46.45
CA SER D 74 -14.73 -4.51 47.72
C SER D 74 -13.74 -4.56 48.90
N PHE D 75 -12.58 -5.20 48.69
CA PHE D 75 -11.51 -5.17 49.70
C PHE D 75 -11.01 -3.74 49.92
N PHE D 76 -10.87 -2.95 48.85
CA PHE D 76 -10.52 -1.54 49.04
C PHE D 76 -11.60 -0.79 49.83
N ALA D 77 -12.88 -1.03 49.54
CA ALA D 77 -13.98 -0.42 50.31
C ALA D 77 -13.92 -0.82 51.79
N ALA D 78 -13.60 -2.09 52.04
CA ALA D 78 -13.48 -2.56 53.41
C ALA D 78 -12.30 -1.88 54.10
N GLN D 79 -11.19 -1.70 53.40
CA GLN D 79 -10.00 -1.01 53.99
C GLN D 79 -10.37 0.43 54.39
N ALA D 80 -11.23 1.03 53.59
CA ALA D 80 -11.65 2.41 53.79
C ALA D 80 -12.73 2.53 54.88
N GLY D 81 -13.14 1.41 55.45
CA GLY D 81 -14.05 1.42 56.59
C GLY D 81 -15.53 1.13 56.32
N ALA D 82 -15.88 0.63 55.14
CA ALA D 82 -17.29 0.33 54.86
C ALA D 82 -17.88 -0.66 55.87
N ARG D 83 -19.13 -0.43 56.25
CA ARG D 83 -19.81 -1.31 57.20
C ARG D 83 -20.29 -2.61 56.53
N LYS D 84 -20.77 -2.50 55.30
CA LYS D 84 -21.30 -3.64 54.58
C LYS D 84 -21.15 -3.40 53.09
N ILE D 85 -20.61 -4.41 52.40
CA ILE D 85 -20.37 -4.32 50.97
C ILE D 85 -21.04 -5.50 50.29
N TYR D 86 -21.96 -5.20 49.40
CA TYR D 86 -22.62 -6.20 48.57
C TYR D 86 -21.86 -6.27 47.27
N ALA D 87 -21.26 -7.41 47.06
CA ALA D 87 -20.38 -7.61 45.92
C ALA D 87 -21.06 -8.55 44.93
N VAL D 88 -21.61 -7.99 43.86
CA VAL D 88 -22.36 -8.78 42.89
C VAL D 88 -21.46 -9.24 41.71
N GLU D 89 -21.53 -10.53 41.38
CA GLU D 89 -20.71 -11.07 40.30
C GLU D 89 -21.42 -12.22 39.62
N ALA D 90 -21.56 -12.14 38.30
CA ALA D 90 -22.38 -13.10 37.54
C ALA D 90 -21.61 -14.32 37.07
N SER D 91 -20.29 -14.21 36.94
CA SER D 91 -19.46 -15.35 36.51
C SER D 91 -19.10 -16.24 37.69
N THR D 92 -18.48 -17.37 37.40
CA THR D 92 -18.03 -18.26 38.47
C THR D 92 -16.87 -17.67 39.32
N MET D 93 -16.30 -16.54 38.90
CA MET D 93 -15.33 -15.84 39.71
C MET D 93 -15.92 -15.56 41.09
N ALA D 94 -17.24 -15.45 41.16
CA ALA D 94 -17.92 -15.21 42.44
C ALA D 94 -17.48 -16.24 43.50
N GLN D 95 -17.26 -17.48 43.07
CA GLN D 95 -16.88 -18.50 44.05
C GLN D 95 -15.45 -18.18 44.58
N HIS D 96 -14.61 -17.61 43.72
CA HIS D 96 -13.22 -17.35 44.12
C HIS D 96 -13.17 -16.11 45.00
N ALA D 97 -14.04 -15.14 44.70
CA ALA D 97 -14.13 -13.96 45.54
C ALA D 97 -14.54 -14.34 46.97
N GLU D 98 -15.48 -15.27 47.09
CA GLU D 98 -15.93 -15.67 48.44
C GLU D 98 -14.78 -16.36 49.22
N VAL D 99 -13.97 -17.17 48.55
CA VAL D 99 -12.80 -17.79 49.19
C VAL D 99 -11.87 -16.73 49.77
N LEU D 100 -11.67 -15.65 49.03
CA LEU D 100 -10.81 -14.56 49.51
C LEU D 100 -11.42 -13.79 50.66
N VAL D 101 -12.74 -13.62 50.63
CA VAL D 101 -13.43 -12.93 51.70
C VAL D 101 -13.21 -13.71 52.99
N LYS D 102 -13.34 -15.03 52.91
CA LYS D 102 -13.10 -15.86 54.09
C LYS D 102 -11.62 -15.91 54.50
N SER D 103 -10.70 -16.06 53.55
CA SER D 103 -9.30 -16.17 53.95
C SER D 103 -8.78 -14.84 54.47
N ASN D 104 -9.44 -13.73 54.11
CA ASN D 104 -9.06 -12.41 54.65
C ASN D 104 -9.91 -12.00 55.86
N ASN D 105 -10.69 -12.92 56.41
CA ASN D 105 -11.52 -12.63 57.60
C ASN D 105 -12.38 -11.37 57.51
N LEU D 106 -13.04 -11.21 56.37
CA LEU D 106 -13.92 -10.06 56.10
C LEU D 106 -15.37 -10.50 55.86
N THR D 107 -15.73 -11.65 56.41
CA THR D 107 -17.08 -12.21 56.21
C THR D 107 -18.15 -11.32 56.81
N ASP D 108 -17.77 -10.54 57.83
CA ASP D 108 -18.72 -9.61 58.45
C ASP D 108 -18.97 -8.37 57.60
N ARG D 109 -18.15 -8.12 56.58
CA ARG D 109 -18.29 -6.89 55.81
C ARG D 109 -18.46 -7.05 54.29
N ILE D 110 -17.92 -8.09 53.69
CA ILE D 110 -18.10 -8.28 52.26
C ILE D 110 -19.04 -9.45 52.08
N VAL D 111 -20.14 -9.20 51.38
CA VAL D 111 -21.14 -10.22 51.07
C VAL D 111 -21.19 -10.42 49.57
N VAL D 112 -20.72 -11.57 49.13
CA VAL D 112 -20.76 -11.88 47.70
C VAL D 112 -22.16 -12.32 47.32
N ILE D 113 -22.71 -11.71 46.29
CA ILE D 113 -24.05 -12.06 45.80
C ILE D 113 -23.89 -12.58 44.37
N PRO D 114 -23.92 -13.90 44.19
CA PRO D 114 -23.76 -14.39 42.82
C PRO D 114 -24.98 -14.09 41.96
N GLY D 115 -24.72 -13.64 40.74
CA GLY D 115 -25.77 -13.35 39.77
C GLY D 115 -25.55 -12.04 39.03
N LYS D 116 -26.44 -11.76 38.09
CA LYS D 116 -26.40 -10.50 37.33
C LYS D 116 -27.04 -9.39 38.16
N VAL D 117 -26.43 -8.21 38.13
CA VAL D 117 -26.90 -7.10 38.94
C VAL D 117 -28.34 -6.71 38.53
N GLU D 118 -28.74 -7.08 37.31
CA GLU D 118 -30.09 -6.81 36.81
C GLU D 118 -31.13 -7.79 37.36
N GLU D 119 -30.67 -8.84 38.05
CA GLU D 119 -31.54 -9.95 38.39
C GLU D 119 -31.57 -10.29 39.89
N VAL D 120 -30.52 -9.95 40.62
CA VAL D 120 -30.45 -10.36 42.04
C VAL D 120 -31.28 -9.43 42.95
N SER D 121 -31.56 -9.88 44.16
CA SER D 121 -32.22 -9.04 45.18
C SER D 121 -31.21 -8.68 46.27
N LEU D 122 -31.17 -7.40 46.59
CA LEU D 122 -30.33 -6.89 47.68
C LEU D 122 -31.19 -6.60 48.92
N PRO D 123 -30.64 -6.75 50.13
CA PRO D 123 -31.51 -6.57 51.31
C PRO D 123 -31.84 -5.11 51.62
N GLU D 124 -31.01 -4.17 51.15
CA GLU D 124 -31.18 -2.74 51.47
C GLU D 124 -30.57 -1.83 50.40
N GLN D 125 -30.94 -0.56 50.44
CA GLN D 125 -30.37 0.46 49.58
C GLN D 125 -28.95 0.79 50.05
N VAL D 126 -28.12 1.31 49.12
CA VAL D 126 -26.70 1.52 49.42
C VAL D 126 -26.35 3.01 49.32
N ASP D 127 -25.27 3.38 50.01
CA ASP D 127 -24.78 4.75 50.02
C ASP D 127 -23.94 5.07 48.78
N ILE D 128 -23.30 4.05 48.23
CA ILE D 128 -22.33 4.28 47.16
C ILE D 128 -22.18 3.03 46.31
N ILE D 129 -22.04 3.27 45.02
CA ILE D 129 -21.78 2.19 44.07
C ILE D 129 -20.35 2.27 43.56
N ILE D 130 -19.65 1.14 43.58
CA ILE D 130 -18.35 1.05 42.94
C ILE D 130 -18.33 -0.04 41.87
N SER D 131 -17.55 0.21 40.83
CA SER D 131 -17.44 -0.68 39.70
C SER D 131 -16.27 -0.26 38.81
N GLU D 132 -15.84 -1.21 38.01
CA GLU D 132 -14.97 -0.97 36.90
C GLU D 132 -15.65 -1.50 35.66
N PRO D 133 -16.56 -0.72 35.11
CA PRO D 133 -17.36 -1.15 33.96
C PRO D 133 -16.87 -0.66 32.59
N MET D 134 -15.68 -0.04 32.55
CA MET D 134 -15.17 0.57 31.33
C MET D 134 -14.59 -0.50 30.45
N GLY D 135 -14.94 -0.49 29.17
CA GLY D 135 -14.30 -1.36 28.19
C GLY D 135 -13.47 -0.54 27.22
N TYR D 136 -12.94 -1.18 26.17
CA TYR D 136 -12.31 -0.43 25.06
C TYR D 136 -13.20 0.68 24.63
N MET D 137 -12.60 1.84 24.34
CA MET D 137 -13.37 2.95 23.85
C MET D 137 -14.46 3.37 24.85
N LEU D 138 -14.23 3.02 26.12
CA LEU D 138 -15.12 3.19 27.27
C LEU D 138 -16.35 2.28 27.21
N PHE D 139 -17.05 2.24 26.08
CA PHE D 139 -18.38 1.66 26.04
C PHE D 139 -18.44 0.18 25.70
N ASN D 140 -17.35 -0.38 25.18
CA ASN D 140 -17.36 -1.79 24.81
C ASN D 140 -17.69 -2.69 26.00
N GLU D 141 -18.42 -3.77 25.72
CA GLU D 141 -18.93 -4.75 26.71
C GLU D 141 -20.26 -4.37 27.34
N ARG D 142 -20.65 -3.09 27.18
CA ARG D 142 -21.93 -2.60 27.68
C ARG D 142 -22.14 -2.72 29.16
N MET D 143 -21.04 -2.79 29.91
CA MET D 143 -21.17 -2.93 31.33
C MET D 143 -21.59 -1.60 32.01
N LEU D 144 -21.39 -0.48 31.32
CA LEU D 144 -21.86 0.79 31.87
C LEU D 144 -23.37 0.79 32.10
N GLU D 145 -24.09 0.06 31.27
CA GLU D 145 -25.51 -0.05 31.43
C GLU D 145 -25.89 -0.85 32.68
N SER D 146 -25.09 -1.85 33.01
CA SER D 146 -25.33 -2.59 34.25
C SER D 146 -25.05 -1.66 35.43
N TYR D 147 -23.96 -0.91 35.32
CA TYR D 147 -23.59 0.07 36.35
C TYR D 147 -24.70 1.11 36.58
N LEU D 148 -25.23 1.68 35.50
CA LEU D 148 -26.33 2.61 35.63
C LEU D 148 -27.60 1.94 36.12
N HIS D 149 -27.84 0.71 35.66
CA HIS D 149 -29.03 -0.05 36.10
C HIS D 149 -29.02 -0.24 37.61
N ALA D 150 -27.84 -0.52 38.15
CA ALA D 150 -27.68 -0.71 39.61
C ALA D 150 -28.09 0.51 40.45
N LYS D 151 -28.32 1.68 39.84
CA LYS D 151 -28.74 2.83 40.62
C LYS D 151 -30.12 2.65 41.23
N LYS D 152 -30.87 1.64 40.80
CA LYS D 152 -32.12 1.35 41.48
C LYS D 152 -31.88 1.03 42.95
N TYR D 153 -30.64 0.66 43.27
CA TYR D 153 -30.26 0.33 44.64
C TYR D 153 -29.59 1.49 45.37
N LEU D 154 -29.47 2.63 44.71
CA LEU D 154 -28.75 3.76 45.28
C LEU D 154 -29.69 4.68 46.04
N LYS D 155 -29.35 4.97 47.27
CA LYS D 155 -30.13 5.95 48.03
C LYS D 155 -30.10 7.30 47.34
N PRO D 156 -31.12 8.10 47.54
CA PRO D 156 -31.03 9.47 46.99
C PRO D 156 -29.77 10.17 47.50
N SER D 157 -29.11 10.90 46.61
CA SER D 157 -27.87 11.60 46.94
C SER D 157 -26.73 10.62 47.29
N GLY D 158 -26.86 9.35 46.90
CA GLY D 158 -25.75 8.43 47.02
C GLY D 158 -24.70 8.80 45.97
N ASN D 159 -23.54 8.16 46.03
CA ASN D 159 -22.45 8.49 45.12
C ASN D 159 -22.07 7.30 44.23
N MET D 160 -21.32 7.60 43.18
CA MET D 160 -20.83 6.57 42.26
C MET D 160 -19.34 6.73 41.95
N PHE D 161 -18.65 5.61 42.04
CA PHE D 161 -17.22 5.55 41.88
C PHE D 161 -16.91 4.50 40.82
N PRO D 162 -16.62 4.93 39.59
CA PRO D 162 -16.38 6.30 39.11
C PRO D 162 -17.67 7.11 38.96
N THR D 163 -17.51 8.43 38.96
CA THR D 163 -18.63 9.37 38.94
C THR D 163 -18.95 9.87 37.54
N ILE D 164 -17.89 10.18 36.77
CA ILE D 164 -18.07 10.58 35.37
C ILE D 164 -17.05 9.86 34.47
N GLY D 165 -17.40 9.80 33.18
CA GLY D 165 -16.57 9.27 32.12
C GLY D 165 -16.43 10.24 30.94
N ASP D 166 -15.20 10.46 30.52
CA ASP D 166 -14.90 11.32 29.39
C ASP D 166 -14.36 10.44 28.29
N VAL D 167 -15.06 10.42 27.16
CA VAL D 167 -14.50 9.85 25.93
C VAL D 167 -13.86 10.96 25.13
N HIS D 168 -12.61 10.73 24.71
CA HIS D 168 -11.85 11.65 23.87
C HIS D 168 -11.69 11.06 22.49
N LEU D 169 -11.86 11.94 21.49
CA LEU D 169 -11.58 11.61 20.10
C LEU D 169 -10.73 12.68 19.44
N ALA D 170 -9.78 12.24 18.60
CA ALA D 170 -8.95 13.15 17.86
C ALA D 170 -8.47 12.56 16.53
N PRO D 171 -8.34 13.39 15.49
CA PRO D 171 -7.85 12.84 14.20
C PRO D 171 -6.37 12.47 14.25
N PHE D 172 -5.98 11.42 13.56
CA PHE D 172 -4.56 11.07 13.51
C PHE D 172 -4.08 10.81 12.09
N THR D 173 -2.78 10.92 11.91
CA THR D 173 -2.10 10.50 10.69
C THR D 173 -1.18 9.32 11.01
N ASP D 174 -1.30 8.23 10.25
CA ASP D 174 -0.43 7.06 10.41
C ASP D 174 -0.47 6.20 9.15
N GLU D 175 0.35 6.57 8.17
CA GLU D 175 0.42 5.91 6.89
C GLU D 175 0.76 4.43 7.04
N GLN D 176 1.64 4.10 7.99
CA GLN D 176 2.10 2.71 8.16
C GLN D 176 1.00 1.77 8.61
N LEU D 177 0.17 2.20 9.55
CA LEU D 177 -0.97 1.41 9.99
C LEU D 177 -1.96 1.19 8.82
N TYR D 178 -2.23 2.30 8.14
CA TYR D 178 -3.14 2.28 7.03
C TYR D 178 -2.65 1.28 6.01
N MET D 179 -1.38 1.37 5.61
CA MET D 179 -0.87 0.46 4.59
C MET D 179 -0.79 -0.97 5.13
N GLU D 180 -0.55 -1.15 6.42
CA GLU D 180 -0.61 -2.50 7.02
C GLU D 180 -1.99 -3.16 6.80
N GLN D 181 -3.05 -2.41 7.12
CA GLN D 181 -4.40 -2.97 6.92
C GLN D 181 -4.76 -3.14 5.44
N PHE D 182 -4.38 -2.14 4.64
CA PHE D 182 -4.63 -2.19 3.21
C PHE D 182 -3.91 -3.40 2.60
N THR D 183 -2.66 -3.62 3.04
CA THR D 183 -1.84 -4.74 2.59
C THR D 183 -2.50 -6.05 2.95
N LYS D 184 -3.02 -6.18 4.17
CA LYS D 184 -3.75 -7.40 4.48
C LYS D 184 -4.92 -7.57 3.51
N ALA D 185 -5.67 -6.50 3.24
CA ALA D 185 -6.82 -6.65 2.34
C ALA D 185 -6.42 -6.98 0.90
N ASN D 186 -5.29 -6.49 0.44
CA ASN D 186 -4.89 -6.71 -0.96
C ASN D 186 -4.56 -8.17 -1.32
N PHE D 187 -4.50 -9.04 -0.33
CA PHE D 187 -4.46 -10.48 -0.60
C PHE D 187 -5.58 -10.88 -1.56
N TRP D 188 -6.74 -10.28 -1.35
CA TRP D 188 -7.95 -10.57 -2.10
C TRP D 188 -7.98 -9.85 -3.43
N TYR D 189 -6.87 -9.20 -3.77
CA TYR D 189 -6.65 -8.55 -5.05
C TYR D 189 -6.09 -9.55 -6.07
N GLN D 190 -5.46 -10.62 -5.60
CA GLN D 190 -4.76 -11.57 -6.49
C GLN D 190 -5.60 -12.17 -7.61
N PRO D 191 -5.10 -12.11 -8.86
CA PRO D 191 -5.89 -12.69 -9.94
C PRO D 191 -5.65 -14.19 -10.11
N SER D 192 -4.63 -14.72 -9.43
CA SER D 192 -4.23 -16.11 -9.66
C SER D 192 -3.54 -16.69 -8.44
N PHE D 193 -4.26 -16.73 -7.33
CA PHE D 193 -3.83 -17.43 -6.13
C PHE D 193 -3.97 -18.95 -6.32
N HIS D 194 -2.84 -19.63 -6.46
CA HIS D 194 -2.83 -21.05 -6.85
C HIS D 194 -3.76 -21.24 -8.07
N GLY D 195 -3.74 -20.29 -8.99
CA GLY D 195 -4.56 -20.39 -10.19
C GLY D 195 -5.98 -19.87 -10.07
N VAL D 196 -6.34 -19.34 -8.90
CA VAL D 196 -7.71 -18.87 -8.63
C VAL D 196 -7.79 -17.36 -8.58
N ASP D 197 -8.76 -16.81 -9.30
CA ASP D 197 -8.97 -15.36 -9.28
C ASP D 197 -9.75 -14.93 -8.03
N LEU D 198 -9.09 -14.24 -7.11
CA LEU D 198 -9.75 -13.83 -5.89
C LEU D 198 -10.37 -12.42 -5.97
N SER D 199 -10.05 -11.65 -7.03
CA SER D 199 -10.26 -10.20 -7.01
C SER D 199 -11.73 -9.74 -6.82
N ALA D 200 -12.68 -10.58 -7.20
CA ALA D 200 -14.08 -10.21 -7.05
C ALA D 200 -14.43 -9.97 -5.56
N LEU D 201 -13.59 -10.47 -4.66
CA LEU D 201 -13.83 -10.29 -3.22
C LEU D 201 -13.01 -9.17 -2.58
N ARG D 202 -12.21 -8.44 -3.36
CA ARG D 202 -11.35 -7.42 -2.73
C ARG D 202 -12.17 -6.37 -1.96
N GLY D 203 -13.26 -5.90 -2.53
CA GLY D 203 -14.08 -4.92 -1.85
C GLY D 203 -14.60 -5.44 -0.51
N ALA D 204 -15.05 -6.69 -0.48
CA ALA D 204 -15.57 -7.26 0.77
C ALA D 204 -14.45 -7.37 1.80
N ALA D 205 -13.26 -7.69 1.33
CA ALA D 205 -12.13 -7.87 2.22
C ALA D 205 -11.74 -6.52 2.82
N VAL D 206 -11.65 -5.50 1.99
CA VAL D 206 -11.35 -4.13 2.49
C VAL D 206 -12.38 -3.71 3.54
N ASP D 207 -13.66 -3.90 3.25
CA ASP D 207 -14.68 -3.55 4.24
C ASP D 207 -14.46 -4.27 5.53
N GLU D 208 -14.20 -5.57 5.46
CA GLU D 208 -14.08 -6.36 6.66
C GLU D 208 -12.90 -5.86 7.48
N TYR D 209 -11.76 -5.65 6.83
CA TYR D 209 -10.56 -5.24 7.56
C TYR D 209 -10.68 -3.86 8.19
N PHE D 210 -11.30 -2.94 7.48
CA PHE D 210 -11.38 -1.58 7.94
C PHE D 210 -12.50 -1.40 8.95
N ARG D 211 -13.35 -2.41 9.09
CA ARG D 211 -14.37 -2.43 10.15
C ARG D 211 -13.78 -2.72 11.52
N GLN D 212 -12.51 -3.12 11.57
CA GLN D 212 -11.88 -3.53 12.83
C GLN D 212 -11.21 -2.33 13.49
N PRO D 213 -11.67 -1.94 14.69
CA PRO D 213 -10.90 -0.91 15.39
C PRO D 213 -9.54 -1.45 15.77
N VAL D 214 -8.54 -0.58 15.74
CA VAL D 214 -7.18 -0.99 16.07
C VAL D 214 -6.84 -0.63 17.53
N VAL D 215 -6.57 -1.66 18.32
CA VAL D 215 -6.24 -1.50 19.74
C VAL D 215 -4.74 -1.56 19.90
N ASP D 216 -4.15 -0.44 20.27
CA ASP D 216 -2.75 -0.39 20.65
C ASP D 216 -2.48 1.01 21.10
N THR D 217 -1.21 1.33 21.31
CA THR D 217 -0.87 2.67 21.68
C THR D 217 -0.09 3.26 20.53
N PHE D 218 0.22 4.54 20.65
CA PHE D 218 0.91 5.28 19.62
C PHE D 218 1.57 6.54 20.22
N ASP D 219 2.52 7.11 19.49
CA ASP D 219 3.16 8.38 19.86
C ASP D 219 2.15 9.52 19.68
N ILE D 220 2.07 10.43 20.64
CA ILE D 220 1.08 11.49 20.59
C ILE D 220 1.28 12.45 19.41
N ARG D 221 2.45 12.42 18.78
CA ARG D 221 2.69 13.31 17.65
C ARG D 221 1.96 12.88 16.38
N ILE D 222 1.30 11.73 16.37
CA ILE D 222 0.45 11.38 15.22
C ILE D 222 -0.89 12.13 15.26
N LEU D 223 -1.24 12.74 16.39
CA LEU D 223 -2.53 13.46 16.54
C LEU D 223 -2.46 14.82 15.87
N MET D 224 -3.51 15.16 15.11
N MET D 224 -3.50 15.17 15.11
CA MET D 224 -3.48 16.31 14.22
CA MET D 224 -3.45 16.34 14.24
C MET D 224 -4.33 17.47 14.72
C MET D 224 -4.35 17.48 14.72
N ALA D 225 -5.00 17.27 15.86
CA ALA D 225 -5.85 18.30 16.44
C ALA D 225 -6.10 18.00 17.90
N LYS D 226 -6.44 19.00 18.68
CA LYS D 226 -6.84 18.81 20.07
C LYS D 226 -8.09 17.92 20.11
N SER D 227 -8.15 17.03 21.09
CA SER D 227 -9.26 16.10 21.19
C SER D 227 -10.55 16.82 21.52
N VAL D 228 -11.65 16.20 21.12
CA VAL D 228 -13.00 16.57 21.50
C VAL D 228 -13.45 15.58 22.57
N LYS D 229 -14.23 16.08 23.53
CA LYS D 229 -14.63 15.37 24.75
C LYS D 229 -16.15 15.10 24.75
N TYR D 230 -16.54 13.87 25.01
CA TYR D 230 -17.94 13.52 25.24
C TYR D 230 -18.05 12.98 26.65
N THR D 231 -18.87 13.60 27.46
CA THR D 231 -18.92 13.30 28.88
C THR D 231 -20.21 12.59 29.27
N VAL D 232 -20.08 11.47 29.96
CA VAL D 232 -21.22 10.84 30.62
C VAL D 232 -21.10 11.02 32.14
N ASN D 233 -22.13 11.63 32.74
CA ASN D 233 -22.28 11.77 34.18
C ASN D 233 -23.09 10.59 34.73
N PHE D 234 -22.40 9.68 35.41
CA PHE D 234 -23.02 8.43 35.82
C PHE D 234 -24.07 8.64 36.91
N LEU D 235 -24.01 9.75 37.61
CA LEU D 235 -25.00 10.08 38.62
C LEU D 235 -26.33 10.46 37.97
N GLU D 236 -26.26 11.00 36.75
CA GLU D 236 -27.47 11.52 36.06
C GLU D 236 -27.94 10.58 34.92
N ALA D 237 -27.01 9.87 34.30
CA ALA D 237 -27.38 9.13 33.11
C ALA D 237 -28.30 7.93 33.43
N LYS D 238 -29.12 7.58 32.44
CA LYS D 238 -29.96 6.38 32.45
C LYS D 238 -29.34 5.36 31.50
N GLU D 239 -29.51 4.07 31.76
CA GLU D 239 -28.96 3.05 30.88
C GLU D 239 -29.43 3.26 29.44
N GLY D 240 -30.69 3.63 29.25
CA GLY D 240 -31.22 3.86 27.91
C GLY D 240 -30.39 4.91 27.16
N ASP D 241 -29.69 5.80 27.87
CA ASP D 241 -28.89 6.84 27.22
C ASP D 241 -27.75 6.23 26.45
N LEU D 242 -27.35 5.00 26.78
CA LEU D 242 -26.19 4.43 26.15
C LEU D 242 -26.53 3.53 24.97
N HIS D 243 -27.79 3.47 24.58
CA HIS D 243 -28.21 2.61 23.48
C HIS D 243 -27.86 3.20 22.13
N ARG D 244 -27.90 4.52 22.06
CA ARG D 244 -27.59 5.27 20.85
C ARG D 244 -26.84 6.52 21.29
N ILE D 245 -25.54 6.55 21.02
CA ILE D 245 -24.65 7.60 21.50
C ILE D 245 -24.19 8.38 20.30
N GLU D 246 -24.60 9.64 20.24
CA GLU D 246 -24.26 10.53 19.12
C GLU D 246 -23.25 11.58 19.58
N ILE D 247 -22.05 11.51 19.01
CA ILE D 247 -20.92 12.38 19.38
C ILE D 247 -20.56 13.29 18.22
N PRO D 248 -21.08 14.52 18.24
CA PRO D 248 -20.69 15.45 17.17
C PRO D 248 -19.26 15.95 17.42
N PHE D 249 -18.56 16.33 16.36
CA PHE D 249 -17.22 16.90 16.53
C PHE D 249 -16.89 17.93 15.47
N LYS D 250 -16.08 18.91 15.91
CA LYS D 250 -15.47 19.94 15.09
C LYS D 250 -14.03 20.09 15.56
N PHE D 251 -13.12 19.61 14.72
CA PHE D 251 -11.70 19.67 15.00
C PHE D 251 -11.10 20.86 14.27
N HIS D 252 -10.30 21.61 15.01
CA HIS D 252 -9.52 22.67 14.38
C HIS D 252 -8.10 22.14 14.13
N MET D 253 -7.81 21.86 12.87
CA MET D 253 -6.61 21.11 12.50
C MET D 253 -5.36 21.91 12.84
N LEU D 254 -4.41 21.30 13.54
CA LEU D 254 -3.17 21.96 13.95
C LEU D 254 -2.02 21.67 12.98
N HIS D 255 -2.13 20.59 12.23
CA HIS D 255 -1.09 20.21 11.28
C HIS D 255 -1.74 19.88 9.94
N SER D 256 -1.00 20.10 8.86
CA SER D 256 -1.45 19.72 7.52
C SER D 256 -1.06 18.27 7.24
N GLY D 257 -1.92 17.55 6.53
CA GLY D 257 -1.60 16.18 6.16
C GLY D 257 -2.82 15.31 5.94
N LEU D 258 -2.53 14.02 5.84
CA LEU D 258 -3.55 13.00 5.75
C LEU D 258 -4.08 12.59 7.09
N VAL D 259 -5.40 12.68 7.22
CA VAL D 259 -6.12 12.15 8.34
C VAL D 259 -6.55 10.74 7.93
N HIS D 260 -5.99 9.74 8.62
CA HIS D 260 -6.25 8.33 8.35
C HIS D 260 -7.37 7.79 9.23
N GLY D 261 -7.78 8.54 10.24
CA GLY D 261 -8.87 8.09 11.08
C GLY D 261 -8.98 8.89 12.36
N LEU D 262 -9.77 8.34 13.28
CA LEU D 262 -9.98 8.98 14.57
C LEU D 262 -9.43 8.05 15.65
N ALA D 263 -8.71 8.63 16.61
CA ALA D 263 -8.24 7.93 17.81
C ALA D 263 -9.14 8.26 18.98
N PHE D 264 -9.35 7.22 19.79
CA PHE D 264 -10.23 7.26 20.94
C PHE D 264 -9.52 6.81 22.20
N TRP D 265 -9.84 7.52 23.27
CA TRP D 265 -9.45 7.07 24.59
C TRP D 265 -10.44 7.61 25.60
N PHE D 266 -10.25 7.30 26.88
CA PHE D 266 -11.17 7.80 27.89
C PHE D 266 -10.51 8.02 29.25
N ASP D 267 -11.13 8.93 30.00
CA ASP D 267 -10.82 9.20 31.39
C ASP D 267 -12.05 8.89 32.24
N VAL D 268 -11.86 8.45 33.46
CA VAL D 268 -12.96 8.48 34.44
C VAL D 268 -12.48 9.25 35.68
N ALA D 269 -13.42 9.88 36.35
CA ALA D 269 -13.14 10.59 37.60
C ALA D 269 -13.98 10.06 38.73
N PHE D 270 -13.28 9.85 39.82
CA PHE D 270 -13.85 9.51 41.10
C PHE D 270 -13.93 10.81 41.89
N ILE D 271 -15.14 11.36 41.96
CA ILE D 271 -15.35 12.67 42.58
C ILE D 271 -15.80 12.47 44.03
N GLY D 272 -14.82 12.36 44.91
CA GLY D 272 -15.10 12.07 46.29
C GLY D 272 -15.16 13.33 47.11
N SER D 273 -15.56 13.16 48.36
CA SER D 273 -15.71 14.27 49.27
C SER D 273 -14.36 14.90 49.64
N ILE D 274 -13.29 14.11 49.65
CA ILE D 274 -11.98 14.62 50.06
C ILE D 274 -11.22 15.10 48.84
N MET D 275 -11.27 14.33 47.75
CA MET D 275 -10.60 14.75 46.52
C MET D 275 -11.14 14.05 45.27
N THR D 276 -10.87 14.66 44.13
CA THR D 276 -11.22 14.07 42.86
C THR D 276 -10.00 13.33 42.33
N VAL D 277 -10.18 12.05 42.00
CA VAL D 277 -9.09 11.23 41.47
C VAL D 277 -9.43 10.79 40.09
N TRP D 278 -8.48 10.95 39.17
CA TRP D 278 -8.68 10.63 37.76
C TRP D 278 -7.92 9.36 37.35
N LEU D 279 -8.59 8.54 36.57
CA LEU D 279 -7.96 7.40 35.94
C LEU D 279 -8.04 7.67 34.44
N SER D 280 -6.88 7.81 33.80
CA SER D 280 -6.78 8.22 32.38
C SER D 280 -6.15 7.13 31.52
N THR D 281 -6.68 6.89 30.32
CA THR D 281 -6.07 5.95 29.36
C THR D 281 -5.54 6.70 28.14
N ALA D 282 -5.32 8.01 28.31
CA ALA D 282 -4.78 8.88 27.27
C ALA D 282 -3.36 8.47 26.86
N PRO D 283 -2.97 8.73 25.58
CA PRO D 283 -1.62 8.39 25.09
C PRO D 283 -0.53 9.24 25.70
N THR D 284 -0.94 10.31 26.36
CA THR D 284 -0.03 11.15 27.13
C THR D 284 0.25 10.56 28.52
N GLU D 285 -0.46 9.51 28.86
CA GLU D 285 -0.36 8.91 30.18
C GLU D 285 0.22 7.51 30.11
N PRO D 286 0.70 7.01 31.25
CA PRO D 286 1.22 5.64 31.21
C PRO D 286 0.16 4.66 30.67
N LEU D 287 0.66 3.67 29.95
CA LEU D 287 -0.15 2.68 29.27
C LEU D 287 -0.93 1.87 30.28
N THR D 288 -2.17 1.53 29.90
CA THR D 288 -3.05 0.63 30.64
C THR D 288 -3.46 -0.53 29.76
N HIS D 289 -4.19 -1.49 30.33
CA HIS D 289 -4.65 -2.65 29.54
C HIS D 289 -5.79 -2.24 28.56
N TRP D 290 -6.29 -1.02 28.65
CA TRP D 290 -7.25 -0.48 27.68
C TRP D 290 -6.57 0.11 26.44
N TYR D 291 -5.28 0.39 26.55
CA TYR D 291 -4.51 1.02 25.49
C TYR D 291 -5.25 2.24 24.95
N GLN D 292 -5.22 2.40 23.63
CA GLN D 292 -6.11 3.33 22.96
C GLN D 292 -6.74 2.62 21.76
N VAL D 293 -7.72 3.27 21.13
CA VAL D 293 -8.42 2.65 20.02
C VAL D 293 -8.44 3.57 18.83
N ARG D 294 -8.14 3.02 17.65
CA ARG D 294 -8.19 3.81 16.45
C ARG D 294 -9.13 3.21 15.43
N CYS D 295 -9.93 4.09 14.85
CA CYS D 295 -10.82 3.74 13.76
C CYS D 295 -10.27 4.36 12.48
N LEU D 296 -9.87 3.47 11.57
CA LEU D 296 -9.34 3.85 10.26
C LEU D 296 -10.41 4.22 9.27
N PHE D 297 -10.10 5.20 8.43
CA PHE D 297 -10.88 5.45 7.22
C PHE D 297 -10.37 4.53 6.11
N GLN D 298 -11.27 4.06 5.26
CA GLN D 298 -10.85 3.28 4.10
C GLN D 298 -10.02 4.15 3.18
N SER D 299 -10.30 5.45 3.17
CA SER D 299 -9.53 6.40 2.37
C SER D 299 -9.20 7.63 3.23
N PRO D 300 -7.92 8.01 3.33
CA PRO D 300 -7.65 9.18 4.18
C PRO D 300 -8.16 10.50 3.60
N LEU D 301 -8.33 11.48 4.46
CA LEU D 301 -8.80 12.82 4.08
C LEU D 301 -7.62 13.77 4.15
N PHE D 302 -7.40 14.58 3.13
CA PHE D 302 -6.37 15.60 3.21
C PHE D 302 -6.89 16.84 3.90
N ALA D 303 -6.13 17.36 4.85
CA ALA D 303 -6.48 18.62 5.48
C ALA D 303 -5.26 19.50 5.68
N LYS D 304 -5.46 20.81 5.56
CA LYS D 304 -4.47 21.81 5.90
C LYS D 304 -4.64 22.32 7.33
N ALA D 305 -3.54 22.71 7.94
CA ALA D 305 -3.56 23.39 9.23
C ALA D 305 -4.53 24.55 9.10
N GLY D 306 -5.42 24.70 10.08
CA GLY D 306 -6.38 25.79 10.06
C GLY D 306 -7.72 25.34 9.54
N ASP D 307 -7.76 24.24 8.82
CA ASP D 307 -9.05 23.68 8.39
C ASP D 307 -9.84 23.19 9.58
N THR D 308 -11.13 23.01 9.37
CA THR D 308 -11.96 22.35 10.37
C THR D 308 -12.44 21.01 9.82
N LEU D 309 -12.34 19.99 10.67
CA LEU D 309 -12.80 18.64 10.36
C LEU D 309 -14.04 18.35 11.20
N SER D 310 -15.18 18.20 10.53
CA SER D 310 -16.48 18.15 11.18
C SER D 310 -17.19 16.87 10.90
N GLY D 311 -18.00 16.44 11.86
CA GLY D 311 -18.85 15.30 11.62
C GLY D 311 -19.45 14.73 12.86
N THR D 312 -19.74 13.44 12.80
CA THR D 312 -20.41 12.75 13.89
C THR D 312 -19.90 11.33 14.01
N CYS D 313 -19.74 10.92 15.27
CA CYS D 313 -19.45 9.55 15.62
C CYS D 313 -20.73 9.02 16.31
N LEU D 314 -21.37 8.04 15.69
CA LEU D 314 -22.61 7.44 16.16
C LEU D 314 -22.33 6.01 16.63
N LEU D 315 -22.57 5.74 17.90
CA LEU D 315 -22.37 4.40 18.48
C LEU D 315 -23.72 3.80 18.77
N ILE D 316 -24.06 2.71 18.10
CA ILE D 316 -25.32 2.03 18.31
C ILE D 316 -25.07 0.70 19.07
N ALA D 317 -25.66 0.56 20.25
CA ALA D 317 -25.43 -0.64 21.05
C ALA D 317 -26.09 -1.85 20.41
N ASN D 318 -25.40 -3.00 20.42
CA ASN D 318 -25.92 -4.20 19.79
C ASN D 318 -26.06 -5.34 20.79
N LYS D 319 -26.68 -6.43 20.34
CA LYS D 319 -27.00 -7.52 21.29
C LYS D 319 -25.80 -8.46 21.58
N ARG D 320 -24.64 -8.15 21.03
CA ARG D 320 -23.40 -8.85 21.33
C ARG D 320 -22.54 -8.04 22.31
N GLN D 321 -23.22 -7.25 23.12
CA GLN D 321 -22.58 -6.48 24.20
C GLN D 321 -21.49 -5.57 23.68
N SER D 322 -21.70 -5.02 22.50
CA SER D 322 -20.72 -4.10 21.91
C SER D 322 -21.46 -3.05 21.08
N TYR D 323 -20.74 -2.40 20.19
CA TYR D 323 -21.32 -1.28 19.44
C TYR D 323 -21.02 -1.37 17.97
N ASP D 324 -21.99 -0.94 17.17
CA ASP D 324 -21.78 -0.64 15.78
C ASP D 324 -21.40 0.85 15.71
N ILE D 325 -20.29 1.15 15.08
CA ILE D 325 -19.73 2.51 15.04
C ILE D 325 -19.93 3.07 13.67
N SER D 326 -20.50 4.26 13.61
CA SER D 326 -20.57 5.01 12.38
C SER D 326 -19.78 6.31 12.56
N ILE D 327 -18.78 6.55 11.71
CA ILE D 327 -18.04 7.80 11.75
C ILE D 327 -18.20 8.47 10.42
N VAL D 328 -18.74 9.68 10.44
CA VAL D 328 -18.85 10.50 9.24
C VAL D 328 -18.08 11.77 9.51
N ALA D 329 -17.17 12.13 8.60
CA ALA D 329 -16.28 13.28 8.77
C ALA D 329 -16.06 14.02 7.46
N GLN D 330 -15.97 15.33 7.55
CA GLN D 330 -15.67 16.09 6.36
C GLN D 330 -14.73 17.25 6.66
N VAL D 331 -13.90 17.57 5.68
CA VAL D 331 -13.09 18.77 5.73
C VAL D 331 -13.94 19.89 5.20
N ASP D 332 -14.34 20.81 6.08
CA ASP D 332 -15.37 21.79 5.73
C ASP D 332 -14.96 22.67 4.58
N GLN D 333 -13.69 23.03 4.51
CA GLN D 333 -13.20 23.93 3.48
C GLN D 333 -13.20 23.34 2.04
N THR D 334 -13.21 22.02 1.91
CA THR D 334 -13.12 21.40 0.58
C THR D 334 -14.30 20.48 0.26
N GLY D 335 -15.08 20.16 1.28
CA GLY D 335 -16.17 19.21 1.10
C GLY D 335 -15.71 17.76 1.00
N SER D 336 -14.45 17.48 1.31
CA SER D 336 -13.96 16.10 1.29
C SER D 336 -14.58 15.34 2.45
N LYS D 337 -15.26 14.25 2.15
CA LYS D 337 -16.11 13.58 3.12
C LYS D 337 -15.76 12.09 3.19
N SER D 338 -15.87 11.54 4.40
CA SER D 338 -15.64 10.12 4.65
C SER D 338 -16.75 9.59 5.56
N SER D 339 -17.21 8.39 5.25
CA SER D 339 -18.27 7.73 6.02
C SER D 339 -17.69 6.37 6.28
N ASN D 340 -17.73 5.92 7.52
CA ASN D 340 -17.16 4.63 7.85
C ASN D 340 -17.95 3.92 8.91
N LEU D 341 -17.93 2.60 8.81
CA LEU D 341 -18.64 1.70 9.71
C LEU D 341 -17.68 0.72 10.36
N LEU D 342 -17.74 0.60 11.69
CA LEU D 342 -16.85 -0.31 12.41
C LEU D 342 -17.60 -1.19 13.37
N ASP D 343 -17.05 -2.38 13.59
CA ASP D 343 -17.61 -3.34 14.54
C ASP D 343 -16.64 -3.51 15.69
N LEU D 344 -16.98 -2.83 16.77
CA LEU D 344 -16.16 -2.81 17.94
C LEU D 344 -16.05 -4.22 18.53
N LYS D 345 -16.92 -5.13 18.10
CA LYS D 345 -16.89 -6.52 18.55
C LYS D 345 -15.71 -7.30 17.94
N ASN D 346 -15.17 -6.85 16.81
CA ASN D 346 -14.05 -7.58 16.18
C ASN D 346 -12.78 -6.73 16.09
N PRO D 347 -12.21 -6.36 17.25
CA PRO D 347 -11.05 -5.46 17.17
C PRO D 347 -9.78 -6.14 16.72
N PHE D 348 -8.86 -5.33 16.20
CA PHE D 348 -7.51 -5.80 15.86
C PHE D 348 -6.51 -5.40 16.94
N PHE D 349 -6.06 -6.40 17.70
CA PHE D 349 -5.05 -6.20 18.73
C PHE D 349 -3.67 -6.18 18.12
N ARG D 350 -3.11 -4.99 17.93
CA ARG D 350 -1.85 -4.81 17.21
C ARG D 350 -0.61 -4.79 18.12
C11 6D2 E . -3.22 22.99 -16.67
C10 6D2 E . -3.42 21.69 -17.50
C2 6D2 E . -9.14 21.27 -25.51
C6 6D2 E . -7.54 22.75 -26.33
C5 6D2 E . -6.70 22.49 -25.24
C4 6D2 E . -7.16 21.60 -24.32
C14 6D2 E . -0.38 24.03 -16.10
C12 6D2 E . -2.55 24.11 -17.45
C8 6D2 E . -5.19 22.31 -23.68
N6 6D2 E . -7.10 23.65 -27.30
N1 6D2 E . -8.74 22.13 -26.42
N3 6D2 E . -8.37 20.99 -24.45
ND 6D2 E . -4.79 21.27 -17.71
CG 6D2 E . -5.73 21.54 -16.60
CB 6D2 E . -6.75 20.39 -16.50
CA 6D2 E . -7.98 20.67 -15.58
C 6D2 E . -7.60 21.09 -14.19
O 6D2 E . -7.79 22.32 -13.79
N 6D2 E . -8.80 21.71 -16.05
C5' 6D2 E . -5.25 21.83 -18.98
C4' 6D2 E . -5.94 20.75 -19.91
C3' 6D2 E . -5.10 19.66 -20.43
C2' 6D2 E . -5.04 19.76 -21.92
O2' 6D2 E . -5.09 18.48 -22.53
C1' 6D2 E . -6.28 20.66 -22.19
N9 6D2 E . -6.16 21.46 -23.38
N7 6D2 E . -5.46 22.93 -24.85
O4' 6D2 E . -6.33 21.54 -21.04
O3' 6D2 E . -5.78 18.47 -20.03
N10 6D2 E . -0.95 23.68 -14.79
N11 6D2 E . 0.96 24.18 -16.15
N12 6D2 E . -1.12 24.21 -17.30
OXT 6D2 E . -7.14 20.22 -13.44
H112 6D2 E . -4.11 23.31 -16.35
H111 6D2 E . -2.68 22.79 -15.90
H102 6D2 E . -3.00 21.79 -18.35
H101 6D2 E . -2.98 20.97 -17.01
H21 6D2 E . -10.01 20.84 -25.61
H122 6D2 E . -2.74 23.96 -18.42
H121 6D2 E . -2.97 24.97 -17.19
H81 6D2 E . -4.35 22.42 -23.17
H61 6D2 E . -7.34 23.54 -28.18
H62 6D2 E . -6.54 24.38 -27.05
HG3 6D2 E . -6.21 22.37 -16.79
HG2 6D2 E . -5.25 21.62 -15.76
HB2 6D2 E . -7.09 20.20 -17.39
HB3 6D2 E . -6.31 19.61 -16.17
HA 6D2 E . -8.49 19.88 -15.52
H 6D2 E . -8.83 21.68 -16.97
H2 6D2 E . -9.64 21.61 -15.71
H5'1 6D2 E . -4.45 22.21 -19.49
H5'2 6D2 E . -5.86 22.53 -18.81
H4'1 6D2 E . -6.73 20.37 -19.45
H3'1 6D2 E . -4.18 19.69 -20.04
H2'1 6D2 E . -4.25 20.22 -22.19
H2'2 6D2 E . -5.72 18.47 -23.19
H1'1 6D2 E . -7.09 20.13 -22.23
H3'2 6D2 E . -6.05 18.02 -20.73
H104 6D2 E . -0.42 23.59 -14.08
H113 6D2 E . 1.47 24.06 -15.39
H123 6D2 E . -0.62 24.43 -18.07
C1 EDO F . 6.56 31.79 2.03
O1 EDO F . 7.21 32.87 2.62
C2 EDO F . 7.57 31.13 1.09
O2 EDO F . 7.16 29.79 0.98
H11 EDO F . 5.79 32.11 1.51
H12 EDO F . 6.27 31.16 2.69
HO1 EDO F . 6.77 33.13 3.31
H21 EDO F . 7.54 31.56 0.21
H22 EDO F . 8.45 31.18 1.47
HO2 EDO F . 7.83 29.31 0.78
C1 PGE G . 3.72 23.41 -16.20
O1 PGE G . 3.85 23.26 -14.80
C2 PGE G . 4.89 22.79 -16.99
O2 PGE G . 4.39 21.73 -17.76
C3 PGE G . 4.69 21.73 -19.13
C4 PGE G . 3.86 20.62 -19.82
O4 PGE G . 5.45 18.18 -23.20
C6 PGE G . 4.71 19.38 -23.15
C5 PGE G . 3.92 19.40 -21.85
O3 PGE G . 4.04 20.63 -21.21
H1 PGE G . 2.90 22.97 -16.48
H12 PGE G . 3.67 24.35 -16.41
HO1 PGE G . 3.25 23.72 -14.42
H2 PGE G . 5.28 23.46 -17.56
H22 PGE G . 5.56 22.46 -16.37
H3 PGE G . 5.63 21.54 -19.27
H32 PGE G . 4.48 22.59 -19.53
H4 PGE G . 4.13 19.76 -19.46
H42 PGE G . 2.92 20.77 -19.62
HO4 PGE G . 5.75 18.07 -23.99
H6 PGE G . 5.31 20.14 -23.18
H62 PGE G . 4.11 19.42 -23.91
H5 PGE G . 4.25 18.70 -21.27
H52 PGE G . 2.98 19.22 -22.05
C1 EDO H . 4.55 22.31 -5.23
O1 EDO H . 3.46 21.49 -4.92
C2 EDO H . 5.85 21.61 -4.89
O2 EDO H . 6.42 22.22 -3.77
H11 EDO H . 4.48 23.14 -4.72
H12 EDO H . 4.53 22.52 -6.18
HO1 EDO H . 3.06 21.25 -5.63
H21 EDO H . 6.46 21.67 -5.65
H22 EDO H . 5.67 20.67 -4.70
HO2 EDO H . 7.05 21.74 -3.47
C4 DXE I . -1.83 38.12 -3.66
O2 DXE I . -2.26 38.92 -4.73
C3 DXE I . -2.21 40.30 -4.49
C2 DXE I . -3.34 40.98 -5.23
O1 DXE I . -3.96 41.91 -4.37
C1 DXE I . -4.16 43.19 -4.91
H41 DXE I . -0.89 38.25 -3.50
H42 DXE I . -2.33 38.35 -2.86
H43 DXE I . -2.00 37.18 -3.88
H31 DXE I . -1.36 40.64 -4.80
H32 DXE I . -2.30 40.46 -3.54
H21 DXE I . -3.99 40.33 -5.51
H22 DXE I . -2.99 41.45 -6.01
H11 DXE I . -4.67 43.12 -5.73
H12 DXE I . -4.64 43.73 -4.27
H13 DXE I . -3.30 43.60 -5.09
C1 PEG J . -18.02 21.72 -1.61
O1 PEG J . -19.16 20.97 -1.33
C2 PEG J . -17.42 22.33 -0.33
O2 PEG J . -18.05 23.56 -0.04
C3 PEG J . -17.31 24.45 0.77
C4 PEG J . -18.20 25.57 1.36
O4 PEG J . -19.05 26.13 0.38
H11 PEG J . -17.36 21.15 -2.03
H12 PEG J . -18.25 22.44 -2.23
HO1 PEG J . -19.41 20.55 -2.02
H21 PEG J . -16.48 22.48 -0.46
H22 PEG J . -17.55 21.72 0.40
H31 PEG J . -16.60 24.85 0.25
H32 PEG J . -16.90 23.94 1.51
H41 PEG J . -18.74 25.21 2.08
H42 PEG J . -17.62 26.27 1.72
HO4 PEG J . -19.73 26.46 0.75
C11 6D2 K . 22.09 6.63 -27.80
C10 6D2 K . 23.43 7.41 -27.77
C2 6D2 K . 21.49 8.86 -37.70
C6 6D2 K . 19.73 7.44 -37.18
C5 6D2 K . 19.91 7.69 -35.79
C4 6D2 K . 20.89 8.58 -35.42
C14 6D2 K . 21.35 5.83 -24.56
C12 6D2 K . 22.16 5.47 -26.87
C8 6D2 K . 19.92 7.84 -33.60
N6 6D2 K . 18.72 6.57 -37.62
N1 6D2 K . 20.53 8.03 -38.09
N3 6D2 K . 21.66 9.16 -36.38
ND 6D2 K . 23.77 8.25 -28.92
CG 6D2 K . 25.05 7.86 -29.47
CB 6D2 K . 25.94 9.06 -29.25
CA 6D2 K . 27.37 8.97 -29.82
C 6D2 K . 28.17 9.66 -28.78
O 6D2 K . 29.03 9.01 -28.07
N 6D2 K . 27.91 7.70 -30.03
C5' 6D2 K . 22.81 8.18 -30.01
C4' 6D2 K . 23.05 9.21 -31.20
C3' 6D2 K . 22.19 10.44 -31.14
C2' 6D2 K . 21.12 10.27 -32.17
O2' 6D2 K . 20.77 11.47 -32.76
C1' 6D2 K . 21.82 9.42 -33.24
N9 6D2 K . 20.85 8.68 -34.05
N7 6D2 K . 19.32 7.25 -34.66
O4' 6D2 K . 22.62 8.49 -32.42
O3' 6D2 K . 22.97 11.57 -31.54
N10 6D2 K . 22.71 6.18 -24.14
N11 6D2 K . 20.33 5.83 -23.67
N12 6D2 K . 21.10 5.49 -25.90
OXT 6D2 K . 27.94 10.88 -28.63
H112 6D2 K . 21.91 6.31 -28.73
H111 6D2 K . 21.37 7.23 -27.53
H102 6D2 K . 23.43 7.98 -26.99
H101 6D2 K . 24.14 6.77 -27.65
H21 6D2 K . 22.03 9.29 -38.37
H122 6D2 K . 22.10 4.62 -27.40
H121 6D2 K . 23.02 5.49 -26.39
H81 6D2 K . 19.67 7.71 -32.65
H61 6D2 K . 18.71 6.26 -38.48
H62 6D2 K . 18.02 6.31 -37.02
HG3 6D2 K . 24.98 7.66 -30.43
HG2 6D2 K . 25.41 7.09 -28.99
HB2 6D2 K . 25.99 9.25 -28.29
HB3 6D2 K . 25.52 9.80 -29.68
HA 6D2 K . 27.41 9.47 -30.62
H 6D2 K . 28.61 7.78 -30.63
H2 6D2 K . 27.28 7.16 -30.37
H5'1 6D2 K . 22.82 7.23 -30.40
H5'2 6D2 K . 21.96 8.34 -29.65
H4'1 6D2 K . 23.99 9.47 -31.24
H3'1 6D2 K . 21.80 10.57 -30.22
H2'1 6D2 K . 20.35 9.83 -31.82
H2'2 6D2 K . 21.52 11.89 -33.07
H1'1 6D2 K . 22.40 9.96 -33.80
H3'2 6D2 K . 23.42 11.38 -32.28
H104 6D2 K . 23.38 6.18 -24.74
H113 6D2 K . 20.49 6.05 -22.78
H123 6D2 K . 20.22 5.26 -26.17
O1 PE8 L . 26.18 -0.67 -52.47
C2 PE8 L . 25.64 -0.66 -51.18
C3 PE8 L . 24.99 0.71 -50.94
O4 PE8 L . 23.61 0.52 -50.89
C5 PE8 L . 22.85 1.52 -50.28
C6 PE8 L . 22.13 2.30 -51.38
O7 PE8 L . 21.64 3.51 -50.86
C8 PE8 L . 21.07 4.32 -51.85
C9 PE8 L . 20.60 5.66 -51.26
O10 PE8 L . 20.27 5.50 -49.92
C11 PE8 L . 18.96 5.09 -49.66
C12 PE8 L . 18.04 6.32 -49.63
O13 PE8 L . 16.89 6.04 -48.85
C14 PE8 L . 15.70 6.74 -49.20
C15 PE8 L . 15.16 7.57 -48.01
O16 PE8 L . 14.24 8.56 -48.43
C17 PE8 L . 14.00 9.73 -47.65
C18 PE8 L . 15.32 10.51 -47.46
O19 PE8 L . 15.20 11.89 -47.66
C20 PE8 L . 16.18 12.68 -47.03
C21 PE8 L . 17.45 12.76 -47.89
O22 PE8 L . 18.62 12.43 -47.16
C23 PE8 L . 18.90 13.17 -45.98
C24 PE8 L . 19.31 12.23 -44.84
O25 PE8 L . 18.38 12.12 -43.76
HO1 PE8 L . 26.58 -1.41 -52.60
H21 PE8 L . 26.34 -0.81 -50.54
H22 PE8 L . 24.97 -1.35 -51.10
H31 PE8 L . 25.30 1.07 -50.10
H32 PE8 L . 25.22 1.32 -51.66
H51 PE8 L . 23.43 2.11 -49.78
H52 PE8 L . 22.20 1.12 -49.68
H61 PE8 L . 22.75 2.49 -52.10
H62 PE8 L . 21.39 1.77 -51.72
H81 PE8 L . 21.72 4.48 -52.54
H82 PE8 L . 20.30 3.86 -52.23
H91 PE8 L . 19.82 5.96 -51.76
H92 PE8 L . 21.32 6.30 -51.35
H111 PE8 L . 18.66 4.48 -50.37
H112 PE8 L . 18.92 4.64 -48.81
H121 PE8 L . 18.53 7.06 -49.24
H122 PE8 L . 17.78 6.54 -50.54
H141 PE8 L . 15.03 6.10 -49.47
H142 PE8 L . 15.89 7.34 -49.94
H151 PE8 L . 15.91 8.00 -47.57
H152 PE8 L . 14.73 6.97 -47.38
H171 PE8 L . 13.65 9.47 -46.78
H172 PE8 L . 13.36 10.30 -48.11
H181 PE8 L . 15.64 10.36 -46.56
H182 PE8 L . 15.97 10.16 -48.08
H201 PE8 L . 15.83 13.57 -46.89
H202 PE8 L . 16.41 12.29 -46.17
H211 PE8 L . 17.54 13.67 -48.23
H212 PE8 L . 17.37 12.15 -48.64
H231 PE8 L . 19.62 13.80 -46.16
H232 PE8 L . 18.11 13.67 -45.72
H241 PE8 L . 19.44 11.34 -45.21
H242 PE8 L . 20.17 12.53 -44.48
H25 PE8 L . 17.86 11.46 -43.89
C4 DXE M . 15.70 8.78 -24.28
O2 DXE M . 15.36 9.01 -25.63
C3 DXE M . 15.11 10.33 -26.01
C2 DXE M . 13.67 10.51 -26.53
O1 DXE M . 13.11 11.68 -26.00
C1 DXE M . 12.63 11.50 -24.68
H41 DXE M . 15.74 7.83 -24.10
H42 DXE M . 16.56 9.19 -24.10
H43 DXE M . 15.02 9.19 -23.71
H31 DXE M . 15.73 10.57 -26.72
H32 DXE M . 15.25 10.92 -25.26
H21 DXE M . 13.15 9.75 -26.27
H22 DXE M . 13.69 10.59 -27.50
H11 DXE M . 11.90 10.87 -24.68
H12 DXE M . 13.34 11.18 -24.12
H13 DXE M . 12.31 12.36 -24.33
C1 PEG N . 30.59 -9.23 -18.43
O1 PEG N . 30.74 -9.13 -17.05
C2 PEG N . 30.09 -10.62 -18.79
O2 PEG N . 31.08 -11.20 -19.56
C3 PEG N . 31.07 -12.58 -19.66
C4 PEG N . 32.49 -12.97 -20.06
O4 PEG N . 33.02 -13.77 -19.05
H11 PEG N . 31.44 -9.07 -18.86
H12 PEG N . 29.95 -8.57 -18.74
HO1 PEG N . 31.56 -9.16 -16.85
H21 PEG N . 29.95 -11.14 -17.99
H22 PEG N . 29.27 -10.56 -19.29
H31 PEG N . 30.43 -12.87 -20.34
H32 PEG N . 30.84 -12.98 -18.80
H41 PEG N . 32.46 -13.47 -20.90
H42 PEG N . 33.02 -12.17 -20.17
HO4 PEG N . 33.85 -13.60 -18.97
C11 6D2 O . -11.15 -26.24 8.85
C10 6D2 O . -11.02 -24.93 7.99
C2 6D2 O . -20.74 -27.41 6.58
C6 6D2 O . -20.44 -28.49 8.61
C5 6D2 O . -19.22 -27.77 8.81
C4 6D2 O . -18.81 -26.87 7.85
C14 6D2 O . -8.47 -25.63 11.06
C12 6D2 O . -9.81 -26.77 9.30
C8 6D2 O . -17.31 -26.82 9.45
N6 6D2 O . -20.88 -29.41 9.58
N1 6D2 O . -21.17 -28.27 7.48
N3 6D2 O . -19.57 -26.68 6.73
ND 6D2 O . -12.07 -24.68 7.00
CG 6D2 O . -11.61 -25.13 5.65
CB 6D2 O . -12.00 -24.17 4.50
CA 6D2 O . -11.57 -24.61 3.06
C 6D2 O . -10.08 -24.67 2.91
O 6D2 O . -9.49 -25.83 2.79
N 6D2 O . -12.03 -25.89 2.74
C5' 6D2 O . -13.31 -25.42 7.37
C4' 6D2 O . -14.66 -24.82 6.84
C3' 6D2 O . -15.16 -23.66 7.60
C2' 6D2 O . -16.37 -24.13 8.35
O2' 6D2 O . -17.35 -23.16 8.44
C1' 6D2 O . -16.87 -25.32 7.51
N9 6D2 O . -17.65 -26.27 8.30
N7 6D2 O . -18.26 -27.73 9.80
O4' 6D2 O . -15.63 -25.94 7.01
O3' 6D2 O . -15.52 -22.64 6.62
N10 6D2 O . -7.55 -25.06 10.05
N11 6D2 O . -8.27 -25.38 12.38
N12 6D2 O . -9.55 -26.45 10.68
OXT 6D2 O . -9.42 -23.59 2.91
H112 6D2 O . -11.71 -26.05 9.65
H111 6D2 O . -11.59 -26.92 8.31
H102 6D2 O . -11.03 -24.19 8.60
H101 6D2 O . -10.17 -24.93 7.53
H21 6D2 O . -21.27 -27.27 5.77
H122 6D2 O . -9.09 -26.40 8.73
H121 6D2 O . -9.82 -27.76 9.21
H81 6D2 O . -16.50 -26.59 9.98
H61 6D2 O . -20.53 -30.26 9.60
H62 6D2 O . -21.53 -29.15 10.23
HG3 6D2 O . -10.63 -25.21 5.66
HG2 6D2 O . -11.98 -26.00 5.46
HB2 6D2 O . -12.98 -24.08 4.51
HB3 6D2 O . -11.63 -23.31 4.68
HA 6D2 O . -11.92 -23.98 2.44
H 6D2 O . -12.87 -26.01 3.09
H2 6D2 O . -12.06 -25.97 1.83
H5'1 6D2 O . -13.23 -26.37 7.01
H5'2 6D2 O . -13.35 -25.46 8.30
H4'1 6D2 O . -14.55 -24.58 5.90
H3'1 6D2 O . -14.47 -23.31 8.22
H2'1 6D2 O . -16.13 -24.42 9.22
H2'2 6D2 O . -17.66 -22.94 7.60
H1'1 6D2 O . -17.40 -25.02 6.76
H3'2 6D2 O . -15.96 -23.02 5.94
H104 6D2 O . -7.68 -25.22 9.19
H113 6D2 O . -7.56 -24.85 12.66
H123 6D2 O . -10.10 -26.80 11.35
C1 EDO P . -14.11 -21.37 17.43
O1 EDO P . -13.72 -20.18 18.10
C2 EDO P . -13.31 -21.44 16.13
O2 EDO P . -12.24 -22.34 16.25
H11 EDO P . -13.92 -22.14 17.98
H12 EDO P . -15.07 -21.33 17.23
HO1 EDO P . -13.39 -20.39 18.86
H21 EDO P . -13.90 -21.74 15.42
H22 EDO P . -12.97 -20.56 15.92
HO2 EDO P . -11.88 -22.46 15.48
C4 DXE Q . 3.44 -19.37 11.43
O2 DXE Q . 2.72 -20.34 10.73
C3 DXE Q . 2.85 -20.34 9.33
C2 DXE Q . 1.58 -19.79 8.66
O1 DXE Q . 1.86 -19.43 7.33
C1 DXE Q . 2.17 -18.07 7.08
H41 DXE Q . 3.24 -18.50 11.07
H42 DXE Q . 3.20 -19.41 12.37
H43 DXE Q . 4.39 -19.56 11.34
H31 DXE Q . 3.60 -19.77 9.09
H32 DXE Q . 3.02 -21.24 9.02
H21 DXE Q . 1.27 -19.01 9.16
H22 DXE Q . 0.90 -20.47 8.67
H11 DXE Q . 2.91 -17.80 7.65
H12 DXE Q . 2.41 -17.95 6.16
H13 DXE Q . 1.39 -17.52 7.29
C4 DXE R . -2.77 -25.28 -11.73
O2 DXE R . -1.57 -25.94 -11.42
C3 DXE R . -1.18 -26.91 -12.36
C2 DXE R . 0.03 -27.69 -11.81
O1 DXE R . 0.10 -28.98 -12.39
C1 DXE R . 0.89 -29.91 -11.70
H41 DXE R . -2.65 -24.74 -12.54
H42 DXE R . -3.47 -25.93 -11.88
H43 DXE R . -3.01 -24.70 -11.00
H31 DXE R . -0.93 -26.48 -13.19
H32 DXE R . -1.91 -27.52 -12.51
H21 DXE R . -0.04 -27.77 -10.84
H22 DXE R . 0.85 -27.21 -12.02
H11 DXE R . 1.81 -29.63 -11.71
H12 DXE R . 0.59 -29.98 -10.78
H13 DXE R . 0.81 -30.78 -12.13
C1 PEG S . 5.22 -38.45 6.91
O1 PEG S . 6.00 -37.33 6.59
C2 PEG S . 5.31 -39.39 5.72
O2 PEG S . 4.91 -40.66 6.15
C3 PEG S . 5.99 -41.54 6.37
C4 PEG S . 6.34 -42.23 5.04
O4 PEG S . 7.73 -42.31 4.98
H11 PEG S . 4.30 -38.18 7.04
H12 PEG S . 5.57 -38.88 7.70
HO1 PEG S . 5.75 -37.01 5.84
H21 PEG S . 4.72 -39.09 5.02
H22 PEG S . 6.22 -39.43 5.40
H31 PEG S . 6.75 -41.05 6.69
H32 PEG S . 5.73 -42.21 7.02
H41 PEG S . 6.00 -41.70 4.30
H42 PEG S . 5.95 -43.12 5.02
HO4 PEG S . 7.99 -42.18 4.17
C11 6D2 T . -14.57 -5.15 33.51
C10 6D2 T . -13.75 -6.04 34.54
C2 6D2 T . -22.94 -9.01 37.47
C6 6D2 T . -23.49 -7.99 35.45
C5 6D2 T . -22.13 -8.02 35.03
C4 6D2 T . -21.22 -8.56 35.88
C14 6D2 T . -12.22 -4.28 30.99
C12 6D2 T . -13.74 -4.02 32.96
C8 6D2 T . -20.15 -7.88 34.07
N6 6D2 T . -24.44 -7.43 34.59
N1 6D2 T . -23.86 -8.48 36.66
N3 6D2 T . -21.62 -9.05 37.11
ND 6D2 T . -14.55 -6.70 35.58
CG 6D2 T . -14.60 -5.93 36.80
CB 6D2 T . -13.52 -6.54 37.66
CA 6D2 T . -13.58 -6.23 39.17
C 6D2 T . -12.18 -6.56 39.59
O 6D2 T . -11.33 -5.61 39.77
N 6D2 T . -13.91 -4.91 39.56
C5' 6D2 T . -15.91 -6.92 35.18
C4' 6D2 T . -16.54 -8.07 36.08
C3' 6D2 T . -16.47 -9.39 35.43
C2' 6D2 T . -17.86 -9.70 34.92
O2' 6D2 T . -18.18 -11.05 34.94
C1' 6D2 T . -18.75 -8.89 35.86
N9 6D2 T . -19.99 -8.49 35.24
N7 6D2 T . -21.47 -7.59 33.92
O4' 6D2 T . -17.95 -7.69 36.19
O3' 6D2 T . -15.98 -10.28 36.46
N10 6D2 T . -11.02 -4.32 31.83
N11 6D2 T . -12.05 -4.38 29.66
N12 6D2 T . -13.52 -4.13 31.53
OXT 6D2 T . -11.89 -7.77 39.68
H112 6D2 T . -15.38 -4.78 33.98
H111 6D2 T . -14.86 -5.72 32.78
H102 6D2 T . -13.09 -5.48 34.97
H101 6D2 T . -13.30 -6.73 34.03
H21 6D2 T . -23.21 -9.36 38.32
H122 6D2 T . -14.20 -3.15 33.15
H121 6D2 T . -12.86 -4.02 33.40
H81 6D2 T . -19.43 -7.70 33.40
H61 6D2 T . -25.03 -6.79 34.90
H62 6D2 T . -24.49 -7.72 33.68
HG3 6D2 T . -14.38 -4.99 36.61
HG2 6D2 T . -15.48 -5.99 37.23
HB2 6D2 T . -13.54 -7.51 37.55
HB3 6D2 T . -12.68 -6.22 37.34
HA 6D2 T . -14.18 -6.82 39.60
H 6D2 T . -13.15 -4.37 39.47
H2 6D2 T . -14.19 -4.91 40.42
H5'1 6D2 T . -16.45 -6.07 35.29
H5'2 6D2 T . -15.93 -7.19 34.28
H4'1 6D2 T . -16.10 -8.08 36.95
H3'1 6D2 T . -15.82 -9.36 34.68
H2'1 6D2 T . -17.95 -9.37 34.03
H2'2 6D2 T . -18.36 -11.30 35.80
H1'1 6D2 T . -18.94 -9.39 36.67
H3'2 6D2 T . -16.45 -10.16 37.20
H104 6D2 T . -11.10 -4.26 32.72
H113 6D2 T . -11.20 -4.47 29.31
H123 6D2 T . -14.26 -4.11 30.95
C1 EDO U . -8.25 14.60 33.19
O1 EDO U . -8.10 15.66 34.09
C2 EDO U . -6.88 14.24 32.64
O2 EDO U . -6.17 13.51 33.60
H11 EDO U . -8.64 13.83 33.65
H12 EDO U . -8.83 14.87 32.47
HO1 EDO U . -8.83 16.12 34.12
H21 EDO U . -6.39 15.05 32.43
H22 EDO U . -6.97 13.71 31.84
HO2 EDO U . -5.50 13.14 33.23
C1 PEG V . -14.97 -11.67 25.27
O1 PEG V . -15.43 -12.99 25.38
C2 PEG V . -15.07 -11.05 26.66
O2 PEG V . -14.83 -9.67 26.58
C3 PEG V . -13.54 -9.27 26.17
C4 PEG V . -13.62 -7.79 25.82
O4 PEG V . -12.44 -7.46 25.15
H11 PEG V . -14.05 -11.67 24.97
H12 PEG V . -15.52 -11.17 24.65
HO1 PEG V . -16.27 -12.99 25.53
H21 PEG V . -15.95 -11.20 27.02
H22 PEG V . -14.41 -11.46 27.24
H31 PEG V . -13.28 -9.78 25.38
H32 PEG V . -12.91 -9.42 26.87
H41 PEG V . -13.69 -7.27 26.64
H42 PEG V . -14.38 -7.61 25.26
HO4 PEG V . -12.55 -7.58 24.31
#